data_4OJO
#
_entry.id   4OJO
#
_cell.length_a   123.411
_cell.length_b   152.881
_cell.length_c   171.713
_cell.angle_alpha   90.00
_cell.angle_beta   90.00
_cell.angle_gamma   90.00
#
_symmetry.space_group_name_H-M   'P 21 21 21'
#
loop_
_entity.id
_entity.type
_entity.pdbx_description
1 polymer 'Tailspike protein'
2 branched beta-D-galactopyranose-(1-4)-alpha-D-glucopyranose
3 non-polymer 'ZINC ION'
4 water water
#
_entity_poly.entity_id   1
_entity_poly.type   'polypeptide(L)'
_entity_poly.pdbx_seq_one_letter_code
;MNEMFSQGGKGSTGILTNKQAVARHFGVKQSEVVYFSVGVDLGGYKVIYDKETQRAYSLPVGIASGTTAVSLSTAAVLVH
SAGSVDLGSLAVSREEYVTLPGSFDSGSTLNVKNELLTYTDGKYRWDGILPKTVAPGSTPASTGGVGLGAWISVGDASLR
TQLANGDGSLIGIHPQGTLNNVLTVRTPEQYNAVGDGIADDTSKLKEMLSDINNVPETLPDAAAVNSYMEQVAVKIDLTK
LYRFTETLYIPPGVSIEIPTSNFFTRECKQGLFYDPVDKNTAAISLMVYRKQPDGSYKLNKDVDYYPTGLDIDNGDAITC
ARKIDINNLNLITAPGVKVGVKWIGGAGCTTKGLSIGENTGSDITTARLPRVGLLQSASWGSIHENLRILYKTQGAVFID
SNGGAAVNNAYISRLGNTNGELEQAVYKPAGFTEVGDVAVTQFAGSEVKFNSPIIEQASFDFVHAGRDTDSYGLFMVDKP
HIESSGGKKKHSFYLINTSSNVTLSGVGLSGQDPDLDSMYFLKNCPETARNVVRGQMPISGVKLVRGTGNYPTLVLDCTN
MGSQFQFGEVGDIFYIKDVVGVKADTLYIDPVNGNNYNWGTNGTKPIRELTNIAKICQLFRCKSVYLNAGESVITSNTEL
PMVVFEGPGSLKANSGSSFLIKAGGTLSLIGLSGISTDGGHMFRVSTVEKVNIHTNCSVNAGAAYVVLSEVQGNIEYRQL
FYSVNCSKYIGATAGQTIAGIMVKTATRPTGIDAAPVDGNVSLTYKIIESHHHHHH
;
_entity_poly.pdbx_strand_id   A,B,C
#
loop_
_chem_comp.id
_chem_comp.type
_chem_comp.name
_chem_comp.formula
GAL D-saccharide, beta linking beta-D-galactopyranose 'C6 H12 O6'
GLC D-saccharide, alpha linking alpha-D-glucopyranose 'C6 H12 O6'
ZN non-polymer 'ZINC ION' 'Zn 2'
#
# COMPACT_ATOMS: atom_id res chain seq x y z
N SER A 12 -30.46 35.72 79.03
CA SER A 12 -31.23 34.96 80.00
C SER A 12 -31.37 33.51 79.55
N THR A 13 -32.61 33.03 79.50
CA THR A 13 -32.88 31.67 79.05
C THR A 13 -32.80 31.69 77.53
N GLY A 14 -33.06 32.88 76.95
CA GLY A 14 -33.00 33.09 75.52
C GLY A 14 -31.64 32.68 74.98
N ILE A 15 -30.59 33.11 75.67
CA ILE A 15 -29.23 32.76 75.29
C ILE A 15 -29.03 31.26 75.33
N LEU A 16 -29.57 30.62 76.36
CA LEU A 16 -29.43 29.16 76.51
C LEU A 16 -30.16 28.37 75.44
N THR A 17 -31.42 28.72 75.18
CA THR A 17 -32.18 28.02 74.16
C THR A 17 -31.56 28.26 72.77
N ASN A 18 -30.97 29.43 72.56
CA ASN A 18 -30.34 29.71 71.27
C ASN A 18 -29.10 28.85 71.09
N LYS A 19 -28.29 28.77 72.15
CA LYS A 19 -27.07 27.96 72.12
C LYS A 19 -27.43 26.53 71.77
N GLN A 20 -28.58 26.10 72.28
CA GLN A 20 -29.10 24.76 72.05
C GLN A 20 -29.47 24.60 70.56
N ALA A 21 -30.14 25.61 70.01
CA ALA A 21 -30.52 25.58 68.60
C ALA A 21 -29.28 25.51 67.72
N VAL A 22 -28.31 26.37 68.01
CA VAL A 22 -27.04 26.41 67.29
C VAL A 22 -26.29 25.07 67.39
N ALA A 23 -26.19 24.54 68.61
CA ALA A 23 -25.51 23.28 68.85
C ALA A 23 -26.11 22.14 68.03
N ARG A 24 -27.43 22.00 68.06
CA ARG A 24 -28.12 20.96 67.32
C ARG A 24 -27.88 21.09 65.83
N HIS A 25 -27.76 22.32 65.36
CA HIS A 25 -27.51 22.55 63.94
C HIS A 25 -26.11 22.08 63.52
N PHE A 26 -25.09 22.35 64.35
CA PHE A 26 -23.72 21.95 64.02
C PHE A 26 -23.32 20.55 64.53
N GLY A 27 -24.13 19.98 65.41
CA GLY A 27 -23.84 18.67 65.95
C GLY A 27 -22.91 18.70 67.15
N VAL A 28 -22.71 19.88 67.70
CA VAL A 28 -21.83 20.02 68.88
C VAL A 28 -22.63 20.05 70.18
N LYS A 29 -21.95 20.31 71.29
CA LYS A 29 -22.61 20.39 72.60
C LYS A 29 -23.04 21.82 72.90
N GLN A 30 -24.08 21.96 73.72
CA GLN A 30 -24.57 23.29 74.11
C GLN A 30 -23.44 24.13 74.71
N SER A 31 -22.63 23.52 75.56
CA SER A 31 -21.53 24.25 76.19
C SER A 31 -20.45 24.63 75.20
N GLU A 32 -20.48 24.02 74.02
CA GLU A 32 -19.44 24.31 73.02
C GLU A 32 -19.74 25.52 72.16
N VAL A 33 -20.84 26.21 72.47
CA VAL A 33 -21.22 27.41 71.74
C VAL A 33 -20.95 28.67 72.59
N VAL A 34 -20.29 29.66 72.01
CA VAL A 34 -20.02 30.89 72.73
C VAL A 34 -20.52 32.10 71.94
N TYR A 35 -21.02 33.12 72.64
CA TYR A 35 -21.49 34.34 71.98
C TYR A 35 -20.32 35.28 71.88
N PHE A 36 -20.22 36.01 70.78
CA PHE A 36 -19.14 36.97 70.69
C PHE A 36 -19.44 38.21 71.53
N SER A 37 -18.40 38.74 72.16
CA SER A 37 -18.43 39.96 72.96
C SER A 37 -16.98 40.33 73.21
N VAL A 38 -16.66 41.62 73.14
CA VAL A 38 -15.29 42.07 73.37
C VAL A 38 -14.81 41.54 74.72
N GLY A 39 -13.69 40.83 74.70
CA GLY A 39 -13.11 40.29 75.92
C GLY A 39 -13.50 38.89 76.35
N VAL A 40 -14.46 38.27 75.67
CA VAL A 40 -14.90 36.92 76.04
C VAL A 40 -13.80 35.87 75.82
N ASP A 41 -13.72 34.89 76.70
CA ASP A 41 -12.73 33.84 76.59
C ASP A 41 -13.16 32.87 75.48
N LEU A 42 -12.32 32.68 74.48
CA LEU A 42 -12.64 31.82 73.35
C LEU A 42 -12.18 30.37 73.49
N GLY A 43 -11.32 30.10 74.47
CA GLY A 43 -10.78 28.76 74.68
C GLY A 43 -11.75 27.60 74.80
N GLY A 44 -11.49 26.54 74.05
CA GLY A 44 -12.30 25.33 74.09
C GLY A 44 -13.62 25.28 73.33
N TYR A 45 -14.16 26.44 72.96
CA TYR A 45 -15.42 26.50 72.24
C TYR A 45 -15.30 25.98 70.80
N LYS A 46 -16.37 25.34 70.30
CA LYS A 46 -16.34 24.80 68.93
C LYS A 46 -17.04 25.71 67.93
N VAL A 47 -18.06 26.43 68.41
CA VAL A 47 -18.83 27.34 67.55
C VAL A 47 -19.05 28.72 68.21
N ILE A 48 -19.00 29.78 67.42
CA ILE A 48 -19.22 31.14 67.92
C ILE A 48 -20.44 31.76 67.23
N TYR A 49 -21.25 32.46 68.03
CA TYR A 49 -22.47 33.09 67.54
C TYR A 49 -22.37 34.62 67.61
N ASP A 50 -22.66 35.27 66.50
CA ASP A 50 -22.65 36.72 66.39
C ASP A 50 -24.10 37.13 66.63
N LYS A 51 -24.41 37.67 67.80
CA LYS A 51 -25.79 38.04 68.09
C LYS A 51 -26.35 39.20 67.26
N GLU A 52 -25.47 40.02 66.69
CA GLU A 52 -25.93 41.15 65.88
C GLU A 52 -26.37 40.69 64.49
N THR A 53 -25.56 39.87 63.84
CA THR A 53 -25.92 39.36 62.52
C THR A 53 -26.79 38.12 62.64
N GLN A 54 -26.74 37.49 63.81
CA GLN A 54 -27.47 36.25 64.09
C GLN A 54 -26.97 35.07 63.26
N ARG A 55 -25.66 35.07 63.00
CA ARG A 55 -24.99 34.01 62.27
C ARG A 55 -24.03 33.25 63.18
N ALA A 56 -23.92 31.94 62.98
CA ALA A 56 -23.02 31.11 63.76
C ALA A 56 -21.86 30.59 62.89
N TYR A 57 -20.69 30.39 63.50
CA TYR A 57 -19.52 29.91 62.78
C TYR A 57 -18.68 28.94 63.60
N SER A 58 -18.20 27.88 62.95
CA SER A 58 -17.32 26.93 63.61
C SER A 58 -16.02 27.68 63.85
N LEU A 59 -15.41 27.44 65.01
CA LEU A 59 -14.17 28.07 65.37
C LEU A 59 -13.00 27.13 65.06
N PRO A 60 -11.85 27.68 64.68
CA PRO A 60 -10.74 26.76 64.42
C PRO A 60 -10.32 26.08 65.71
N VAL A 61 -9.76 24.88 65.57
CA VAL A 61 -9.29 24.10 66.71
C VAL A 61 -7.87 24.60 67.03
N GLY A 62 -7.64 24.93 68.29
CA GLY A 62 -6.33 25.42 68.72
C GLY A 62 -6.32 26.71 69.54
N ILE A 63 -7.48 27.33 69.72
CA ILE A 63 -7.56 28.56 70.50
C ILE A 63 -7.32 28.19 71.96
N ALA A 64 -6.21 28.66 72.50
CA ALA A 64 -5.85 28.37 73.88
C ALA A 64 -6.76 29.06 74.90
N SER A 65 -6.92 28.43 76.06
CA SER A 65 -7.73 29.00 77.11
C SER A 65 -7.08 30.32 77.54
N GLY A 66 -7.88 31.35 77.74
CA GLY A 66 -7.34 32.65 78.12
C GLY A 66 -7.28 33.59 76.93
N THR A 67 -7.42 33.04 75.73
CA THR A 67 -7.43 33.87 74.54
C THR A 67 -8.78 34.56 74.55
N THR A 68 -8.78 35.89 74.43
CA THR A 68 -10.03 36.63 74.48
C THR A 68 -10.39 37.30 73.14
N ALA A 69 -11.69 37.49 72.91
CA ALA A 69 -12.16 38.12 71.67
C ALA A 69 -11.89 39.61 71.59
N VAL A 70 -11.44 40.06 70.44
CA VAL A 70 -11.18 41.49 70.22
C VAL A 70 -12.26 42.09 69.33
N SER A 71 -12.51 41.48 68.19
CA SER A 71 -13.52 41.98 67.25
C SER A 71 -13.97 40.91 66.25
N LEU A 72 -15.18 41.11 65.72
CA LEU A 72 -15.79 40.19 64.76
C LEU A 72 -16.46 41.02 63.65
N SER A 73 -15.85 41.05 62.48
CA SER A 73 -16.38 41.83 61.36
C SER A 73 -17.65 41.21 60.77
N THR A 74 -18.35 42.00 59.96
CA THR A 74 -19.57 41.54 59.33
C THR A 74 -19.22 40.50 58.25
N ALA A 75 -17.93 40.41 57.91
CA ALA A 75 -17.47 39.41 56.96
C ALA A 75 -16.92 38.23 57.76
N ALA A 76 -17.27 38.19 59.04
CA ALA A 76 -16.86 37.12 59.95
C ALA A 76 -15.35 36.98 60.18
N VAL A 77 -14.61 38.09 60.13
CA VAL A 77 -13.19 38.01 60.45
C VAL A 77 -13.11 38.20 61.95
N LEU A 78 -12.58 37.20 62.65
CA LEU A 78 -12.46 37.26 64.10
C LEU A 78 -11.04 37.57 64.53
N VAL A 79 -10.89 38.59 65.36
CA VAL A 79 -9.58 38.96 65.89
C VAL A 79 -9.63 38.63 67.39
N HIS A 80 -8.58 37.98 67.90
CA HIS A 80 -8.51 37.66 69.33
C HIS A 80 -7.12 38.02 69.86
N SER A 81 -6.91 37.85 71.16
CA SER A 81 -5.62 38.20 71.75
C SER A 81 -4.41 37.46 71.18
N ALA A 82 -4.64 36.25 70.66
CA ALA A 82 -3.56 35.44 70.10
C ALA A 82 -3.33 35.61 68.59
N GLY A 83 -4.22 36.33 67.91
CA GLY A 83 -4.09 36.51 66.47
C GLY A 83 -5.43 36.69 65.78
N SER A 84 -5.52 36.27 64.51
CA SER A 84 -6.73 36.45 63.71
C SER A 84 -7.14 35.21 62.90
N VAL A 85 -8.40 35.18 62.43
CA VAL A 85 -8.92 34.04 61.65
C VAL A 85 -10.18 34.38 60.85
N ASP A 86 -10.18 34.00 59.57
CA ASP A 86 -11.34 34.25 58.73
C ASP A 86 -12.33 33.10 58.88
N LEU A 87 -13.37 33.32 59.67
CA LEU A 87 -14.41 32.31 59.91
C LEU A 87 -15.20 32.02 58.65
N GLY A 88 -15.23 32.98 57.71
CA GLY A 88 -15.93 32.80 56.46
C GLY A 88 -15.24 31.77 55.59
N SER A 89 -13.93 31.89 55.45
CA SER A 89 -13.14 30.95 54.66
C SER A 89 -13.18 29.58 55.31
N LEU A 90 -13.10 29.57 56.63
CA LEU A 90 -13.15 28.32 57.38
C LEU A 90 -14.49 27.63 57.12
N ALA A 91 -15.57 28.41 57.14
CA ALA A 91 -16.91 27.89 56.90
C ALA A 91 -16.99 27.28 55.50
N VAL A 92 -16.41 27.96 54.52
CA VAL A 92 -16.42 27.45 53.17
C VAL A 92 -15.75 26.08 53.10
N SER A 93 -14.56 25.96 53.68
CA SER A 93 -13.80 24.70 53.68
C SER A 93 -14.59 23.58 54.32
N ARG A 94 -15.48 23.93 55.24
CA ARG A 94 -16.29 22.95 55.94
C ARG A 94 -17.69 22.77 55.34
N GLU A 95 -17.95 23.40 54.20
CA GLU A 95 -19.28 23.32 53.57
C GLU A 95 -20.41 23.71 54.52
N GLU A 96 -20.16 24.67 55.39
CA GLU A 96 -21.19 25.16 56.32
C GLU A 96 -21.61 26.49 55.72
N TYR A 97 -22.70 26.44 54.95
CA TYR A 97 -23.19 27.57 54.20
C TYR A 97 -24.56 28.12 54.58
N VAL A 98 -24.76 29.40 54.27
CA VAL A 98 -26.04 30.05 54.47
C VAL A 98 -26.55 30.38 53.06
N THR A 99 -27.73 29.90 52.72
CA THR A 99 -28.30 30.20 51.40
C THR A 99 -29.22 31.40 51.59
N LEU A 100 -28.78 32.54 51.07
CA LEU A 100 -29.54 33.79 51.20
C LEU A 100 -30.90 33.71 50.54
N PRO A 101 -31.86 34.50 51.04
CA PRO A 101 -33.18 34.56 50.42
C PRO A 101 -33.04 35.12 49.01
N GLY A 102 -34.00 34.84 48.14
CA GLY A 102 -33.91 35.39 46.80
C GLY A 102 -32.98 34.70 45.84
N SER A 103 -32.48 35.46 44.87
CA SER A 103 -31.65 34.90 43.81
C SER A 103 -30.94 35.98 43.00
N PHE A 104 -30.21 35.55 41.96
CA PHE A 104 -29.53 36.48 41.08
C PHE A 104 -30.58 37.34 40.39
N ASP A 105 -31.73 36.73 40.11
CA ASP A 105 -32.80 37.46 39.47
C ASP A 105 -33.36 38.56 40.36
N SER A 106 -33.58 38.25 41.64
CA SER A 106 -34.11 39.24 42.56
C SER A 106 -33.04 40.24 43.02
N GLY A 107 -31.79 39.80 43.02
CA GLY A 107 -30.71 40.64 43.48
C GLY A 107 -30.54 40.37 44.97
N SER A 108 -29.40 40.77 45.52
CA SER A 108 -29.09 40.54 46.93
C SER A 108 -27.77 41.23 47.28
N THR A 109 -27.39 41.21 48.54
CA THR A 109 -26.09 41.75 48.94
C THR A 109 -25.40 40.69 49.77
N LEU A 110 -24.18 40.31 49.37
CA LEU A 110 -23.43 39.30 50.10
C LEU A 110 -22.37 39.96 50.99
N ASN A 111 -22.22 39.44 52.20
CA ASN A 111 -21.26 39.97 53.16
C ASN A 111 -20.26 38.95 53.66
N VAL A 112 -20.56 37.67 53.48
CA VAL A 112 -19.69 36.61 54.00
C VAL A 112 -19.34 35.57 52.93
N LYS A 113 -18.13 35.02 53.01
CA LYS A 113 -17.68 34.02 52.05
C LYS A 113 -18.54 32.75 52.04
N ASN A 114 -19.23 32.49 53.15
CA ASN A 114 -20.06 31.29 53.24
C ASN A 114 -21.51 31.54 52.86
N GLU A 115 -21.78 32.66 52.21
CA GLU A 115 -23.14 32.94 51.76
C GLU A 115 -23.30 32.47 50.32
N LEU A 116 -24.42 31.79 50.03
CA LEU A 116 -24.70 31.30 48.69
C LEU A 116 -25.88 32.04 48.08
N LEU A 117 -25.80 32.32 46.79
CA LEU A 117 -26.90 32.96 46.07
C LEU A 117 -27.39 31.99 44.98
N THR A 118 -28.69 31.76 44.98
CA THR A 118 -29.28 30.83 44.04
C THR A 118 -29.52 31.38 42.65
N TYR A 119 -29.07 30.61 41.64
CA TYR A 119 -29.30 30.96 40.24
C TYR A 119 -30.13 29.83 39.69
N THR A 120 -30.66 29.98 38.48
CA THR A 120 -31.51 28.94 37.92
C THR A 120 -30.83 27.59 37.71
N ASP A 121 -29.50 27.56 37.66
CA ASP A 121 -28.80 26.28 37.46
C ASP A 121 -28.03 25.76 38.69
N GLY A 122 -28.31 26.35 39.86
CA GLY A 122 -27.63 25.94 41.08
C GLY A 122 -27.09 27.15 41.84
N LYS A 123 -26.35 26.88 42.92
CA LYS A 123 -25.81 27.91 43.80
C LYS A 123 -24.37 28.36 43.54
N TYR A 124 -24.05 29.56 44.01
CA TYR A 124 -22.73 30.15 43.83
C TYR A 124 -22.28 30.94 45.05
N ARG A 125 -20.99 30.89 45.37
CA ARG A 125 -20.43 31.69 46.45
C ARG A 125 -19.55 32.76 45.78
N TRP A 126 -19.34 33.89 46.46
CA TRP A 126 -18.52 34.96 45.89
C TRP A 126 -17.11 34.90 46.45
N ASP A 127 -16.12 34.71 45.58
CA ASP A 127 -14.72 34.61 45.98
C ASP A 127 -13.93 35.91 45.78
N GLY A 128 -14.64 37.01 45.57
CA GLY A 128 -14.00 38.29 45.38
C GLY A 128 -14.11 39.24 46.56
N ILE A 129 -14.08 40.53 46.28
CA ILE A 129 -14.18 41.56 47.32
C ILE A 129 -15.57 41.59 47.94
N LEU A 130 -15.62 41.64 49.26
CA LEU A 130 -16.88 41.72 50.00
C LEU A 130 -16.94 43.09 50.69
N PRO A 131 -18.14 43.68 50.84
CA PRO A 131 -19.43 43.13 50.40
C PRO A 131 -19.63 43.13 48.88
N LYS A 132 -20.56 42.30 48.40
CA LYS A 132 -20.82 42.21 46.98
C LYS A 132 -22.31 42.44 46.73
N THR A 133 -22.61 43.47 45.96
CA THR A 133 -23.99 43.81 45.64
C THR A 133 -24.34 43.18 44.31
N VAL A 134 -25.50 42.54 44.26
CA VAL A 134 -25.99 41.91 43.05
C VAL A 134 -27.31 42.59 42.69
N ALA A 135 -27.32 43.29 41.57
CA ALA A 135 -28.52 43.99 41.12
C ALA A 135 -29.60 43.02 40.65
N PRO A 136 -30.87 43.44 40.71
CA PRO A 136 -31.93 42.54 40.21
C PRO A 136 -31.70 42.21 38.73
N GLY A 137 -32.17 41.05 38.29
CA GLY A 137 -32.00 40.63 36.91
C GLY A 137 -30.59 40.20 36.55
N SER A 138 -29.75 39.98 37.55
CA SER A 138 -28.36 39.57 37.31
C SER A 138 -28.19 38.10 36.98
N THR A 139 -26.95 37.75 36.64
CA THR A 139 -26.54 36.37 36.35
C THR A 139 -25.09 36.33 36.81
N PRO A 140 -24.54 35.14 37.03
CA PRO A 140 -23.13 35.19 37.47
C PRO A 140 -22.24 35.82 36.39
N ALA A 141 -22.58 35.61 35.12
CA ALA A 141 -21.80 36.15 34.01
C ALA A 141 -21.83 37.68 33.93
N SER A 142 -22.96 38.27 34.28
CA SER A 142 -23.10 39.72 34.21
C SER A 142 -22.62 40.41 35.48
N THR A 143 -22.17 39.63 36.46
CA THR A 143 -21.73 40.22 37.73
C THR A 143 -20.34 39.78 38.17
N GLY A 144 -19.45 39.57 37.19
CA GLY A 144 -18.08 39.18 37.49
C GLY A 144 -17.59 37.90 36.86
N GLY A 145 -18.50 37.08 36.35
CA GLY A 145 -18.12 35.82 35.75
C GLY A 145 -17.77 34.77 36.78
N VAL A 146 -17.43 33.56 36.32
CA VAL A 146 -17.09 32.48 37.23
C VAL A 146 -15.57 32.23 37.29
N GLY A 147 -15.11 31.62 38.38
CA GLY A 147 -13.70 31.34 38.52
C GLY A 147 -13.07 31.95 39.75
N LEU A 148 -11.79 31.65 39.95
CA LEU A 148 -11.03 32.15 41.10
C LEU A 148 -11.20 33.66 41.19
N GLY A 149 -11.49 34.16 42.39
CA GLY A 149 -11.69 35.58 42.59
C GLY A 149 -13.07 36.10 42.21
N ALA A 150 -13.94 35.25 41.71
CA ALA A 150 -15.28 35.67 41.31
C ALA A 150 -16.34 34.73 41.87
N TRP A 151 -17.28 34.32 41.03
CA TRP A 151 -18.33 33.39 41.44
C TRP A 151 -17.82 31.97 41.33
N ILE A 152 -18.07 31.15 42.36
CA ILE A 152 -17.65 29.76 42.36
C ILE A 152 -18.89 28.88 42.56
N SER A 153 -19.10 27.90 41.68
CA SER A 153 -20.27 27.01 41.80
C SER A 153 -20.16 26.16 43.07
N VAL A 154 -21.28 26.02 43.79
CA VAL A 154 -21.31 25.20 45.00
C VAL A 154 -22.53 24.29 45.05
N GLY A 155 -22.35 23.07 45.56
CA GLY A 155 -23.48 22.18 45.76
C GLY A 155 -23.82 21.21 44.66
N ASP A 156 -24.61 20.21 45.04
CA ASP A 156 -25.00 19.16 44.12
C ASP A 156 -25.78 19.63 42.89
N ALA A 157 -26.74 20.52 43.08
CA ALA A 157 -27.52 21.00 41.94
C ALA A 157 -26.64 21.67 40.89
N SER A 158 -25.73 22.54 41.31
CA SER A 158 -24.88 23.18 40.32
C SER A 158 -23.88 22.19 39.71
N LEU A 159 -23.53 21.14 40.44
CA LEU A 159 -22.60 20.15 39.90
C LEU A 159 -23.27 19.39 38.76
N ARG A 160 -24.55 19.05 38.95
CA ARG A 160 -25.27 18.31 37.91
C ARG A 160 -25.36 19.14 36.64
N THR A 161 -25.77 20.40 36.77
CA THR A 161 -25.91 21.29 35.62
C THR A 161 -24.56 21.58 34.93
N GLN A 162 -23.50 21.69 35.73
CA GLN A 162 -22.18 21.93 35.17
C GLN A 162 -21.71 20.72 34.35
N LEU A 163 -21.91 19.52 34.91
CA LEU A 163 -21.53 18.30 34.22
C LEU A 163 -22.35 18.16 32.96
N ALA A 164 -23.65 18.44 33.06
CA ALA A 164 -24.54 18.34 31.91
C ALA A 164 -24.22 19.30 30.76
N ASN A 165 -23.87 20.53 31.08
CA ASN A 165 -23.61 21.53 30.06
C ASN A 165 -22.14 21.79 29.79
N GLY A 166 -21.26 20.96 30.35
CA GLY A 166 -19.84 21.19 30.19
C GLY A 166 -19.23 20.51 28.97
N ASP A 167 -17.90 20.39 28.99
CA ASP A 167 -17.20 19.76 27.88
C ASP A 167 -16.36 18.61 28.38
N GLY A 168 -16.48 18.32 29.66
CA GLY A 168 -15.76 17.23 30.28
C GLY A 168 -14.56 17.65 31.11
N SER A 169 -14.36 18.97 31.21
CA SER A 169 -13.23 19.50 31.96
C SER A 169 -13.26 19.24 33.46
N LEU A 170 -14.37 18.73 33.98
CA LEU A 170 -14.46 18.42 35.41
C LEU A 170 -14.05 16.99 35.70
N ILE A 171 -13.77 16.25 34.64
CA ILE A 171 -13.40 14.83 34.76
C ILE A 171 -11.91 14.59 34.52
N GLY A 172 -11.16 14.32 35.59
CA GLY A 172 -9.74 14.06 35.44
C GLY A 172 -9.50 12.71 34.76
N ILE A 173 -8.41 12.60 34.01
CA ILE A 173 -8.04 11.36 33.33
C ILE A 173 -6.54 11.06 33.49
N HIS A 174 -6.12 9.85 33.18
CA HIS A 174 -4.70 9.52 33.30
C HIS A 174 -3.92 9.74 31.99
N PRO A 175 -2.61 10.02 32.09
CA PRO A 175 -1.82 10.14 33.33
C PRO A 175 -2.11 11.43 34.06
N GLN A 176 -2.58 12.42 33.32
CA GLN A 176 -2.94 13.71 33.87
C GLN A 176 -3.84 14.40 32.87
N GLY A 177 -4.38 15.55 33.25
CA GLY A 177 -5.28 16.30 32.37
C GLY A 177 -6.74 15.96 32.60
N THR A 178 -7.60 16.46 31.72
CA THR A 178 -9.03 16.19 31.85
C THR A 178 -9.64 15.63 30.56
N LEU A 179 -10.82 15.01 30.71
CA LEU A 179 -11.55 14.40 29.61
C LEU A 179 -11.65 15.21 28.32
N ASN A 180 -11.93 16.51 28.44
CA ASN A 180 -12.04 17.36 27.25
C ASN A 180 -10.73 17.39 26.45
N ASN A 181 -9.61 17.04 27.09
CA ASN A 181 -8.33 17.05 26.38
C ASN A 181 -8.19 15.92 25.38
N VAL A 182 -8.91 14.83 25.58
CA VAL A 182 -8.79 13.68 24.68
C VAL A 182 -10.01 13.34 23.81
N LEU A 183 -11.06 14.14 23.87
CA LEU A 183 -12.24 13.89 23.03
C LEU A 183 -12.13 14.73 21.78
N THR A 184 -11.77 14.09 20.67
CA THR A 184 -11.56 14.80 19.41
C THR A 184 -12.40 14.30 18.24
N VAL A 185 -13.02 13.14 18.38
CA VAL A 185 -13.81 12.57 17.29
C VAL A 185 -15.28 12.96 17.38
N ARG A 186 -15.91 13.22 16.23
CA ARG A 186 -17.33 13.57 16.19
C ARG A 186 -18.18 12.41 15.69
N THR A 187 -19.44 12.39 16.11
CA THR A 187 -20.39 11.37 15.65
C THR A 187 -21.71 12.05 15.35
N PRO A 188 -22.55 11.42 14.50
CA PRO A 188 -23.85 12.01 14.22
C PRO A 188 -24.75 11.99 15.45
N GLU A 189 -24.43 11.12 16.41
CA GLU A 189 -25.19 10.98 17.64
C GLU A 189 -25.13 12.25 18.48
N GLN A 190 -24.08 13.05 18.33
CA GLN A 190 -23.97 14.31 19.05
C GLN A 190 -25.03 15.27 18.57
N TYR A 191 -25.53 14.99 17.37
CA TYR A 191 -26.55 15.80 16.74
C TYR A 191 -27.92 15.13 16.77
N ASN A 192 -28.03 14.07 17.56
CA ASN A 192 -29.29 13.33 17.72
C ASN A 192 -29.79 12.69 16.42
N ALA A 193 -28.86 12.17 15.63
CA ALA A 193 -29.23 11.49 14.41
C ALA A 193 -29.86 10.20 14.87
N VAL A 194 -30.94 9.80 14.20
CA VAL A 194 -31.64 8.58 14.55
C VAL A 194 -30.81 7.33 14.23
N GLY A 195 -30.12 7.36 13.09
CA GLY A 195 -29.28 6.23 12.71
C GLY A 195 -29.94 4.89 12.43
N ASP A 196 -31.20 4.89 12.01
CA ASP A 196 -31.88 3.63 11.71
C ASP A 196 -32.06 3.37 10.22
N GLY A 197 -31.61 4.33 9.40
CA GLY A 197 -31.71 4.20 7.96
C GLY A 197 -33.13 4.37 7.45
N ILE A 198 -33.98 4.93 8.29
CA ILE A 198 -35.39 5.17 7.96
C ILE A 198 -35.68 6.65 8.09
N ALA A 199 -35.35 7.20 9.26
CA ALA A 199 -35.55 8.60 9.52
C ALA A 199 -34.61 9.42 8.65
N ASP A 200 -35.04 10.62 8.29
CA ASP A 200 -34.21 11.49 7.46
C ASP A 200 -33.18 12.20 8.33
N ASP A 201 -31.95 11.70 8.32
CA ASP A 201 -30.88 12.29 9.12
C ASP A 201 -30.07 13.39 8.42
N THR A 202 -30.54 13.82 7.25
CA THR A 202 -29.83 14.82 6.44
C THR A 202 -29.39 16.08 7.17
N SER A 203 -30.31 16.74 7.85
CA SER A 203 -30.00 17.98 8.56
C SER A 203 -28.94 17.77 9.65
N LYS A 204 -28.99 16.62 10.30
CA LYS A 204 -28.02 16.28 11.33
C LYS A 204 -26.63 16.12 10.72
N LEU A 205 -26.54 15.37 9.63
CA LEU A 205 -25.27 15.13 8.97
C LEU A 205 -24.66 16.43 8.48
N LYS A 206 -25.50 17.30 7.91
CA LYS A 206 -25.04 18.58 7.39
C LYS A 206 -24.56 19.52 8.49
N GLU A 207 -25.21 19.47 9.65
CA GLU A 207 -24.80 20.32 10.75
C GLU A 207 -23.46 19.81 11.32
N MET A 208 -23.32 18.48 11.33
CA MET A 208 -22.09 17.85 11.81
C MET A 208 -20.92 18.32 10.95
N LEU A 209 -21.12 18.32 9.63
CA LEU A 209 -20.09 18.76 8.71
C LEU A 209 -19.90 20.26 8.81
N SER A 210 -21.00 21.00 8.90
CA SER A 210 -20.91 22.45 9.00
C SER A 210 -20.13 22.90 10.24
N ASP A 211 -20.28 22.17 11.34
CA ASP A 211 -19.56 22.50 12.56
C ASP A 211 -18.06 22.26 12.41
N ILE A 212 -17.68 21.49 11.40
CA ILE A 212 -16.27 21.22 11.16
C ILE A 212 -15.67 22.30 10.25
N ASN A 213 -16.32 22.53 9.12
CA ASN A 213 -15.87 23.49 8.14
C ASN A 213 -17.10 23.94 7.37
N ASN A 214 -17.62 25.11 7.74
CA ASN A 214 -18.82 25.66 7.12
C ASN A 214 -18.44 26.59 5.98
N VAL A 215 -18.51 26.07 4.76
CA VAL A 215 -18.11 26.88 3.61
C VAL A 215 -19.32 27.30 2.76
N PRO A 216 -19.53 28.62 2.62
CA PRO A 216 -20.64 29.22 1.88
C PRO A 216 -20.70 28.76 0.44
N GLU A 217 -21.91 28.54 -0.05
CA GLU A 217 -22.12 28.07 -1.41
C GLU A 217 -21.74 29.09 -2.48
N THR A 218 -21.69 30.36 -2.09
CA THR A 218 -21.30 31.45 -3.00
C THR A 218 -20.16 32.20 -2.32
N LEU A 219 -19.11 32.52 -3.06
CA LEU A 219 -17.95 33.23 -2.50
C LEU A 219 -17.45 34.30 -3.47
N PRO A 220 -16.89 35.40 -2.93
CA PRO A 220 -16.39 36.54 -3.70
C PRO A 220 -15.33 36.25 -4.75
N ASP A 221 -14.17 35.72 -4.33
CA ASP A 221 -13.09 35.44 -5.26
C ASP A 221 -12.31 34.16 -4.94
N ALA A 222 -11.15 34.03 -5.58
CA ALA A 222 -10.28 32.87 -5.39
C ALA A 222 -9.71 32.78 -3.97
N ALA A 223 -9.28 33.91 -3.42
CA ALA A 223 -8.72 33.91 -2.07
C ALA A 223 -9.76 33.40 -1.09
N ALA A 224 -11.02 33.71 -1.38
CA ALA A 224 -12.11 33.30 -0.52
C ALA A 224 -12.26 31.79 -0.52
N VAL A 225 -12.34 31.21 -1.72
CA VAL A 225 -12.49 29.78 -1.89
C VAL A 225 -11.32 29.01 -1.31
N ASN A 226 -10.11 29.45 -1.62
CA ASN A 226 -8.90 28.79 -1.16
C ASN A 226 -8.73 28.85 0.36
N SER A 227 -9.27 29.88 0.99
CA SER A 227 -9.12 30.02 2.44
C SER A 227 -9.72 28.85 3.23
N TYR A 228 -10.75 28.21 2.68
CA TYR A 228 -11.39 27.10 3.38
C TYR A 228 -10.57 25.80 3.41
N MET A 229 -9.51 25.75 2.62
CA MET A 229 -8.66 24.56 2.63
C MET A 229 -7.61 24.70 3.73
N GLU A 230 -7.67 25.82 4.46
CA GLU A 230 -6.72 26.09 5.51
C GLU A 230 -7.32 26.10 6.92
N GLN A 231 -8.24 25.18 7.19
CA GLN A 231 -8.86 25.12 8.52
C GLN A 231 -8.53 23.83 9.27
N VAL A 232 -8.85 23.79 10.56
CA VAL A 232 -8.58 22.59 11.36
C VAL A 232 -9.39 21.39 10.84
N ALA A 233 -8.73 20.24 10.69
CA ALA A 233 -9.38 19.03 10.22
C ALA A 233 -9.91 18.22 11.39
N VAL A 234 -11.03 17.55 11.17
CA VAL A 234 -11.68 16.76 12.22
C VAL A 234 -12.12 15.37 11.75
N LYS A 235 -11.98 14.38 12.61
CA LYS A 235 -12.37 13.00 12.29
C LYS A 235 -13.81 12.73 12.71
N ILE A 236 -14.53 12.04 11.84
CA ILE A 236 -15.93 11.66 12.09
C ILE A 236 -16.04 10.15 12.12
N ASP A 237 -16.75 9.61 13.10
CA ASP A 237 -16.92 8.17 13.22
C ASP A 237 -18.39 7.84 12.94
N LEU A 238 -18.65 7.02 11.92
CA LEU A 238 -20.03 6.64 11.59
C LEU A 238 -20.23 5.21 12.01
N THR A 239 -21.00 5.00 13.08
CA THR A 239 -21.19 3.64 13.59
C THR A 239 -22.59 3.06 13.41
N LYS A 240 -23.53 3.88 12.92
CA LYS A 240 -24.90 3.41 12.66
C LYS A 240 -25.23 3.65 11.19
N LEU A 241 -26.51 3.60 10.82
CA LEU A 241 -26.93 3.77 9.42
C LEU A 241 -27.71 5.05 9.24
N TYR A 242 -27.20 5.96 8.42
CA TYR A 242 -27.86 7.25 8.24
C TYR A 242 -28.47 7.49 6.87
N ARG A 243 -29.80 7.54 6.83
CA ARG A 243 -30.52 7.82 5.60
C ARG A 243 -30.52 9.32 5.35
N PHE A 244 -30.15 9.74 4.14
CA PHE A 244 -30.16 11.17 3.82
C PHE A 244 -30.79 11.36 2.44
N THR A 245 -31.28 12.57 2.17
CA THR A 245 -32.03 12.82 0.93
C THR A 245 -31.54 13.93 0.01
N GLU A 246 -30.39 14.50 0.31
CA GLU A 246 -29.83 15.56 -0.52
C GLU A 246 -28.33 15.31 -0.59
N THR A 247 -27.73 15.64 -1.72
CA THR A 247 -26.29 15.46 -1.92
C THR A 247 -25.45 16.09 -0.81
N LEU A 248 -24.59 15.28 -0.20
CA LEU A 248 -23.70 15.76 0.85
C LEU A 248 -22.40 16.26 0.27
N TYR A 249 -22.05 17.51 0.58
CA TYR A 249 -20.82 18.11 0.10
C TYR A 249 -19.77 18.13 1.20
N ILE A 250 -18.79 17.24 1.07
CA ILE A 250 -17.72 17.13 2.04
C ILE A 250 -16.78 18.32 1.90
N PRO A 251 -16.64 19.12 2.97
CA PRO A 251 -15.73 20.28 2.89
C PRO A 251 -14.32 19.81 3.20
N PRO A 252 -13.31 20.65 2.94
CA PRO A 252 -11.94 20.25 3.25
C PRO A 252 -11.70 20.01 4.73
N GLY A 253 -10.71 19.19 5.07
CA GLY A 253 -10.38 18.93 6.47
C GLY A 253 -11.33 17.99 7.16
N VAL A 254 -11.73 16.93 6.48
CA VAL A 254 -12.63 15.95 7.06
C VAL A 254 -12.09 14.53 6.89
N SER A 255 -12.09 13.79 8.00
CA SER A 255 -11.67 12.40 7.97
C SER A 255 -12.91 11.60 8.38
N ILE A 256 -13.29 10.63 7.55
CA ILE A 256 -14.46 9.80 7.84
C ILE A 256 -14.01 8.38 8.13
N GLU A 257 -14.55 7.83 9.21
CA GLU A 257 -14.18 6.52 9.70
C GLU A 257 -15.39 5.61 10.03
N ILE A 258 -15.25 4.30 9.79
CA ILE A 258 -16.27 3.28 10.11
C ILE A 258 -15.45 2.04 10.50
N PRO A 259 -15.89 1.28 11.52
CA PRO A 259 -15.12 0.11 11.97
C PRO A 259 -14.65 -0.83 10.86
N THR A 260 -15.55 -1.26 9.98
CA THR A 260 -15.15 -2.14 8.88
C THR A 260 -15.83 -1.73 7.59
N SER A 261 -15.31 -2.23 6.48
CA SER A 261 -15.84 -1.91 5.17
C SER A 261 -16.76 -3.02 4.68
N ASN A 262 -17.82 -2.65 3.98
CA ASN A 262 -18.74 -3.66 3.43
C ASN A 262 -18.07 -4.43 2.30
N PHE A 263 -18.48 -5.67 2.12
CA PHE A 263 -17.97 -6.51 1.05
C PHE A 263 -19.14 -7.36 0.56
N PHE A 264 -19.77 -6.94 -0.53
CA PHE A 264 -20.90 -7.67 -1.09
C PHE A 264 -21.94 -7.90 -0.02
N THR A 265 -22.19 -6.90 0.82
CA THR A 265 -23.15 -7.10 1.91
C THR A 265 -24.61 -6.93 1.52
N ARG A 266 -25.41 -7.90 1.95
CA ARG A 266 -26.84 -7.95 1.66
C ARG A 266 -27.63 -6.83 2.32
N GLU A 267 -27.31 -6.54 3.58
CA GLU A 267 -28.03 -5.51 4.31
C GLU A 267 -27.04 -4.56 4.98
N CYS A 268 -26.90 -3.37 4.42
CA CYS A 268 -25.99 -2.39 4.99
C CYS A 268 -26.48 -1.99 6.37
N LYS A 269 -25.59 -2.09 7.36
CA LYS A 269 -25.96 -1.75 8.73
C LYS A 269 -25.22 -0.51 9.24
N GLN A 270 -24.13 -0.13 8.58
CA GLN A 270 -23.36 1.05 9.00
C GLN A 270 -22.92 1.91 7.82
N GLY A 271 -23.19 3.20 7.89
CA GLY A 271 -22.78 4.10 6.83
C GLY A 271 -23.87 5.06 6.40
N LEU A 272 -23.84 5.41 5.11
CA LEU A 272 -24.79 6.37 4.55
C LEU A 272 -25.72 5.75 3.49
N PHE A 273 -27.00 6.09 3.56
CA PHE A 273 -27.99 5.59 2.60
C PHE A 273 -28.62 6.80 1.92
N TYR A 274 -28.33 6.95 0.62
CA TYR A 274 -28.85 8.07 -0.13
C TYR A 274 -30.19 7.71 -0.75
N ASP A 275 -31.23 8.45 -0.37
CA ASP A 275 -32.59 8.17 -0.83
C ASP A 275 -33.29 9.48 -1.19
N PRO A 276 -32.95 10.04 -2.36
CA PRO A 276 -33.54 11.33 -2.76
C PRO A 276 -34.80 11.17 -3.60
N VAL A 277 -35.56 12.25 -3.73
CA VAL A 277 -36.76 12.25 -4.56
C VAL A 277 -36.26 12.32 -6.01
N ASP A 278 -35.26 13.17 -6.23
CA ASP A 278 -34.63 13.35 -7.53
C ASP A 278 -33.45 12.37 -7.64
N LYS A 279 -33.60 11.32 -8.43
CA LYS A 279 -32.56 10.32 -8.61
C LYS A 279 -31.47 10.70 -9.60
N ASN A 280 -31.72 11.74 -10.40
CA ASN A 280 -30.74 12.21 -11.37
C ASN A 280 -29.73 13.08 -10.64
N THR A 281 -29.14 12.52 -9.57
CA THR A 281 -28.19 13.25 -8.75
C THR A 281 -27.14 12.32 -8.12
N ALA A 282 -26.20 12.94 -7.41
CA ALA A 282 -25.13 12.22 -6.72
C ALA A 282 -25.37 12.14 -5.21
N ALA A 283 -24.90 11.06 -4.59
CA ALA A 283 -25.04 10.90 -3.15
C ALA A 283 -24.06 11.79 -2.38
N ILE A 284 -22.80 11.72 -2.78
CA ILE A 284 -21.73 12.47 -2.13
C ILE A 284 -20.83 13.14 -3.16
N SER A 285 -20.46 14.38 -2.91
CA SER A 285 -19.59 15.08 -3.82
C SER A 285 -18.57 15.92 -3.08
N LEU A 286 -17.42 16.13 -3.71
CA LEU A 286 -16.39 16.98 -3.13
C LEU A 286 -16.78 18.37 -3.61
N MET A 287 -16.12 19.39 -3.08
CA MET A 287 -16.46 20.77 -3.46
C MET A 287 -15.61 21.40 -4.55
N VAL A 288 -16.27 21.79 -5.63
CA VAL A 288 -15.57 22.49 -6.71
C VAL A 288 -16.35 23.75 -7.00
N TYR A 289 -15.67 24.89 -6.95
CA TYR A 289 -16.32 26.17 -7.20
C TYR A 289 -16.15 26.63 -8.66
N ARG A 290 -17.27 27.01 -9.27
CA ARG A 290 -17.26 27.45 -10.67
C ARG A 290 -17.42 28.95 -10.80
N LYS A 291 -16.66 29.55 -11.70
CA LYS A 291 -16.72 31.00 -11.90
C LYS A 291 -18.01 31.46 -12.56
N GLN A 292 -18.57 32.55 -12.02
CA GLN A 292 -19.80 33.13 -12.52
C GLN A 292 -19.50 34.38 -13.37
N PRO A 293 -20.49 34.84 -14.17
CA PRO A 293 -20.29 36.03 -15.01
C PRO A 293 -19.82 37.26 -14.21
N ASP A 294 -20.43 37.52 -13.06
CA ASP A 294 -20.05 38.67 -12.24
C ASP A 294 -18.62 38.60 -11.72
N GLY A 295 -18.06 37.38 -11.70
CA GLY A 295 -16.70 37.19 -11.22
C GLY A 295 -16.63 36.36 -9.96
N SER A 296 -17.77 36.16 -9.31
CA SER A 296 -17.85 35.38 -8.08
C SER A 296 -17.82 33.88 -8.38
N TYR A 297 -17.89 33.07 -7.33
CA TYR A 297 -17.85 31.63 -7.50
C TYR A 297 -18.99 30.92 -6.77
N LYS A 298 -19.55 29.89 -7.39
CA LYS A 298 -20.63 29.11 -6.80
C LYS A 298 -20.29 27.63 -6.74
N LEU A 299 -20.57 27.01 -5.60
CA LEU A 299 -20.34 25.58 -5.43
C LEU A 299 -21.06 24.83 -6.54
N ASN A 300 -20.40 23.85 -7.16
CA ASN A 300 -21.07 23.07 -8.20
C ASN A 300 -22.09 22.12 -7.61
N LYS A 301 -23.31 22.20 -8.12
CA LYS A 301 -24.40 21.33 -7.66
C LYS A 301 -24.91 20.51 -8.85
N ASP A 302 -24.32 20.77 -10.01
CA ASP A 302 -24.69 20.03 -11.23
C ASP A 302 -24.09 18.62 -11.14
N VAL A 303 -24.94 17.62 -11.28
CA VAL A 303 -24.56 16.21 -11.19
C VAL A 303 -23.55 15.72 -12.24
N ASP A 304 -23.65 16.23 -13.47
CA ASP A 304 -22.77 15.79 -14.54
C ASP A 304 -21.45 16.55 -14.62
N TYR A 305 -21.38 17.70 -13.95
CA TYR A 305 -20.17 18.51 -14.01
C TYR A 305 -18.93 17.88 -13.37
N TYR A 306 -17.78 18.13 -13.99
CA TYR A 306 -16.50 17.69 -13.47
C TYR A 306 -15.49 18.69 -14.01
N PRO A 307 -14.57 19.16 -13.17
CA PRO A 307 -13.60 20.14 -13.65
C PRO A 307 -12.45 19.53 -14.46
N THR A 308 -12.02 20.25 -15.49
CA THR A 308 -10.91 19.82 -16.30
C THR A 308 -9.71 20.65 -15.87
N GLY A 309 -8.51 20.19 -16.23
CA GLY A 309 -7.29 20.91 -15.89
C GLY A 309 -7.37 22.30 -16.50
N LEU A 310 -7.99 22.38 -17.67
CA LEU A 310 -8.18 23.64 -18.38
C LEU A 310 -9.01 24.58 -17.51
N ASP A 311 -10.13 24.07 -16.99
CA ASP A 311 -11.02 24.85 -16.13
C ASP A 311 -10.30 25.44 -14.94
N ILE A 312 -9.37 24.67 -14.40
CA ILE A 312 -8.60 25.13 -13.24
C ILE A 312 -7.59 26.19 -13.64
N ASP A 313 -7.08 26.11 -14.86
CA ASP A 313 -6.11 27.08 -15.36
C ASP A 313 -6.81 28.38 -15.80
N ASN A 314 -8.01 28.24 -16.37
CA ASN A 314 -8.83 29.36 -16.82
C ASN A 314 -9.35 30.21 -15.68
N GLY A 315 -9.31 29.63 -14.49
CA GLY A 315 -9.86 30.27 -13.31
C GLY A 315 -11.35 29.98 -13.31
N ASP A 316 -11.81 29.28 -14.35
CA ASP A 316 -13.22 28.91 -14.51
C ASP A 316 -13.68 28.01 -13.37
N ALA A 317 -12.73 27.25 -12.81
CA ALA A 317 -13.02 26.38 -11.69
C ALA A 317 -11.94 26.51 -10.63
N ILE A 318 -12.34 26.40 -9.37
CA ILE A 318 -11.42 26.44 -8.26
C ILE A 318 -11.85 25.33 -7.32
N THR A 319 -10.95 24.37 -7.10
CA THR A 319 -11.30 23.26 -6.23
C THR A 319 -11.25 23.68 -4.77
N CYS A 320 -12.10 23.04 -3.96
CA CYS A 320 -12.12 23.31 -2.54
C CYS A 320 -12.24 21.94 -1.90
N ALA A 321 -11.34 21.05 -2.32
CA ALA A 321 -11.32 19.66 -1.88
C ALA A 321 -9.88 19.29 -1.56
N ARG A 322 -9.52 19.37 -0.29
CA ARG A 322 -8.17 19.06 0.14
C ARG A 322 -8.24 18.55 1.57
N LYS A 323 -7.24 17.78 1.97
CA LYS A 323 -7.21 17.23 3.33
C LYS A 323 -8.51 16.45 3.64
N ILE A 324 -8.88 15.54 2.76
CA ILE A 324 -10.05 14.69 2.97
C ILE A 324 -9.55 13.26 2.93
N ASP A 325 -9.86 12.52 3.99
CA ASP A 325 -9.42 11.14 4.13
C ASP A 325 -10.61 10.26 4.48
N ILE A 326 -10.72 9.12 3.81
CA ILE A 326 -11.83 8.19 4.06
C ILE A 326 -11.36 6.80 4.45
N ASN A 327 -11.89 6.27 5.54
CA ASN A 327 -11.55 4.93 6.00
C ASN A 327 -12.81 4.08 6.25
N ASN A 328 -13.05 3.13 5.36
CA ASN A 328 -14.19 2.22 5.43
C ASN A 328 -15.59 2.80 5.27
N LEU A 329 -15.73 3.92 4.58
CA LEU A 329 -17.07 4.48 4.41
C LEU A 329 -17.91 3.56 3.53
N ASN A 330 -19.10 3.22 4.01
CA ASN A 330 -20.02 2.39 3.25
C ASN A 330 -21.12 3.30 2.74
N LEU A 331 -21.36 3.27 1.43
CA LEU A 331 -22.40 4.10 0.83
C LEU A 331 -23.35 3.28 -0.03
N ILE A 332 -24.64 3.33 0.30
CA ILE A 332 -25.65 2.65 -0.50
C ILE A 332 -26.61 3.74 -0.99
N THR A 333 -27.36 3.44 -2.04
CA THR A 333 -28.28 4.40 -2.62
C THR A 333 -29.57 3.70 -3.00
N ALA A 334 -30.62 4.47 -3.23
CA ALA A 334 -31.88 3.89 -3.66
C ALA A 334 -31.61 3.44 -5.09
N PRO A 335 -32.39 2.47 -5.60
CA PRO A 335 -32.19 2.05 -6.99
C PRO A 335 -32.42 3.23 -7.93
N GLY A 336 -31.67 3.33 -9.01
CA GLY A 336 -31.90 4.43 -9.94
C GLY A 336 -31.09 5.69 -9.71
N VAL A 337 -30.43 5.79 -8.56
CA VAL A 337 -29.61 6.95 -8.30
C VAL A 337 -28.50 6.97 -9.35
N LYS A 338 -28.27 8.14 -9.94
CA LYS A 338 -27.27 8.28 -10.99
C LYS A 338 -25.83 7.98 -10.58
N VAL A 339 -25.32 8.76 -9.64
CA VAL A 339 -23.93 8.64 -9.20
C VAL A 339 -23.73 8.43 -7.70
N GLY A 340 -22.83 7.53 -7.32
CA GLY A 340 -22.53 7.30 -5.92
C GLY A 340 -21.66 8.42 -5.35
N VAL A 341 -20.41 8.47 -5.79
CA VAL A 341 -19.46 9.47 -5.29
C VAL A 341 -18.81 10.30 -6.40
N LYS A 342 -18.82 11.61 -6.25
CA LYS A 342 -18.19 12.51 -7.22
C LYS A 342 -16.87 12.99 -6.64
N TRP A 343 -15.79 12.29 -6.97
CA TRP A 343 -14.45 12.64 -6.47
C TRP A 343 -13.82 13.70 -7.37
N ILE A 344 -14.38 14.91 -7.32
CA ILE A 344 -13.91 15.99 -8.19
C ILE A 344 -13.03 17.04 -7.49
N GLY A 345 -11.82 17.23 -8.02
CA GLY A 345 -10.87 18.20 -7.50
C GLY A 345 -10.12 17.73 -6.26
N GLY A 346 -10.26 16.46 -5.93
CA GLY A 346 -9.65 15.90 -4.74
C GLY A 346 -8.18 15.51 -4.83
N ALA A 347 -7.34 16.44 -5.26
CA ALA A 347 -5.92 16.17 -5.35
C ALA A 347 -5.34 15.88 -3.98
N GLY A 348 -4.51 14.85 -3.90
CA GLY A 348 -3.87 14.46 -2.65
C GLY A 348 -4.83 13.88 -1.62
N CYS A 349 -6.11 13.75 -1.98
CA CYS A 349 -7.11 13.19 -1.07
C CYS A 349 -7.00 11.68 -1.14
N THR A 350 -7.32 11.01 -0.04
CA THR A 350 -7.12 9.57 -0.01
C THR A 350 -8.31 8.79 0.49
N THR A 351 -8.31 7.50 0.15
CA THR A 351 -9.40 6.62 0.51
C THR A 351 -8.90 5.20 0.79
N LYS A 352 -9.53 4.54 1.75
CA LYS A 352 -9.23 3.16 2.08
C LYS A 352 -10.53 2.48 2.44
N GLY A 353 -10.82 1.35 1.81
CA GLY A 353 -12.06 0.64 2.09
C GLY A 353 -13.35 1.39 1.79
N LEU A 354 -13.32 2.33 0.84
CA LEU A 354 -14.55 3.00 0.44
C LEU A 354 -15.39 1.90 -0.24
N SER A 355 -16.59 1.67 0.28
CA SER A 355 -17.44 0.61 -0.25
C SER A 355 -18.79 1.14 -0.71
N ILE A 356 -19.02 1.11 -2.02
CA ILE A 356 -20.23 1.63 -2.64
C ILE A 356 -21.17 0.52 -3.16
N GLY A 357 -22.46 0.65 -2.85
CA GLY A 357 -23.46 -0.29 -3.30
C GLY A 357 -23.76 -1.44 -2.36
N GLU A 358 -25.02 -1.90 -2.39
CA GLU A 358 -25.45 -3.00 -1.56
C GLU A 358 -25.89 -4.21 -2.41
N ASN A 359 -25.50 -5.39 -1.96
CA ASN A 359 -25.85 -6.62 -2.63
C ASN A 359 -27.25 -7.04 -2.15
N THR A 360 -28.21 -6.15 -2.35
CA THR A 360 -29.60 -6.33 -1.89
C THR A 360 -30.22 -7.68 -2.19
N GLY A 361 -30.09 -8.10 -3.45
CA GLY A 361 -30.63 -9.37 -3.89
C GLY A 361 -30.31 -9.64 -5.34
N SER A 362 -30.84 -10.73 -5.87
CA SER A 362 -30.62 -11.15 -7.25
C SER A 362 -31.05 -10.14 -8.35
N ASP A 363 -32.17 -9.44 -8.14
CA ASP A 363 -32.62 -8.48 -9.15
C ASP A 363 -31.92 -7.15 -9.02
N ILE A 364 -31.05 -6.85 -9.98
CA ILE A 364 -30.26 -5.62 -9.95
C ILE A 364 -31.08 -4.33 -10.06
N THR A 365 -32.23 -4.40 -10.72
CA THR A 365 -33.07 -3.22 -10.90
C THR A 365 -33.67 -2.68 -9.59
N THR A 366 -33.63 -3.50 -8.55
CA THR A 366 -34.16 -3.12 -7.25
C THR A 366 -33.05 -3.08 -6.19
N ALA A 367 -31.81 -3.36 -6.60
CA ALA A 367 -30.68 -3.35 -5.68
C ALA A 367 -30.35 -1.93 -5.25
N ARG A 368 -29.90 -1.79 -4.01
CA ARG A 368 -29.57 -0.46 -3.48
C ARG A 368 -28.15 -0.01 -3.83
N LEU A 369 -27.94 0.26 -5.11
CA LEU A 369 -26.65 0.67 -5.61
C LEU A 369 -26.88 1.69 -6.72
N PRO A 370 -25.88 2.51 -7.01
CA PRO A 370 -26.05 3.55 -8.04
C PRO A 370 -25.74 3.04 -9.45
N ARG A 371 -26.15 3.80 -10.46
CA ARG A 371 -25.89 3.41 -11.84
C ARG A 371 -24.39 3.54 -12.09
N VAL A 372 -23.84 4.66 -11.63
CA VAL A 372 -22.43 4.99 -11.74
C VAL A 372 -21.84 5.07 -10.33
N GLY A 373 -20.90 4.18 -10.02
CA GLY A 373 -20.28 4.16 -8.70
C GLY A 373 -19.50 5.41 -8.32
N LEU A 374 -18.46 5.70 -9.10
CA LEU A 374 -17.61 6.84 -8.80
C LEU A 374 -17.19 7.56 -10.06
N LEU A 375 -17.20 8.89 -9.99
CA LEU A 375 -16.78 9.73 -11.10
C LEU A 375 -15.65 10.62 -10.57
N GLN A 376 -14.50 10.58 -11.23
CA GLN A 376 -13.34 11.34 -10.75
C GLN A 376 -12.63 12.19 -11.79
N SER A 377 -12.19 13.38 -11.40
CA SER A 377 -11.45 14.28 -12.27
C SER A 377 -10.67 15.27 -11.40
N ALA A 378 -9.63 15.88 -11.97
CA ALA A 378 -8.80 16.86 -11.28
C ALA A 378 -8.31 16.35 -9.91
N SER A 379 -7.94 15.08 -9.84
CA SER A 379 -7.50 14.51 -8.58
C SER A 379 -6.12 13.89 -8.66
N TRP A 380 -5.15 14.69 -9.10
CA TRP A 380 -3.78 14.19 -9.18
C TRP A 380 -3.28 13.86 -7.78
N GLY A 381 -2.51 12.78 -7.67
CA GLY A 381 -1.98 12.39 -6.37
C GLY A 381 -2.98 11.79 -5.40
N SER A 382 -4.19 11.48 -5.85
CA SER A 382 -5.16 10.90 -4.95
C SER A 382 -4.94 9.40 -4.94
N ILE A 383 -5.30 8.75 -3.85
CA ILE A 383 -5.10 7.31 -3.76
C ILE A 383 -6.34 6.61 -3.23
N HIS A 384 -6.79 5.60 -3.96
CA HIS A 384 -7.93 4.79 -3.53
C HIS A 384 -7.41 3.40 -3.20
N GLU A 385 -7.32 3.07 -1.92
CA GLU A 385 -6.85 1.75 -1.49
C GLU A 385 -8.02 0.82 -1.23
N ASN A 386 -8.04 -0.30 -1.93
CA ASN A 386 -9.06 -1.32 -1.74
C ASN A 386 -10.50 -0.77 -1.80
N LEU A 387 -10.79 -0.11 -2.91
CA LEU A 387 -12.09 0.45 -3.19
C LEU A 387 -13.02 -0.70 -3.64
N ARG A 388 -14.25 -0.73 -3.12
CA ARG A 388 -15.21 -1.79 -3.47
C ARG A 388 -16.48 -1.17 -4.04
N ILE A 389 -16.82 -1.53 -5.27
CA ILE A 389 -17.99 -0.96 -5.92
C ILE A 389 -18.92 -2.01 -6.50
N LEU A 390 -20.21 -1.86 -6.24
CA LEU A 390 -21.27 -2.71 -6.76
C LEU A 390 -22.06 -1.72 -7.62
N TYR A 391 -22.04 -1.90 -8.94
CA TYR A 391 -22.71 -0.95 -9.81
C TYR A 391 -23.73 -1.60 -10.75
N LYS A 392 -24.44 -0.76 -11.52
CA LYS A 392 -25.43 -1.24 -12.48
C LYS A 392 -25.02 -0.87 -13.91
N THR A 393 -24.61 0.39 -14.11
CA THR A 393 -24.21 0.88 -15.43
C THR A 393 -22.68 1.05 -15.57
N GLN A 394 -22.06 1.82 -14.67
CA GLN A 394 -20.62 2.03 -14.71
C GLN A 394 -20.02 1.97 -13.30
N GLY A 395 -18.92 1.23 -13.15
CA GLY A 395 -18.26 1.12 -11.86
C GLY A 395 -17.59 2.43 -11.48
N ALA A 396 -16.47 2.72 -12.13
CA ALA A 396 -15.73 3.95 -11.87
C ALA A 396 -15.32 4.63 -13.17
N VAL A 397 -15.31 5.95 -13.15
CA VAL A 397 -14.93 6.76 -14.29
C VAL A 397 -13.86 7.78 -13.89
N PHE A 398 -12.78 7.84 -14.65
CA PHE A 398 -11.68 8.75 -14.39
C PHE A 398 -11.44 9.59 -15.64
N ILE A 399 -11.57 10.90 -15.49
CA ILE A 399 -11.45 11.81 -16.63
C ILE A 399 -10.47 12.96 -16.42
N ASP A 400 -9.79 13.34 -17.50
CA ASP A 400 -8.88 14.48 -17.49
C ASP A 400 -7.74 14.34 -16.47
N SER A 401 -7.35 15.42 -15.84
CA SER A 401 -6.22 15.41 -14.90
C SER A 401 -6.30 14.55 -13.63
N ASN A 402 -5.55 13.45 -13.63
CA ASN A 402 -5.45 12.56 -12.47
C ASN A 402 -4.01 12.08 -12.34
N GLY A 403 -3.07 12.94 -12.72
CA GLY A 403 -1.65 12.57 -12.68
C GLY A 403 -1.15 11.95 -11.40
N GLY A 404 -0.52 10.79 -11.49
CA GLY A 404 0.02 10.14 -10.30
C GLY A 404 -1.00 9.46 -9.40
N ALA A 405 -2.28 9.53 -9.76
CA ALA A 405 -3.32 8.89 -8.95
C ALA A 405 -3.22 7.38 -9.06
N ALA A 406 -3.54 6.68 -7.97
CA ALA A 406 -3.49 5.23 -7.95
C ALA A 406 -4.76 4.63 -7.42
N VAL A 407 -5.15 3.50 -8.01
CA VAL A 407 -6.30 2.73 -7.57
C VAL A 407 -5.77 1.31 -7.34
N ASN A 408 -5.60 0.97 -6.07
CA ASN A 408 -5.03 -0.32 -5.70
C ASN A 408 -6.01 -1.32 -5.11
N ASN A 409 -5.90 -2.57 -5.58
CA ASN A 409 -6.74 -3.66 -5.09
C ASN A 409 -8.24 -3.33 -5.09
N ALA A 410 -8.70 -2.62 -6.11
CA ALA A 410 -10.11 -2.30 -6.21
C ALA A 410 -10.85 -3.60 -6.52
N TYR A 411 -12.08 -3.70 -6.02
CA TYR A 411 -12.94 -4.85 -6.27
C TYR A 411 -14.22 -4.23 -6.83
N ILE A 412 -14.30 -4.17 -8.16
CA ILE A 412 -15.44 -3.55 -8.85
C ILE A 412 -16.24 -4.58 -9.59
N SER A 413 -17.53 -4.64 -9.30
CA SER A 413 -18.38 -5.65 -9.91
C SER A 413 -19.81 -5.20 -10.15
N ARG A 414 -20.38 -5.63 -11.28
CA ARG A 414 -21.78 -5.33 -11.53
C ARG A 414 -22.48 -6.40 -10.71
N LEU A 415 -23.68 -6.12 -10.22
CA LEU A 415 -24.39 -7.12 -9.45
C LEU A 415 -25.04 -8.06 -10.46
N GLY A 416 -24.28 -9.06 -10.89
CA GLY A 416 -24.73 -10.01 -11.89
C GLY A 416 -24.59 -9.42 -13.28
N ASN A 417 -24.58 -10.26 -14.30
CA ASN A 417 -24.46 -9.78 -15.67
C ASN A 417 -25.76 -9.78 -16.47
N THR A 418 -26.87 -10.04 -15.78
CA THR A 418 -28.21 -10.07 -16.38
C THR A 418 -28.56 -8.73 -17.03
N ASN A 419 -28.75 -8.73 -18.35
CA ASN A 419 -29.04 -7.52 -19.12
C ASN A 419 -27.93 -6.48 -19.07
N GLY A 420 -26.75 -6.91 -18.65
CA GLY A 420 -25.61 -6.02 -18.57
C GLY A 420 -25.26 -5.49 -19.95
N GLU A 421 -25.43 -6.35 -20.95
CA GLU A 421 -25.13 -5.99 -22.33
C GLU A 421 -25.99 -4.82 -22.82
N LEU A 422 -27.09 -4.54 -22.12
CA LEU A 422 -27.99 -3.45 -22.51
C LEU A 422 -27.68 -2.09 -21.86
N GLU A 423 -26.88 -2.09 -20.79
CA GLU A 423 -26.53 -0.85 -20.09
C GLU A 423 -25.79 0.09 -21.03
N GLN A 424 -26.14 1.38 -20.97
CA GLN A 424 -25.50 2.39 -21.80
C GLN A 424 -24.61 3.29 -20.94
N ALA A 425 -23.31 3.28 -21.20
CA ALA A 425 -22.37 4.08 -20.45
C ALA A 425 -22.80 5.53 -20.48
N VAL A 426 -22.79 6.16 -19.30
CA VAL A 426 -23.21 7.55 -19.11
C VAL A 426 -22.08 8.56 -19.31
N TYR A 427 -20.92 8.32 -18.70
CA TYR A 427 -19.77 9.21 -18.83
C TYR A 427 -18.69 8.44 -19.58
N LYS A 428 -18.45 8.82 -20.83
CA LYS A 428 -17.50 8.08 -21.65
C LYS A 428 -16.92 8.91 -22.81
N PRO A 429 -15.82 8.44 -23.41
CA PRO A 429 -15.25 9.19 -24.54
C PRO A 429 -16.14 9.05 -25.77
N ALA A 430 -16.07 10.02 -26.68
CA ALA A 430 -16.90 9.98 -27.89
C ALA A 430 -16.60 8.76 -28.76
N GLY A 431 -15.36 8.29 -28.74
CA GLY A 431 -14.96 7.15 -29.55
C GLY A 431 -15.52 5.82 -29.07
N PHE A 432 -16.12 5.81 -27.89
CA PHE A 432 -16.71 4.59 -27.39
C PHE A 432 -18.21 4.66 -27.62
N THR A 433 -18.69 3.92 -28.62
CA THR A 433 -20.10 3.97 -28.96
C THR A 433 -20.86 2.68 -28.70
N GLU A 434 -20.16 1.65 -28.23
CA GLU A 434 -20.81 0.36 -27.97
C GLU A 434 -21.68 0.38 -26.72
N VAL A 435 -22.68 -0.51 -26.71
CA VAL A 435 -23.60 -0.62 -25.60
C VAL A 435 -23.10 -1.76 -24.72
N GLY A 436 -23.33 -1.65 -23.42
CA GLY A 436 -22.90 -2.65 -22.45
C GLY A 436 -22.34 -1.94 -21.24
N ASP A 437 -22.45 -2.54 -20.06
CA ASP A 437 -21.93 -1.91 -18.84
C ASP A 437 -20.41 -1.86 -18.85
N VAL A 438 -19.84 -0.87 -18.17
CA VAL A 438 -18.39 -0.72 -18.13
C VAL A 438 -17.87 -0.60 -16.70
N ALA A 439 -17.07 -1.57 -16.27
CA ALA A 439 -16.54 -1.51 -14.92
C ALA A 439 -15.66 -0.28 -14.66
N VAL A 440 -14.68 -0.05 -15.54
CA VAL A 440 -13.78 1.10 -15.39
C VAL A 440 -13.66 1.83 -16.73
N THR A 441 -13.88 3.14 -16.70
CA THR A 441 -13.81 3.97 -17.89
C THR A 441 -12.77 5.07 -17.67
N GLN A 442 -11.93 5.33 -18.66
CA GLN A 442 -10.92 6.36 -18.50
C GLN A 442 -10.67 7.12 -19.80
N PHE A 443 -10.68 8.45 -19.76
CA PHE A 443 -10.41 9.24 -20.96
C PHE A 443 -9.92 10.67 -20.70
N ALA A 444 -9.75 11.43 -21.78
CA ALA A 444 -9.31 12.83 -21.74
C ALA A 444 -7.91 13.09 -21.16
N GLY A 445 -7.04 12.08 -21.14
CA GLY A 445 -5.70 12.26 -20.62
C GLY A 445 -5.49 11.82 -19.18
N SER A 446 -6.47 11.11 -18.63
CA SER A 446 -6.34 10.59 -17.28
C SER A 446 -5.45 9.36 -17.39
N GLU A 447 -4.44 9.25 -16.52
CA GLU A 447 -3.58 8.07 -16.52
C GLU A 447 -3.43 7.50 -15.11
N VAL A 448 -4.53 6.98 -14.58
CA VAL A 448 -4.55 6.38 -13.25
C VAL A 448 -3.87 5.02 -13.31
N LYS A 449 -3.07 4.69 -12.29
CA LYS A 449 -2.44 3.38 -12.25
C LYS A 449 -3.37 2.37 -11.58
N PHE A 450 -3.72 1.30 -12.28
CA PHE A 450 -4.60 0.28 -11.70
C PHE A 450 -3.80 -0.95 -11.28
N ASN A 451 -3.68 -1.15 -9.97
CA ASN A 451 -2.91 -2.26 -9.45
C ASN A 451 -3.77 -3.35 -8.84
N SER A 452 -3.63 -4.56 -9.38
CA SER A 452 -4.38 -5.72 -8.93
C SER A 452 -5.90 -5.52 -8.79
N PRO A 453 -6.55 -4.91 -9.79
CA PRO A 453 -8.01 -4.78 -9.64
C PRO A 453 -8.70 -6.10 -9.88
N ILE A 454 -9.85 -6.28 -9.26
CA ILE A 454 -10.66 -7.47 -9.44
C ILE A 454 -11.92 -6.94 -10.10
N ILE A 455 -12.16 -7.39 -11.33
CA ILE A 455 -13.31 -6.91 -12.08
C ILE A 455 -14.24 -8.08 -12.37
N GLU A 456 -15.51 -7.96 -11.97
CA GLU A 456 -16.46 -9.04 -12.14
C GLU A 456 -17.78 -8.66 -12.81
N GLN A 457 -18.29 -9.62 -13.59
CA GLN A 457 -19.58 -9.50 -14.28
C GLN A 457 -19.77 -8.33 -15.21
N ALA A 458 -18.70 -7.84 -15.82
CA ALA A 458 -18.80 -6.68 -16.72
C ALA A 458 -18.79 -7.04 -18.20
N SER A 459 -19.54 -6.28 -19.01
CA SER A 459 -19.55 -6.48 -20.45
C SER A 459 -18.20 -5.97 -20.95
N PHE A 460 -17.78 -4.82 -20.43
CA PHE A 460 -16.48 -4.20 -20.75
C PHE A 460 -15.74 -3.96 -19.44
N ASP A 461 -14.63 -4.64 -19.24
CA ASP A 461 -13.86 -4.45 -18.02
C ASP A 461 -13.25 -3.06 -18.00
N PHE A 462 -12.58 -2.68 -19.08
CA PHE A 462 -11.95 -1.39 -19.17
C PHE A 462 -12.18 -0.71 -20.52
N VAL A 463 -12.59 0.55 -20.47
CA VAL A 463 -12.72 1.35 -21.68
C VAL A 463 -11.77 2.53 -21.41
N HIS A 464 -10.77 2.68 -22.28
CA HIS A 464 -9.79 3.74 -22.10
C HIS A 464 -9.46 4.44 -23.41
N ALA A 465 -9.51 5.76 -23.40
CA ALA A 465 -9.17 6.52 -24.58
C ALA A 465 -8.04 7.45 -24.22
N GLY A 466 -7.09 7.62 -25.13
CA GLY A 466 -5.99 8.54 -24.93
C GLY A 466 -6.50 9.93 -25.21
N ARG A 467 -5.71 10.94 -24.88
CA ARG A 467 -6.12 12.31 -25.11
C ARG A 467 -6.28 12.50 -26.63
N ASP A 468 -7.34 13.19 -27.04
CA ASP A 468 -7.63 13.41 -28.46
C ASP A 468 -6.50 14.00 -29.29
N THR A 469 -5.85 15.02 -28.76
CA THR A 469 -4.80 15.71 -29.50
C THR A 469 -3.49 14.96 -29.71
N ASP A 470 -3.02 14.24 -28.70
CA ASP A 470 -1.73 13.58 -28.83
C ASP A 470 -1.64 12.15 -28.30
N SER A 471 -2.78 11.54 -27.99
CA SER A 471 -2.81 10.17 -27.49
C SER A 471 -2.13 9.99 -26.14
N TYR A 472 -1.98 11.09 -25.41
CA TYR A 472 -1.36 11.05 -24.09
C TYR A 472 -2.28 10.34 -23.08
N GLY A 473 -1.69 9.59 -22.15
CA GLY A 473 -2.48 8.90 -21.15
C GLY A 473 -2.33 7.40 -21.31
N LEU A 474 -1.30 6.87 -20.65
CA LEU A 474 -1.01 5.45 -20.72
C LEU A 474 -2.00 4.62 -19.93
N PHE A 475 -2.55 3.59 -20.57
CA PHE A 475 -3.45 2.69 -19.88
C PHE A 475 -2.58 1.71 -19.07
N MET A 476 -2.63 1.79 -17.74
CA MET A 476 -1.79 0.92 -16.92
C MET A 476 -2.55 0.01 -15.97
N VAL A 477 -2.56 -1.28 -16.27
CA VAL A 477 -3.22 -2.24 -15.41
C VAL A 477 -2.26 -3.37 -15.09
N ASP A 478 -2.00 -3.56 -13.81
CA ASP A 478 -1.10 -4.61 -13.36
C ASP A 478 -1.84 -5.78 -12.74
N LYS A 479 -1.82 -6.93 -13.42
CA LYS A 479 -2.45 -8.16 -12.94
C LYS A 479 -3.93 -8.07 -12.58
N PRO A 480 -4.79 -7.86 -13.60
CA PRO A 480 -6.21 -7.76 -13.27
C PRO A 480 -6.82 -9.16 -13.13
N HIS A 481 -7.67 -9.33 -12.14
CA HIS A 481 -8.37 -10.59 -11.90
C HIS A 481 -9.75 -10.40 -12.51
N ILE A 482 -9.90 -10.86 -13.75
CA ILE A 482 -11.16 -10.68 -14.48
C ILE A 482 -11.99 -11.93 -14.58
N GLU A 483 -13.24 -11.85 -14.13
CA GLU A 483 -14.15 -12.99 -14.18
C GLU A 483 -15.56 -12.57 -14.52
N SER A 484 -16.33 -13.49 -15.11
CA SER A 484 -17.72 -13.23 -15.46
C SER A 484 -18.50 -14.54 -15.59
N SER A 485 -19.64 -14.62 -14.90
CA SER A 485 -20.48 -15.82 -14.92
C SER A 485 -21.01 -16.15 -16.31
N GLY A 486 -21.01 -17.45 -16.63
CA GLY A 486 -21.47 -17.92 -17.92
C GLY A 486 -20.61 -17.40 -19.05
N GLY A 487 -19.39 -16.97 -18.70
CA GLY A 487 -18.44 -16.43 -19.67
C GLY A 487 -18.97 -15.29 -20.52
N LYS A 488 -19.91 -14.51 -19.99
CA LYS A 488 -20.47 -13.41 -20.77
C LYS A 488 -19.58 -12.17 -20.69
N LYS A 489 -19.17 -11.66 -21.86
CA LYS A 489 -18.29 -10.51 -21.93
C LYS A 489 -18.15 -10.03 -23.36
N LYS A 490 -17.94 -8.73 -23.55
CA LYS A 490 -17.73 -8.21 -24.89
C LYS A 490 -16.22 -8.02 -25.12
N HIS A 491 -15.58 -7.24 -24.25
CA HIS A 491 -14.14 -7.00 -24.33
C HIS A 491 -13.58 -6.73 -22.93
N SER A 492 -12.30 -7.02 -22.73
CA SER A 492 -11.68 -6.73 -21.44
C SER A 492 -11.00 -5.38 -21.49
N PHE A 493 -10.34 -5.09 -22.61
CA PHE A 493 -9.64 -3.83 -22.78
C PHE A 493 -10.01 -3.21 -24.12
N TYR A 494 -10.90 -2.22 -24.06
CA TYR A 494 -11.33 -1.52 -25.25
C TYR A 494 -10.49 -0.27 -25.25
N LEU A 495 -9.45 -0.26 -26.08
CA LEU A 495 -8.50 0.86 -26.13
C LEU A 495 -8.61 1.74 -27.37
N ILE A 496 -8.86 3.01 -27.14
CA ILE A 496 -9.04 4.00 -28.19
C ILE A 496 -7.90 5.02 -28.22
N ASN A 497 -7.26 5.17 -29.37
CA ASN A 497 -6.19 6.16 -29.55
C ASN A 497 -5.23 6.21 -28.38
N THR A 498 -4.59 5.09 -28.07
CA THR A 498 -3.74 5.05 -26.89
C THR A 498 -2.72 3.94 -26.89
N SER A 499 -1.78 4.05 -25.94
CA SER A 499 -0.77 3.05 -25.67
C SER A 499 -1.19 2.39 -24.35
N SER A 500 -0.53 1.30 -23.98
CA SER A 500 -0.83 0.61 -22.74
C SER A 500 0.27 -0.35 -22.33
N ASN A 501 0.31 -0.66 -21.03
CA ASN A 501 1.23 -1.64 -20.45
C ASN A 501 0.36 -2.49 -19.49
N VAL A 502 0.10 -3.72 -19.91
CA VAL A 502 -0.73 -4.63 -19.15
C VAL A 502 0.01 -5.91 -18.82
N THR A 503 -0.03 -6.31 -17.55
CA THR A 503 0.59 -7.56 -17.16
C THR A 503 -0.53 -8.53 -16.79
N LEU A 504 -0.65 -9.61 -17.53
CA LEU A 504 -1.72 -10.58 -17.25
C LEU A 504 -1.31 -11.54 -16.13
N SER A 505 -2.28 -11.97 -15.33
CA SER A 505 -1.98 -12.86 -14.21
C SER A 505 -2.49 -14.29 -14.36
N GLY A 506 -2.80 -14.69 -15.58
CA GLY A 506 -3.28 -16.04 -15.83
C GLY A 506 -4.76 -16.18 -15.60
N VAL A 507 -5.42 -15.04 -15.41
CA VAL A 507 -6.85 -14.99 -15.14
C VAL A 507 -7.52 -14.12 -16.19
N GLY A 508 -8.58 -14.63 -16.78
CA GLY A 508 -9.33 -13.90 -17.79
C GLY A 508 -10.13 -14.80 -18.71
N LEU A 509 -10.74 -14.20 -19.72
CA LEU A 509 -11.55 -14.94 -20.67
C LEU A 509 -12.00 -13.99 -21.77
N SER A 510 -12.63 -14.53 -22.81
CA SER A 510 -13.24 -13.71 -23.86
C SER A 510 -14.68 -14.22 -23.97
N GLY A 511 -15.58 -13.37 -24.44
CA GLY A 511 -17.00 -13.68 -24.54
C GLY A 511 -17.48 -14.82 -25.43
N GLN A 512 -18.79 -15.05 -25.37
CA GLN A 512 -19.49 -16.13 -26.11
C GLN A 512 -19.64 -15.96 -27.63
N ASP A 513 -19.50 -14.73 -28.10
CA ASP A 513 -19.61 -14.44 -29.53
C ASP A 513 -18.32 -14.92 -30.21
N PRO A 514 -18.44 -15.88 -31.16
CA PRO A 514 -17.28 -16.45 -31.87
C PRO A 514 -16.62 -15.51 -32.86
N ASP A 515 -17.24 -14.35 -33.10
CA ASP A 515 -16.67 -13.39 -34.04
C ASP A 515 -16.31 -12.06 -33.42
N LEU A 516 -17.24 -11.48 -32.66
CA LEU A 516 -17.03 -10.14 -32.10
C LEU A 516 -16.25 -10.01 -30.78
N ASP A 517 -16.36 -11.00 -29.89
CA ASP A 517 -15.69 -10.91 -28.59
C ASP A 517 -14.19 -11.22 -28.59
N SER A 518 -13.42 -10.37 -27.94
CA SER A 518 -11.97 -10.53 -27.83
C SER A 518 -11.46 -9.81 -26.60
N MET A 519 -10.35 -10.30 -26.07
CA MET A 519 -9.77 -9.70 -24.88
C MET A 519 -9.51 -8.23 -25.15
N TYR A 520 -8.85 -7.94 -26.27
CA TYR A 520 -8.55 -6.57 -26.64
C TYR A 520 -9.31 -6.09 -27.87
N PHE A 521 -9.64 -4.81 -27.87
CA PHE A 521 -10.18 -4.17 -29.06
C PHE A 521 -9.37 -2.89 -29.16
N LEU A 522 -8.63 -2.74 -30.25
CA LEU A 522 -7.78 -1.58 -30.43
C LEU A 522 -8.42 -0.64 -31.46
N LYS A 523 -9.04 0.43 -30.99
CA LYS A 523 -9.69 1.34 -31.91
C LYS A 523 -8.87 2.58 -32.22
N ASN A 524 -8.46 2.70 -33.46
CA ASN A 524 -7.72 3.87 -33.93
C ASN A 524 -6.52 4.28 -33.11
N CYS A 525 -5.71 3.29 -32.71
CA CYS A 525 -4.49 3.60 -31.98
C CYS A 525 -3.49 4.07 -33.03
N PRO A 526 -2.74 5.13 -32.70
CA PRO A 526 -1.81 5.67 -33.69
C PRO A 526 -0.60 4.77 -33.95
N GLU A 527 0.05 5.03 -35.09
CA GLU A 527 1.23 4.28 -35.52
C GLU A 527 2.32 4.28 -34.46
N THR A 528 2.44 5.38 -33.71
CA THR A 528 3.47 5.52 -32.69
C THR A 528 3.10 4.85 -31.37
N ALA A 529 1.87 4.38 -31.22
CA ALA A 529 1.46 3.76 -29.97
C ALA A 529 1.87 2.29 -29.87
N ARG A 530 1.97 1.81 -28.64
CA ARG A 530 2.26 0.40 -28.38
C ARG A 530 1.37 -0.07 -27.25
N ASN A 531 0.74 -1.21 -27.45
CA ASN A 531 -0.10 -1.81 -26.43
C ASN A 531 0.59 -3.11 -26.05
N VAL A 532 1.42 -3.01 -25.01
CA VAL A 532 2.27 -4.10 -24.56
C VAL A 532 1.60 -5.07 -23.60
N VAL A 533 1.67 -6.35 -23.95
CA VAL A 533 1.07 -7.40 -23.14
C VAL A 533 2.12 -8.30 -22.53
N ARG A 534 2.15 -8.35 -21.21
CA ARG A 534 3.09 -9.20 -20.50
C ARG A 534 2.31 -10.16 -19.62
N GLY A 535 3.01 -11.13 -19.05
CA GLY A 535 2.39 -12.07 -18.14
C GLY A 535 1.87 -13.36 -18.73
N GLN A 536 0.87 -13.91 -18.05
CA GLN A 536 0.31 -15.18 -18.44
C GLN A 536 -1.10 -15.09 -18.99
N MET A 537 -1.32 -15.73 -20.13
CA MET A 537 -2.64 -15.76 -20.75
C MET A 537 -3.55 -16.66 -19.91
N PRO A 538 -4.88 -16.51 -20.05
CA PRO A 538 -5.78 -17.38 -19.30
C PRO A 538 -5.59 -18.83 -19.71
N ILE A 539 -5.88 -19.77 -18.81
CA ILE A 539 -5.74 -21.19 -19.10
C ILE A 539 -6.65 -21.59 -20.25
N SER A 540 -7.91 -21.15 -20.20
CA SER A 540 -8.87 -21.46 -21.24
C SER A 540 -8.63 -20.60 -22.48
N GLY A 541 -8.95 -21.14 -23.64
CA GLY A 541 -8.77 -20.42 -24.89
C GLY A 541 -9.58 -19.14 -24.97
N VAL A 542 -8.97 -18.08 -25.47
CA VAL A 542 -9.65 -16.81 -25.64
C VAL A 542 -9.28 -16.28 -27.02
N LYS A 543 -10.02 -15.27 -27.50
CA LYS A 543 -9.65 -14.63 -28.75
C LYS A 543 -8.92 -13.38 -28.27
N LEU A 544 -7.68 -13.21 -28.71
CA LEU A 544 -6.85 -12.12 -28.24
C LEU A 544 -7.19 -10.68 -28.65
N VAL A 545 -7.31 -10.43 -29.96
CA VAL A 545 -7.50 -9.04 -30.38
C VAL A 545 -8.30 -8.83 -31.68
N ARG A 546 -8.99 -7.70 -31.73
CA ARG A 546 -9.74 -7.23 -32.88
C ARG A 546 -9.48 -5.73 -32.87
N GLY A 547 -9.78 -5.04 -33.95
CA GLY A 547 -9.55 -3.60 -33.97
C GLY A 547 -10.04 -2.85 -35.18
N THR A 548 -9.81 -1.54 -35.17
CA THR A 548 -10.18 -0.67 -36.28
C THR A 548 -9.01 0.26 -36.41
N GLY A 549 -8.65 0.62 -37.63
CA GLY A 549 -7.52 1.51 -37.79
C GLY A 549 -6.48 0.87 -38.67
N ASN A 550 -5.56 1.68 -39.16
CA ASN A 550 -4.53 1.21 -40.08
C ASN A 550 -3.18 0.85 -39.49
N TYR A 551 -3.03 0.91 -38.19
CA TYR A 551 -1.73 0.61 -37.60
C TYR A 551 -1.76 -0.46 -36.51
N PRO A 552 -0.90 -1.49 -36.64
CA PRO A 552 -0.79 -2.53 -35.63
C PRO A 552 -0.06 -1.94 -34.43
N THR A 553 -0.46 -2.27 -33.20
CA THR A 553 0.22 -1.72 -32.02
C THR A 553 0.41 -2.72 -30.88
N LEU A 554 -0.25 -3.87 -30.96
CA LEU A 554 -0.13 -4.86 -29.88
C LEU A 554 1.24 -5.54 -29.90
N VAL A 555 1.85 -5.65 -28.72
CA VAL A 555 3.17 -6.26 -28.57
C VAL A 555 3.13 -7.38 -27.56
N LEU A 556 3.61 -8.57 -27.94
CA LEU A 556 3.67 -9.67 -26.99
C LEU A 556 5.08 -9.65 -26.43
N ASP A 557 5.21 -9.24 -25.18
CA ASP A 557 6.51 -9.14 -24.53
C ASP A 557 6.75 -10.31 -23.59
N CYS A 558 7.31 -11.41 -24.12
CA CYS A 558 7.56 -12.60 -23.35
C CYS A 558 6.29 -13.15 -22.72
N THR A 559 5.16 -12.86 -23.35
CA THR A 559 3.87 -13.30 -22.86
C THR A 559 3.86 -14.81 -22.76
N ASN A 560 3.37 -15.33 -21.65
CA ASN A 560 3.29 -16.77 -21.46
C ASN A 560 1.93 -17.13 -22.08
N MET A 561 2.00 -17.78 -23.24
CA MET A 561 0.81 -18.13 -24.01
C MET A 561 0.09 -19.40 -23.56
N GLY A 562 0.73 -20.20 -22.71
CA GLY A 562 0.11 -21.43 -22.26
C GLY A 562 -0.25 -22.29 -23.45
N SER A 563 -1.50 -22.72 -23.53
CA SER A 563 -1.92 -23.55 -24.64
C SER A 563 -2.85 -22.80 -25.60
N GLN A 564 -2.74 -21.48 -25.62
CA GLN A 564 -3.57 -20.65 -26.49
C GLN A 564 -3.46 -20.99 -27.97
N PHE A 565 -2.26 -21.32 -28.45
CA PHE A 565 -2.09 -21.67 -29.85
C PHE A 565 -3.00 -22.84 -30.22
N GLN A 566 -3.13 -23.77 -29.28
CA GLN A 566 -3.95 -24.96 -29.49
C GLN A 566 -5.44 -24.75 -29.17
N PHE A 567 -5.76 -23.95 -28.15
CA PHE A 567 -7.17 -23.78 -27.78
C PHE A 567 -7.78 -22.39 -27.96
N GLY A 568 -6.95 -21.38 -28.18
CA GLY A 568 -7.49 -20.04 -28.34
C GLY A 568 -7.38 -19.54 -29.76
N GLU A 569 -7.55 -18.24 -29.95
CA GLU A 569 -7.48 -17.62 -31.26
C GLU A 569 -6.78 -16.26 -31.15
N VAL A 570 -6.08 -15.84 -32.19
CA VAL A 570 -5.47 -14.53 -32.16
C VAL A 570 -6.56 -13.52 -32.47
N GLY A 571 -7.48 -13.92 -33.34
CA GLY A 571 -8.52 -13.01 -33.77
C GLY A 571 -8.06 -12.33 -35.05
N ASP A 572 -7.54 -11.11 -34.93
CA ASP A 572 -7.08 -10.35 -36.09
C ASP A 572 -5.57 -10.08 -36.06
N ILE A 573 -4.82 -10.94 -36.73
CA ILE A 573 -3.36 -10.83 -36.78
C ILE A 573 -2.85 -9.47 -37.24
N PHE A 574 -3.69 -8.74 -37.98
CA PHE A 574 -3.28 -7.42 -38.46
C PHE A 574 -2.81 -6.48 -37.36
N TYR A 575 -3.45 -6.55 -36.20
CA TYR A 575 -3.15 -5.63 -35.09
C TYR A 575 -1.92 -5.91 -34.21
N ILE A 576 -1.27 -7.04 -34.43
CA ILE A 576 -0.06 -7.37 -33.68
C ILE A 576 1.10 -6.65 -34.37
N LYS A 577 1.82 -5.86 -33.61
CA LYS A 577 2.95 -5.10 -34.14
C LYS A 577 4.25 -5.89 -34.07
N ASP A 578 4.54 -6.48 -32.91
CA ASP A 578 5.75 -7.28 -32.77
C ASP A 578 5.67 -8.24 -31.60
N VAL A 579 6.52 -9.25 -31.64
CA VAL A 579 6.56 -10.29 -30.63
C VAL A 579 7.97 -10.53 -30.15
N VAL A 580 8.11 -10.62 -28.84
CA VAL A 580 9.39 -10.90 -28.23
C VAL A 580 9.25 -12.10 -27.30
N GLY A 581 10.17 -13.06 -27.43
CA GLY A 581 10.16 -14.21 -26.54
C GLY A 581 9.04 -15.22 -26.64
N VAL A 582 8.43 -15.33 -27.81
CA VAL A 582 7.36 -16.29 -28.03
C VAL A 582 7.67 -16.91 -29.38
N LYS A 583 8.01 -18.19 -29.39
CA LYS A 583 8.38 -18.86 -30.64
C LYS A 583 7.57 -20.13 -30.92
N ALA A 584 7.48 -20.47 -32.20
CA ALA A 584 6.78 -21.70 -32.64
C ALA A 584 7.49 -22.23 -33.88
N ASP A 585 7.63 -23.55 -33.97
CA ASP A 585 8.34 -24.15 -35.11
C ASP A 585 7.59 -24.17 -36.43
N THR A 586 6.27 -24.32 -36.39
CA THR A 586 5.50 -24.47 -37.62
C THR A 586 4.19 -23.72 -37.72
N LEU A 587 3.92 -23.22 -38.92
CA LEU A 587 2.69 -22.52 -39.24
C LEU A 587 1.90 -23.48 -40.13
N TYR A 588 0.67 -23.78 -39.72
CA TYR A 588 -0.19 -24.72 -40.44
C TYR A 588 -1.30 -24.04 -41.24
N ILE A 589 -1.42 -24.39 -42.52
CA ILE A 589 -2.43 -23.81 -43.41
C ILE A 589 -3.38 -24.89 -43.93
N ASP A 590 -4.67 -24.59 -43.92
CA ASP A 590 -5.70 -25.51 -44.40
C ASP A 590 -6.76 -24.71 -45.14
N PRO A 591 -6.66 -24.65 -46.48
CA PRO A 591 -7.60 -23.88 -47.29
C PRO A 591 -9.03 -24.44 -47.26
N VAL A 592 -9.19 -25.64 -46.73
CA VAL A 592 -10.51 -26.26 -46.65
C VAL A 592 -11.15 -26.11 -45.28
N ASN A 593 -10.41 -26.48 -44.23
CA ASN A 593 -10.93 -26.46 -42.86
C ASN A 593 -10.32 -25.41 -41.93
N GLY A 594 -9.38 -24.61 -42.42
CA GLY A 594 -8.73 -23.62 -41.59
C GLY A 594 -9.62 -22.46 -41.17
N ASN A 595 -9.16 -21.67 -40.21
CA ASN A 595 -9.90 -20.52 -39.72
C ASN A 595 -8.90 -19.40 -39.51
N ASN A 596 -9.14 -18.25 -40.12
CA ASN A 596 -8.19 -17.14 -39.98
C ASN A 596 -8.09 -16.53 -38.59
N TYR A 597 -9.01 -16.92 -37.70
CA TYR A 597 -8.99 -16.44 -36.32
C TYR A 597 -7.90 -17.16 -35.55
N ASN A 598 -7.53 -18.35 -36.02
CA ASN A 598 -6.51 -19.13 -35.35
C ASN A 598 -5.13 -18.50 -35.43
N TRP A 599 -4.27 -18.94 -34.50
CA TRP A 599 -2.90 -18.50 -34.46
C TRP A 599 -2.23 -19.16 -35.66
N GLY A 600 -2.51 -20.44 -35.85
CA GLY A 600 -1.96 -21.20 -36.97
C GLY A 600 -0.70 -21.96 -36.60
N THR A 601 -0.18 -21.69 -35.40
CA THR A 601 1.05 -22.34 -34.94
C THR A 601 0.85 -23.71 -34.29
N ASN A 602 -0.39 -24.18 -34.22
CA ASN A 602 -0.68 -25.50 -33.68
C ASN A 602 -1.45 -26.28 -34.75
N GLY A 603 -1.03 -27.53 -34.97
CA GLY A 603 -1.62 -28.38 -35.99
C GLY A 603 -3.13 -28.58 -35.94
N THR A 604 -3.72 -28.50 -34.76
CA THR A 604 -5.16 -28.70 -34.63
C THR A 604 -5.94 -27.43 -34.92
N LYS A 605 -5.24 -26.31 -35.04
CA LYS A 605 -5.89 -25.02 -35.34
C LYS A 605 -5.17 -24.24 -36.43
N PRO A 606 -5.23 -24.73 -37.67
CA PRO A 606 -4.55 -24.02 -38.76
C PRO A 606 -5.35 -22.83 -39.24
N ILE A 607 -4.68 -21.88 -39.89
CA ILE A 607 -5.33 -20.73 -40.48
C ILE A 607 -5.81 -21.19 -41.88
N ARG A 608 -6.46 -20.29 -42.61
CA ARG A 608 -7.02 -20.64 -43.92
C ARG A 608 -6.33 -20.08 -45.15
N GLU A 609 -5.86 -18.83 -45.09
CA GLU A 609 -5.25 -18.19 -46.24
C GLU A 609 -3.75 -17.93 -46.07
N LEU A 610 -3.11 -17.54 -47.18
CA LEU A 610 -1.67 -17.30 -47.21
C LEU A 610 -1.29 -15.85 -47.00
N THR A 611 -2.28 -14.98 -47.01
CA THR A 611 -2.08 -13.54 -46.88
C THR A 611 -1.03 -13.09 -45.88
N ASN A 612 -1.11 -13.59 -44.66
CA ASN A 612 -0.18 -13.18 -43.60
C ASN A 612 0.84 -14.21 -43.20
N ILE A 613 1.12 -15.20 -44.04
CA ILE A 613 2.07 -16.21 -43.60
C ILE A 613 3.49 -15.67 -43.33
N ALA A 614 3.96 -14.75 -44.15
CA ALA A 614 5.29 -14.17 -43.93
C ALA A 614 5.32 -13.42 -42.59
N LYS A 615 4.30 -12.60 -42.35
CA LYS A 615 4.21 -11.84 -41.11
C LYS A 615 4.23 -12.79 -39.92
N ILE A 616 3.35 -13.80 -39.97
CA ILE A 616 3.27 -14.75 -38.87
C ILE A 616 4.58 -15.48 -38.61
N CYS A 617 5.25 -15.95 -39.67
CA CYS A 617 6.52 -16.65 -39.49
C CYS A 617 7.58 -15.69 -38.93
N GLN A 618 7.55 -14.43 -39.35
CA GLN A 618 8.50 -13.44 -38.83
C GLN A 618 8.27 -13.24 -37.31
N LEU A 619 7.01 -13.12 -36.92
CA LEU A 619 6.67 -12.90 -35.51
C LEU A 619 7.11 -14.03 -34.58
N PHE A 620 6.77 -15.27 -34.94
CA PHE A 620 7.07 -16.42 -34.10
C PHE A 620 8.30 -17.25 -34.50
N ARG A 621 9.07 -16.75 -35.47
CA ARG A 621 10.30 -17.42 -35.92
C ARG A 621 10.09 -18.84 -36.43
N CYS A 622 8.99 -19.08 -37.13
CA CYS A 622 8.68 -20.42 -37.65
C CYS A 622 9.76 -20.92 -38.61
N LYS A 623 10.06 -22.21 -38.51
CA LYS A 623 11.07 -22.83 -39.35
C LYS A 623 10.43 -23.50 -40.57
N SER A 624 9.12 -23.72 -40.49
CA SER A 624 8.43 -24.35 -41.61
C SER A 624 6.93 -24.04 -41.66
N VAL A 625 6.36 -24.25 -42.85
CA VAL A 625 4.94 -24.05 -43.11
C VAL A 625 4.39 -25.36 -43.63
N TYR A 626 3.30 -25.82 -43.04
CA TYR A 626 2.68 -27.07 -43.47
C TYR A 626 1.38 -26.79 -44.22
N LEU A 627 1.31 -27.27 -45.45
CA LEU A 627 0.14 -27.07 -46.29
C LEU A 627 -0.72 -28.32 -46.27
N ASN A 628 -1.89 -28.22 -45.65
CA ASN A 628 -2.80 -29.35 -45.62
C ASN A 628 -3.38 -29.51 -47.03
N ALA A 629 -3.97 -30.66 -47.31
CA ALA A 629 -4.53 -30.97 -48.62
C ALA A 629 -5.43 -29.86 -49.14
N GLY A 630 -5.36 -29.64 -50.44
CA GLY A 630 -6.14 -28.60 -51.08
C GLY A 630 -5.22 -27.58 -51.71
N GLU A 631 -5.79 -26.67 -52.48
CA GLU A 631 -5.02 -25.63 -53.14
C GLU A 631 -4.99 -24.34 -52.34
N SER A 632 -3.81 -23.90 -51.92
CA SER A 632 -3.68 -22.63 -51.21
C SER A 632 -3.41 -21.63 -52.32
N VAL A 633 -4.26 -20.63 -52.45
CA VAL A 633 -4.17 -19.69 -53.55
C VAL A 633 -4.02 -18.20 -53.18
N ILE A 634 -3.46 -17.41 -54.09
CA ILE A 634 -3.34 -15.97 -53.93
C ILE A 634 -3.87 -15.34 -55.22
N THR A 635 -4.43 -14.13 -55.12
CA THR A 635 -4.94 -13.44 -56.30
C THR A 635 -4.24 -12.09 -56.47
N SER A 636 -3.31 -11.81 -55.57
CA SER A 636 -2.52 -10.60 -55.62
C SER A 636 -1.16 -10.96 -55.06
N ASN A 637 -0.13 -10.20 -55.43
CA ASN A 637 1.24 -10.47 -55.00
C ASN A 637 1.37 -10.66 -53.49
N THR A 638 1.88 -11.83 -53.11
CA THR A 638 2.01 -12.21 -51.71
C THR A 638 3.39 -12.73 -51.34
N GLU A 639 3.94 -12.23 -50.23
CA GLU A 639 5.24 -12.63 -49.77
C GLU A 639 5.24 -14.02 -49.15
N LEU A 640 6.29 -14.78 -49.44
CA LEU A 640 6.48 -16.11 -48.88
C LEU A 640 7.71 -15.99 -47.98
N PRO A 641 7.64 -16.53 -46.75
CA PRO A 641 8.78 -16.51 -45.83
C PRO A 641 9.85 -17.49 -46.34
N MET A 642 11.11 -17.23 -46.04
CA MET A 642 12.19 -18.12 -46.49
C MET A 642 12.31 -19.32 -45.58
N VAL A 643 11.36 -20.25 -45.72
CA VAL A 643 11.32 -21.43 -44.88
C VAL A 643 11.03 -22.70 -45.68
N VAL A 644 10.91 -23.81 -44.96
CA VAL A 644 10.59 -25.08 -45.60
C VAL A 644 9.07 -25.26 -45.67
N PHE A 645 8.56 -25.43 -46.88
CA PHE A 645 7.13 -25.68 -47.10
C PHE A 645 6.99 -27.18 -47.35
N GLU A 646 6.07 -27.82 -46.62
CA GLU A 646 5.85 -29.25 -46.74
C GLU A 646 4.35 -29.57 -46.62
N GLY A 647 3.99 -30.84 -46.83
CA GLY A 647 2.60 -31.26 -46.75
C GLY A 647 2.04 -31.60 -48.11
N PRO A 648 0.80 -32.12 -48.14
CA PRO A 648 0.16 -32.52 -49.40
C PRO A 648 -0.51 -31.40 -50.21
N GLY A 649 -0.56 -30.19 -49.67
CA GLY A 649 -1.19 -29.09 -50.37
C GLY A 649 -0.43 -28.56 -51.57
N SER A 650 -1.08 -27.67 -52.32
CA SER A 650 -0.44 -27.06 -53.48
C SER A 650 -0.53 -25.54 -53.36
N LEU A 651 0.37 -24.86 -54.07
CA LEU A 651 0.39 -23.40 -54.08
C LEU A 651 0.01 -22.96 -55.47
N LYS A 652 -0.86 -21.95 -55.55
CA LYS A 652 -1.32 -21.44 -56.83
C LYS A 652 -1.40 -19.92 -56.85
N ALA A 653 -0.81 -19.31 -57.86
CA ALA A 653 -0.88 -17.86 -58.02
C ALA A 653 -1.86 -17.58 -59.17
N ASN A 654 -3.00 -16.97 -58.82
CA ASN A 654 -4.02 -16.66 -59.82
C ASN A 654 -4.06 -15.16 -60.14
N SER A 655 -4.86 -14.81 -61.14
CA SER A 655 -5.03 -13.43 -61.59
C SER A 655 -3.74 -12.76 -62.02
N GLY A 656 -2.80 -13.55 -62.50
CA GLY A 656 -1.53 -13.02 -62.98
C GLY A 656 -0.61 -12.54 -61.87
N SER A 657 -0.90 -12.96 -60.64
CA SER A 657 -0.09 -12.57 -59.49
C SER A 657 1.18 -13.41 -59.37
N SER A 658 2.06 -12.98 -58.48
CA SER A 658 3.33 -13.65 -58.23
C SER A 658 3.60 -13.81 -56.73
N PHE A 659 4.37 -14.84 -56.37
CA PHE A 659 4.75 -15.01 -54.99
C PHE A 659 5.96 -14.10 -54.83
N LEU A 660 6.05 -13.42 -53.68
CA LEU A 660 7.16 -12.50 -53.47
C LEU A 660 8.23 -12.98 -52.49
N ILE A 661 9.49 -12.78 -52.87
CA ILE A 661 10.63 -13.11 -52.03
C ILE A 661 11.31 -11.77 -51.71
N LYS A 662 11.21 -11.35 -50.45
CA LYS A 662 11.75 -10.06 -50.04
C LYS A 662 12.87 -10.17 -49.03
N ALA A 663 13.32 -11.39 -48.76
CA ALA A 663 14.36 -11.58 -47.78
C ALA A 663 15.32 -12.66 -48.23
N GLY A 664 16.56 -12.57 -47.76
CA GLY A 664 17.57 -13.56 -48.09
C GLY A 664 17.27 -14.84 -47.35
N GLY A 665 17.91 -15.93 -47.77
CA GLY A 665 17.75 -17.20 -47.14
C GLY A 665 17.43 -18.28 -48.15
N THR A 666 16.78 -19.34 -47.68
CA THR A 666 16.42 -20.44 -48.56
C THR A 666 14.93 -20.73 -48.46
N LEU A 667 14.26 -20.70 -49.61
CA LEU A 667 12.85 -21.06 -49.68
C LEU A 667 12.83 -22.49 -50.21
N SER A 668 12.22 -23.42 -49.47
CA SER A 668 12.13 -24.80 -49.92
C SER A 668 10.69 -25.28 -50.02
N LEU A 669 10.35 -25.88 -51.15
CA LEU A 669 9.03 -26.48 -51.38
C LEU A 669 9.33 -27.97 -51.50
N ILE A 670 9.03 -28.72 -50.44
CA ILE A 670 9.35 -30.13 -50.40
C ILE A 670 8.17 -31.10 -50.34
N GLY A 671 7.94 -31.83 -51.43
CA GLY A 671 6.88 -32.80 -51.49
C GLY A 671 5.46 -32.26 -51.58
N LEU A 672 5.33 -30.97 -51.91
CA LEU A 672 4.01 -30.38 -52.08
C LEU A 672 3.35 -31.03 -53.30
N SER A 673 2.06 -30.79 -53.50
CA SER A 673 1.38 -31.36 -54.67
C SER A 673 1.69 -30.54 -55.91
N GLY A 674 2.53 -29.53 -55.75
CA GLY A 674 2.95 -28.68 -56.84
C GLY A 674 2.72 -27.21 -56.60
N ILE A 675 3.36 -26.39 -57.43
CA ILE A 675 3.20 -24.94 -57.40
C ILE A 675 3.12 -24.45 -58.84
N SER A 676 2.15 -23.59 -59.11
CA SER A 676 1.96 -23.07 -60.45
C SER A 676 1.31 -21.70 -60.45
N THR A 677 1.28 -21.04 -61.60
CA THR A 677 0.64 -19.73 -61.73
C THR A 677 -0.21 -19.73 -62.98
N ASP A 678 -1.16 -18.79 -63.09
CA ASP A 678 -2.00 -18.72 -64.26
C ASP A 678 -1.49 -17.69 -65.28
N GLY A 679 -0.18 -17.46 -65.29
CA GLY A 679 0.39 -16.53 -66.24
C GLY A 679 1.53 -15.65 -65.79
N GLY A 680 1.55 -15.30 -64.51
CA GLY A 680 2.61 -14.44 -64.01
C GLY A 680 3.86 -15.20 -63.61
N HIS A 681 4.94 -14.47 -63.39
CA HIS A 681 6.19 -15.08 -62.94
C HIS A 681 5.95 -15.68 -61.57
N MET A 682 6.50 -16.87 -61.32
CA MET A 682 6.28 -17.53 -60.05
C MET A 682 6.86 -16.80 -58.83
N PHE A 683 8.17 -16.53 -58.86
CA PHE A 683 8.80 -15.82 -57.76
C PHE A 683 9.42 -14.49 -58.21
N ARG A 684 8.95 -13.40 -57.62
CA ARG A 684 9.48 -12.07 -57.90
C ARG A 684 10.41 -11.71 -56.74
N VAL A 685 11.70 -11.57 -57.05
CA VAL A 685 12.72 -11.28 -56.05
C VAL A 685 13.03 -9.79 -55.97
N SER A 686 12.84 -9.21 -54.79
CA SER A 686 13.07 -7.78 -54.59
C SER A 686 14.16 -7.50 -53.56
N THR A 687 14.93 -8.54 -53.22
CA THR A 687 16.02 -8.38 -52.29
C THR A 687 17.34 -8.63 -52.99
N VAL A 688 18.37 -7.90 -52.58
CA VAL A 688 19.69 -8.03 -53.18
C VAL A 688 20.51 -9.02 -52.38
N GLU A 689 19.91 -9.58 -51.34
CA GLU A 689 20.62 -10.54 -50.54
C GLU A 689 20.60 -11.90 -51.22
N LYS A 690 21.50 -12.79 -50.81
CA LYS A 690 21.56 -14.12 -51.39
C LYS A 690 20.26 -14.88 -51.20
N VAL A 691 19.66 -15.27 -52.31
CA VAL A 691 18.42 -16.02 -52.30
C VAL A 691 18.61 -17.44 -52.85
N ASN A 692 18.18 -18.44 -52.09
CA ASN A 692 18.22 -19.83 -52.54
C ASN A 692 16.80 -20.31 -52.70
N ILE A 693 16.47 -20.89 -53.87
CA ILE A 693 15.14 -21.42 -54.13
C ILE A 693 15.32 -22.92 -54.42
N HIS A 694 14.72 -23.73 -53.56
CA HIS A 694 14.84 -25.18 -53.62
C HIS A 694 13.47 -25.82 -53.80
N THR A 695 13.20 -26.24 -55.04
CA THR A 695 11.91 -26.83 -55.38
C THR A 695 12.00 -28.33 -55.63
N ASN A 696 11.39 -29.09 -54.73
CA ASN A 696 11.36 -30.55 -54.76
C ASN A 696 9.90 -30.98 -54.84
N CYS A 697 9.25 -30.48 -55.88
CA CYS A 697 7.84 -30.72 -56.15
C CYS A 697 7.63 -30.26 -57.59
N SER A 698 6.43 -30.47 -58.12
CA SER A 698 6.13 -30.05 -59.48
C SER A 698 6.07 -28.52 -59.57
N VAL A 699 6.66 -27.95 -60.61
CA VAL A 699 6.70 -26.51 -60.81
C VAL A 699 6.24 -26.12 -62.23
N ASN A 700 5.19 -25.30 -62.32
CA ASN A 700 4.72 -24.85 -63.63
C ASN A 700 4.48 -23.35 -63.68
N ALA A 701 5.37 -22.66 -64.37
CA ALA A 701 5.24 -21.23 -64.51
C ALA A 701 4.67 -20.90 -65.90
N GLY A 702 4.31 -21.95 -66.64
CA GLY A 702 3.77 -21.79 -67.98
C GLY A 702 4.69 -20.99 -68.89
N ALA A 703 4.17 -19.91 -69.48
CA ALA A 703 4.99 -19.07 -70.36
C ALA A 703 5.89 -18.10 -69.59
N ALA A 704 5.70 -18.01 -68.29
CA ALA A 704 6.49 -17.10 -67.46
C ALA A 704 7.78 -17.76 -66.94
N TYR A 705 8.51 -17.03 -66.11
CA TYR A 705 9.75 -17.53 -65.54
C TYR A 705 9.49 -18.11 -64.15
N VAL A 706 10.36 -19.00 -63.69
CA VAL A 706 10.22 -19.52 -62.34
C VAL A 706 10.65 -18.38 -61.43
N VAL A 707 11.74 -17.72 -61.79
CA VAL A 707 12.27 -16.60 -61.01
C VAL A 707 12.50 -15.33 -61.81
N LEU A 708 11.99 -14.21 -61.29
CA LEU A 708 12.22 -12.92 -61.91
C LEU A 708 12.84 -11.99 -60.86
N SER A 709 14.06 -11.55 -61.10
CA SER A 709 14.72 -10.63 -60.18
C SER A 709 14.38 -9.19 -60.56
N GLU A 710 13.79 -8.47 -59.62
CA GLU A 710 13.42 -7.06 -59.82
C GLU A 710 14.54 -6.14 -59.42
N VAL A 711 15.65 -6.72 -58.96
CA VAL A 711 16.79 -5.93 -58.51
C VAL A 711 18.06 -6.54 -59.08
N GLN A 712 19.21 -6.02 -58.68
CA GLN A 712 20.47 -6.59 -59.10
C GLN A 712 20.65 -7.72 -58.09
N GLY A 713 20.07 -8.88 -58.42
CA GLY A 713 20.07 -10.00 -57.51
C GLY A 713 21.24 -10.97 -57.49
N ASN A 714 21.13 -11.91 -56.55
CA ASN A 714 22.12 -12.94 -56.31
C ASN A 714 21.28 -14.16 -55.93
N ILE A 715 20.98 -15.00 -56.93
CA ILE A 715 20.10 -16.15 -56.73
C ILE A 715 20.67 -17.52 -57.10
N GLU A 716 20.30 -18.55 -56.35
CA GLU A 716 20.70 -19.92 -56.67
C GLU A 716 19.39 -20.70 -56.69
N TYR A 717 19.09 -21.34 -57.82
CA TYR A 717 17.86 -22.08 -57.96
C TYR A 717 18.17 -23.54 -58.18
N ARG A 718 17.44 -24.43 -57.51
CA ARG A 718 17.66 -25.86 -57.71
C ARG A 718 16.35 -26.65 -57.73
N GLN A 719 16.13 -27.34 -58.85
CA GLN A 719 14.94 -28.16 -59.05
C GLN A 719 15.29 -29.62 -58.87
N LEU A 720 14.59 -30.28 -57.96
CA LEU A 720 14.89 -31.68 -57.69
C LEU A 720 13.76 -32.64 -58.01
N PHE A 721 13.93 -33.34 -59.13
CA PHE A 721 12.97 -34.32 -59.62
C PHE A 721 11.61 -33.71 -59.98
N TYR A 722 10.56 -34.51 -59.87
CA TYR A 722 9.22 -34.07 -60.24
C TYR A 722 9.30 -33.47 -61.64
N SER A 723 8.80 -32.25 -61.82
CA SER A 723 8.83 -31.64 -63.13
C SER A 723 8.87 -30.13 -63.08
N VAL A 724 9.36 -29.53 -64.16
CA VAL A 724 9.42 -28.08 -64.22
C VAL A 724 9.10 -27.58 -65.63
N ASN A 725 8.35 -26.48 -65.69
CA ASN A 725 7.98 -25.85 -66.94
C ASN A 725 8.00 -24.35 -66.75
N CYS A 726 8.55 -23.65 -67.75
CA CYS A 726 8.70 -22.20 -67.74
C CYS A 726 9.36 -21.81 -69.07
N SER A 727 9.38 -20.52 -69.40
CA SER A 727 10.04 -20.08 -70.64
C SER A 727 11.53 -19.89 -70.35
N LYS A 728 11.84 -19.43 -69.14
CA LYS A 728 13.21 -19.26 -68.67
C LYS A 728 13.14 -19.59 -67.19
N TYR A 729 14.17 -20.25 -66.66
CA TYR A 729 14.20 -20.57 -65.23
C TYR A 729 14.34 -19.32 -64.40
N ILE A 730 15.28 -18.47 -64.79
CA ILE A 730 15.56 -17.22 -64.09
C ILE A 730 15.70 -16.07 -65.07
N GLY A 731 15.11 -14.92 -64.73
CA GLY A 731 15.21 -13.73 -65.55
C GLY A 731 15.35 -12.50 -64.66
N ALA A 732 15.56 -11.34 -65.24
CA ALA A 732 15.70 -10.11 -64.48
C ALA A 732 15.16 -8.91 -65.25
N THR A 733 14.58 -7.94 -64.55
CA THR A 733 14.01 -6.78 -65.21
C THR A 733 15.07 -5.85 -65.81
N ALA A 734 16.30 -5.88 -65.31
CA ALA A 734 17.33 -4.99 -65.83
C ALA A 734 18.78 -5.40 -65.49
N GLY A 735 19.56 -4.42 -65.05
CA GLY A 735 20.96 -4.58 -64.68
C GLY A 735 21.35 -5.90 -64.04
N GLN A 736 22.19 -6.64 -64.76
CA GLN A 736 22.70 -7.96 -64.39
C GLN A 736 22.49 -8.53 -62.98
N THR A 737 21.96 -9.75 -62.96
CA THR A 737 21.72 -10.49 -61.73
C THR A 737 22.53 -11.77 -61.82
N ILE A 738 23.33 -12.06 -60.81
CA ILE A 738 24.12 -13.29 -60.82
C ILE A 738 23.29 -14.46 -60.32
N ALA A 739 23.42 -15.61 -60.97
CA ALA A 739 22.68 -16.79 -60.54
C ALA A 739 23.42 -18.09 -60.79
N GLY A 740 23.08 -19.10 -60.00
CA GLY A 740 23.59 -20.44 -60.16
C GLY A 740 22.37 -21.34 -60.35
N ILE A 741 22.48 -22.37 -61.16
CA ILE A 741 21.31 -23.20 -61.38
C ILE A 741 21.57 -24.70 -61.49
N MET A 742 20.69 -25.48 -60.87
CA MET A 742 20.74 -26.93 -60.99
C MET A 742 19.34 -27.39 -61.29
N VAL A 743 19.19 -28.17 -62.35
CA VAL A 743 17.89 -28.70 -62.70
C VAL A 743 18.10 -30.19 -62.89
N LYS A 744 17.60 -30.97 -61.95
CA LYS A 744 17.76 -32.41 -62.01
C LYS A 744 16.42 -33.13 -62.16
N THR A 745 15.96 -33.20 -63.40
CA THR A 745 14.72 -33.90 -63.75
C THR A 745 14.67 -34.01 -65.27
N ALA A 746 14.15 -35.14 -65.75
CA ALA A 746 14.03 -35.37 -67.18
C ALA A 746 12.85 -34.57 -67.74
N THR A 747 11.88 -34.30 -66.88
CA THR A 747 10.69 -33.56 -67.28
C THR A 747 10.91 -32.06 -67.11
N ARG A 748 11.54 -31.46 -68.10
CA ARG A 748 11.87 -30.04 -68.07
C ARG A 748 11.85 -29.52 -69.51
N PRO A 749 11.86 -28.19 -69.71
CA PRO A 749 11.87 -27.69 -71.08
C PRO A 749 13.28 -27.81 -71.63
N THR A 750 13.56 -28.92 -72.29
CA THR A 750 14.87 -29.22 -72.86
C THR A 750 15.40 -28.17 -73.85
N GLY A 751 14.49 -27.47 -74.52
CA GLY A 751 14.87 -26.44 -75.46
C GLY A 751 15.67 -25.29 -74.85
N ILE A 752 15.54 -25.08 -73.55
CA ILE A 752 16.31 -24.00 -72.90
C ILE A 752 17.54 -24.50 -72.13
N ASP A 753 17.95 -25.73 -72.38
CA ASP A 753 19.14 -26.28 -71.74
C ASP A 753 20.36 -25.43 -72.04
N ALA A 754 20.46 -24.97 -73.28
CA ALA A 754 21.60 -24.16 -73.72
C ALA A 754 21.50 -22.71 -73.26
N ALA A 755 20.28 -22.24 -73.01
CA ALA A 755 20.05 -20.86 -72.56
C ALA A 755 18.98 -20.85 -71.48
N PRO A 756 19.33 -21.31 -70.26
CA PRO A 756 18.35 -21.43 -69.16
C PRO A 756 17.86 -20.13 -68.53
N VAL A 757 18.56 -19.03 -68.78
CA VAL A 757 18.17 -17.75 -68.19
C VAL A 757 18.16 -16.66 -69.26
N ASP A 758 17.48 -15.56 -68.98
CA ASP A 758 17.44 -14.45 -69.93
C ASP A 758 18.79 -13.74 -69.97
N GLY A 759 18.91 -12.71 -70.80
CA GLY A 759 20.17 -11.98 -70.95
C GLY A 759 20.59 -11.11 -69.79
N ASN A 760 19.67 -10.86 -68.86
CA ASN A 760 19.96 -10.03 -67.69
C ASN A 760 20.53 -10.82 -66.52
N VAL A 761 20.73 -12.11 -66.73
CA VAL A 761 21.27 -12.99 -65.70
C VAL A 761 22.58 -13.61 -66.19
N SER A 762 23.62 -13.57 -65.34
CA SER A 762 24.90 -14.18 -65.69
C SER A 762 25.04 -15.36 -64.75
N LEU A 763 25.44 -16.51 -65.29
CA LEU A 763 25.55 -17.74 -64.49
C LEU A 763 26.89 -17.95 -63.80
N THR A 764 26.83 -18.44 -62.56
CA THR A 764 28.00 -18.75 -61.76
C THR A 764 28.31 -20.23 -61.91
N TYR A 765 27.26 -21.03 -62.13
CA TYR A 765 27.39 -22.46 -62.39
C TYR A 765 26.11 -22.92 -63.06
N LYS A 766 26.19 -24.03 -63.78
CA LYS A 766 25.02 -24.58 -64.45
C LYS A 766 25.12 -26.09 -64.45
N ILE A 767 24.24 -26.73 -63.69
CA ILE A 767 24.23 -28.17 -63.57
C ILE A 767 22.92 -28.73 -64.12
N ILE A 768 22.97 -29.15 -65.38
CA ILE A 768 21.82 -29.71 -66.10
C ILE A 768 22.33 -30.91 -66.89
N GLU A 769 21.58 -32.02 -66.88
CA GLU A 769 21.97 -33.27 -67.56
C GLU A 769 23.08 -33.99 -66.80
N GLY B 14 -42.30 29.22 73.98
CA GLY B 14 -42.62 28.14 73.06
C GLY B 14 -42.41 28.60 71.62
N ILE B 15 -43.12 29.66 71.26
CA ILE B 15 -43.03 30.21 69.91
C ILE B 15 -41.66 30.84 69.65
N LEU B 16 -41.17 31.60 70.62
CA LEU B 16 -39.88 32.26 70.47
C LEU B 16 -38.71 31.29 70.31
N THR B 17 -38.72 30.20 71.05
CA THR B 17 -37.62 29.24 70.93
C THR B 17 -37.70 28.51 69.60
N ASN B 18 -38.93 28.29 69.11
CA ASN B 18 -39.10 27.64 67.84
C ASN B 18 -38.59 28.53 66.71
N LYS B 19 -38.92 29.81 66.79
CA LYS B 19 -38.45 30.77 65.79
C LYS B 19 -36.93 30.77 65.79
N GLN B 20 -36.33 30.61 66.97
CA GLN B 20 -34.87 30.56 67.09
C GLN B 20 -34.36 29.33 66.36
N ALA B 21 -34.95 28.18 66.67
CA ALA B 21 -34.59 26.91 66.05
C ALA B 21 -34.67 27.01 64.52
N VAL B 22 -35.82 27.46 64.03
CA VAL B 22 -36.04 27.60 62.60
C VAL B 22 -35.07 28.60 61.97
N ALA B 23 -34.86 29.73 62.65
CA ALA B 23 -33.94 30.75 62.13
C ALA B 23 -32.51 30.25 62.00
N ARG B 24 -32.03 29.49 62.99
CA ARG B 24 -30.66 28.95 62.91
C ARG B 24 -30.54 27.89 61.81
N HIS B 25 -31.63 27.19 61.52
CA HIS B 25 -31.64 26.17 60.50
C HIS B 25 -31.47 26.81 59.12
N PHE B 26 -32.18 27.92 58.90
CA PHE B 26 -32.15 28.62 57.63
C PHE B 26 -31.09 29.72 57.55
N GLY B 27 -30.57 30.14 58.68
CA GLY B 27 -29.56 31.19 58.70
C GLY B 27 -30.13 32.59 58.59
N VAL B 28 -31.32 32.80 59.14
CA VAL B 28 -31.95 34.12 59.13
C VAL B 28 -32.13 34.62 60.56
N LYS B 29 -32.61 35.84 60.71
CA LYS B 29 -32.83 36.40 62.03
C LYS B 29 -34.13 35.84 62.61
N GLN B 30 -34.17 35.73 63.93
CA GLN B 30 -35.34 35.21 64.61
C GLN B 30 -36.62 35.98 64.25
N SER B 31 -36.49 37.29 64.05
CA SER B 31 -37.61 38.15 63.71
C SER B 31 -38.03 38.03 62.26
N GLU B 32 -37.27 37.27 61.47
CA GLU B 32 -37.58 37.10 60.05
C GLU B 32 -38.37 35.81 59.80
N VAL B 33 -38.77 35.15 60.88
CA VAL B 33 -39.57 33.94 60.82
C VAL B 33 -41.01 34.24 61.24
N VAL B 34 -41.98 33.89 60.39
CA VAL B 34 -43.39 34.12 60.70
C VAL B 34 -44.19 32.81 60.74
N TYR B 35 -45.16 32.73 61.65
CA TYR B 35 -46.00 31.55 61.74
C TYR B 35 -47.17 31.80 60.81
N PHE B 36 -47.62 30.78 60.10
CA PHE B 36 -48.78 30.98 59.25
C PHE B 36 -50.05 30.96 60.09
N SER B 37 -50.95 31.87 59.78
CA SER B 37 -52.28 31.93 60.38
C SER B 37 -53.08 32.72 59.35
N VAL B 38 -54.38 32.49 59.29
CA VAL B 38 -55.22 33.23 58.34
C VAL B 38 -55.15 34.71 58.65
N GLY B 39 -54.81 35.51 57.66
CA GLY B 39 -54.74 36.95 57.83
C GLY B 39 -53.39 37.52 58.23
N VAL B 40 -52.44 36.67 58.60
CA VAL B 40 -51.13 37.16 59.03
C VAL B 40 -50.44 37.97 57.94
N ASP B 41 -49.84 39.11 58.31
CA ASP B 41 -49.15 39.93 57.34
C ASP B 41 -47.81 39.28 57.04
N LEU B 42 -47.52 39.07 55.76
CA LEU B 42 -46.30 38.38 55.31
C LEU B 42 -45.13 39.28 54.88
N GLY B 43 -45.36 40.60 54.84
CA GLY B 43 -44.30 41.49 54.42
C GLY B 43 -43.02 41.40 55.24
N GLY B 44 -41.88 41.38 54.53
CA GLY B 44 -40.58 41.36 55.17
C GLY B 44 -40.02 40.08 55.75
N TYR B 45 -40.85 39.06 55.96
CA TYR B 45 -40.35 37.82 56.52
C TYR B 45 -39.59 37.01 55.47
N LYS B 46 -38.63 36.21 55.93
CA LYS B 46 -37.83 35.37 55.03
C LYS B 46 -38.25 33.89 55.07
N VAL B 47 -38.81 33.47 56.20
CA VAL B 47 -39.22 32.09 56.40
C VAL B 47 -40.61 32.00 57.05
N ILE B 48 -41.44 31.07 56.57
CA ILE B 48 -42.76 30.87 57.17
C ILE B 48 -42.84 29.47 57.80
N TYR B 49 -43.49 29.38 58.97
CA TYR B 49 -43.63 28.11 59.68
C TYR B 49 -45.09 27.66 59.78
N ASP B 50 -45.35 26.40 59.48
CA ASP B 50 -46.70 25.83 59.53
C ASP B 50 -46.79 25.06 60.84
N LYS B 51 -47.48 25.60 61.84
CA LYS B 51 -47.55 24.92 63.14
C LYS B 51 -48.25 23.56 63.09
N GLU B 52 -49.06 23.34 62.06
CA GLU B 52 -49.77 22.06 61.96
C GLU B 52 -48.86 20.92 61.48
N THR B 53 -48.18 21.15 60.36
CA THR B 53 -47.31 20.12 59.81
C THR B 53 -45.93 20.19 60.45
N GLN B 54 -45.69 21.28 61.18
CA GLN B 54 -44.40 21.54 61.83
C GLN B 54 -43.27 21.59 60.79
N ARG B 55 -43.52 22.25 59.67
CA ARG B 55 -42.55 22.41 58.59
C ARG B 55 -42.35 23.90 58.31
N ALA B 56 -41.16 24.27 57.86
CA ALA B 56 -40.84 25.66 57.57
C ALA B 56 -40.37 25.77 56.13
N TYR B 57 -40.59 26.94 55.55
CA TYR B 57 -40.23 27.18 54.16
C TYR B 57 -39.72 28.59 53.93
N SER B 58 -38.69 28.75 53.11
CA SER B 58 -38.22 30.08 52.77
C SER B 58 -39.37 30.72 51.98
N LEU B 59 -39.59 32.02 52.17
CA LEU B 59 -40.65 32.72 51.46
C LEU B 59 -40.06 33.35 50.20
N PRO B 60 -40.88 33.45 49.14
CA PRO B 60 -40.34 34.10 47.95
C PRO B 60 -40.06 35.56 48.31
N VAL B 61 -39.01 36.11 47.75
CA VAL B 61 -38.64 37.48 48.06
C VAL B 61 -39.61 38.45 47.39
N GLY B 62 -39.73 39.66 47.95
CA GLY B 62 -40.60 40.68 47.37
C GLY B 62 -42.05 40.70 47.79
N ILE B 63 -42.40 40.10 48.92
CA ILE B 63 -43.79 40.15 49.38
C ILE B 63 -43.91 41.46 50.15
N ALA B 64 -44.71 42.39 49.63
CA ALA B 64 -44.87 43.71 50.26
C ALA B 64 -45.62 43.71 51.58
N SER B 65 -45.30 44.70 52.42
CA SER B 65 -45.99 44.89 53.70
C SER B 65 -47.44 45.11 53.31
N GLY B 66 -48.38 44.57 54.06
CA GLY B 66 -49.79 44.70 53.69
C GLY B 66 -50.36 43.50 52.95
N THR B 67 -49.48 42.57 52.57
CA THR B 67 -49.94 41.34 51.90
C THR B 67 -50.21 40.32 53.01
N THR B 68 -51.44 39.84 53.06
CA THR B 68 -51.85 38.91 54.12
C THR B 68 -52.10 37.49 53.62
N ALA B 69 -51.85 36.53 54.49
CA ALA B 69 -52.02 35.11 54.16
C ALA B 69 -53.48 34.71 54.12
N VAL B 70 -53.83 33.91 53.12
CA VAL B 70 -55.19 33.43 52.98
C VAL B 70 -55.27 31.95 53.38
N SER B 71 -54.38 31.13 52.81
CA SER B 71 -54.38 29.70 53.14
C SER B 71 -53.03 29.04 52.85
N LEU B 72 -52.78 27.95 53.56
CA LEU B 72 -51.55 27.16 53.41
C LEU B 72 -51.93 25.69 53.44
N SER B 73 -51.82 25.01 52.30
CA SER B 73 -52.20 23.60 52.22
C SER B 73 -51.13 22.66 52.73
N THR B 74 -51.50 21.39 52.87
CA THR B 74 -50.59 20.35 53.34
C THR B 74 -49.50 20.10 52.30
N ALA B 75 -49.73 20.56 51.07
CA ALA B 75 -48.75 20.44 49.99
C ALA B 75 -47.89 21.69 49.92
N ALA B 76 -48.00 22.52 50.96
CA ALA B 76 -47.25 23.77 51.08
C ALA B 76 -47.51 24.84 50.01
N VAL B 77 -48.74 24.87 49.48
CA VAL B 77 -49.08 25.91 48.52
C VAL B 77 -49.63 27.06 49.36
N LEU B 78 -48.99 28.22 49.26
CA LEU B 78 -49.40 29.38 50.02
C LEU B 78 -50.19 30.38 49.19
N VAL B 79 -51.40 30.68 49.62
CA VAL B 79 -52.22 31.67 48.94
C VAL B 79 -52.30 32.92 49.81
N HIS B 80 -51.97 34.07 49.23
CA HIS B 80 -52.02 35.33 49.96
C HIS B 80 -52.79 36.39 49.17
N SER B 81 -52.98 37.57 49.77
CA SER B 81 -53.74 38.65 49.13
C SER B 81 -53.20 39.09 47.77
N ALA B 82 -51.90 38.90 47.54
CA ALA B 82 -51.30 39.30 46.26
C ALA B 82 -51.07 38.18 45.25
N GLY B 83 -51.45 36.95 45.60
CA GLY B 83 -51.26 35.81 44.70
C GLY B 83 -51.04 34.48 45.41
N SER B 84 -50.20 33.63 44.83
CA SER B 84 -49.93 32.33 45.44
C SER B 84 -48.55 31.79 45.06
N VAL B 85 -48.02 30.92 45.92
CA VAL B 85 -46.70 30.36 45.70
C VAL B 85 -46.64 28.95 46.27
N ASP B 86 -46.01 28.05 45.53
CA ASP B 86 -45.84 26.68 45.99
C ASP B 86 -44.51 26.71 46.72
N LEU B 87 -44.55 26.76 48.06
CA LEU B 87 -43.32 26.84 48.84
C LEU B 87 -42.45 25.59 48.67
N GLY B 88 -43.08 24.49 48.26
CA GLY B 88 -42.40 23.23 48.01
C GLY B 88 -41.51 23.37 46.79
N SER B 89 -42.04 23.93 45.70
CA SER B 89 -41.25 24.14 44.49
C SER B 89 -40.12 25.14 44.76
N LEU B 90 -40.42 26.19 45.51
CA LEU B 90 -39.38 27.19 45.81
C LEU B 90 -38.24 26.53 46.60
N ALA B 91 -38.61 25.66 47.55
CA ALA B 91 -37.67 24.95 48.39
C ALA B 91 -36.76 24.07 47.53
N VAL B 92 -37.33 23.41 46.54
CA VAL B 92 -36.55 22.57 45.64
C VAL B 92 -35.51 23.42 44.90
N SER B 93 -35.91 24.57 44.38
CA SER B 93 -34.98 25.44 43.67
C SER B 93 -33.84 25.90 44.58
N ARG B 94 -34.12 25.95 45.88
CA ARG B 94 -33.15 26.39 46.87
C ARG B 94 -32.45 25.20 47.56
N GLU B 95 -32.72 23.98 47.12
CA GLU B 95 -32.13 22.77 47.73
C GLU B 95 -32.37 22.70 49.24
N GLU B 96 -33.58 23.05 49.65
CA GLU B 96 -33.98 23.02 51.05
C GLU B 96 -35.00 21.90 51.14
N TYR B 97 -34.51 20.74 51.58
CA TYR B 97 -35.31 19.52 51.63
C TYR B 97 -35.49 18.89 52.99
N VAL B 98 -36.51 18.04 53.07
CA VAL B 98 -36.78 17.25 54.24
C VAL B 98 -36.64 15.80 53.78
N THR B 99 -35.80 15.04 54.49
CA THR B 99 -35.62 13.61 54.16
C THR B 99 -36.56 12.87 55.09
N LEU B 100 -37.64 12.32 54.53
CA LEU B 100 -38.64 11.62 55.32
C LEU B 100 -38.09 10.42 56.07
N PRO B 101 -38.75 10.04 57.16
CA PRO B 101 -38.34 8.83 57.88
C PRO B 101 -38.55 7.64 56.94
N GLY B 102 -37.80 6.57 57.17
CA GLY B 102 -37.95 5.38 56.39
C GLY B 102 -37.36 5.38 54.99
N SER B 103 -38.04 4.69 54.09
CA SER B 103 -37.53 4.49 52.74
C SER B 103 -38.56 3.87 51.81
N PHE B 104 -38.12 3.52 50.60
CA PHE B 104 -38.98 2.85 49.63
C PHE B 104 -39.35 1.46 50.18
N ASP B 105 -38.41 0.85 50.91
CA ASP B 105 -38.62 -0.47 51.51
C ASP B 105 -39.76 -0.38 52.53
N SER B 106 -39.65 0.57 53.45
CA SER B 106 -40.66 0.79 54.48
C SER B 106 -41.95 1.36 53.93
N GLY B 107 -41.84 2.08 52.81
CA GLY B 107 -42.99 2.74 52.23
C GLY B 107 -43.20 4.09 52.94
N SER B 108 -44.00 4.98 52.34
CA SER B 108 -44.26 6.29 52.92
C SER B 108 -45.36 7.02 52.17
N THR B 109 -45.64 8.25 52.61
CA THR B 109 -46.60 9.13 51.94
C THR B 109 -45.92 10.49 51.82
N LEU B 110 -45.79 10.96 50.59
CA LEU B 110 -45.15 12.25 50.35
C LEU B 110 -46.25 13.27 50.13
N ASN B 111 -46.10 14.44 50.75
CA ASN B 111 -47.08 15.51 50.67
C ASN B 111 -46.59 16.81 50.06
N VAL B 112 -45.27 17.02 50.07
CA VAL B 112 -44.69 18.27 49.62
C VAL B 112 -43.60 18.00 48.60
N LYS B 113 -43.38 18.95 47.71
CA LYS B 113 -42.38 18.80 46.66
C LYS B 113 -40.95 18.76 47.17
N ASN B 114 -40.69 19.21 48.40
CA ASN B 114 -39.33 19.22 48.92
C ASN B 114 -39.05 18.03 49.84
N GLU B 115 -39.92 17.03 49.81
CA GLU B 115 -39.72 15.84 50.61
C GLU B 115 -38.91 14.81 49.82
N LEU B 116 -37.99 14.14 50.49
CA LEU B 116 -37.18 13.13 49.83
C LEU B 116 -37.41 11.78 50.45
N LEU B 117 -37.40 10.75 49.62
CA LEU B 117 -37.56 9.38 50.09
C LEU B 117 -36.28 8.64 49.71
N THR B 118 -35.66 8.01 50.70
CA THR B 118 -34.41 7.29 50.49
C THR B 118 -34.60 5.89 49.89
N TYR B 119 -33.77 5.58 48.88
CA TYR B 119 -33.76 4.27 48.21
C TYR B 119 -32.36 3.66 48.44
N THR B 120 -32.12 2.48 47.90
CA THR B 120 -30.83 1.84 48.08
C THR B 120 -29.68 2.58 47.39
N ASP B 121 -30.00 3.39 46.39
CA ASP B 121 -28.94 4.10 45.66
C ASP B 121 -28.96 5.62 45.77
N GLY B 122 -29.74 6.14 46.70
CA GLY B 122 -29.81 7.58 46.87
C GLY B 122 -31.21 8.07 47.20
N LYS B 123 -31.42 9.37 47.09
CA LYS B 123 -32.71 9.98 47.42
C LYS B 123 -33.48 10.44 46.20
N TYR B 124 -34.80 10.52 46.35
CA TYR B 124 -35.67 10.94 45.27
C TYR B 124 -36.80 11.83 45.77
N ARG B 125 -37.18 12.82 44.96
CA ARG B 125 -38.34 13.65 45.26
C ARG B 125 -39.40 13.29 44.20
N TRP B 126 -40.67 13.48 44.55
CA TRP B 126 -41.77 13.16 43.63
C TRP B 126 -42.23 14.41 42.91
N ASP B 127 -42.18 14.36 41.59
CA ASP B 127 -42.54 15.48 40.72
C ASP B 127 -43.93 15.37 40.09
N GLY B 128 -44.76 14.45 40.57
CA GLY B 128 -46.10 14.27 40.03
C GLY B 128 -47.18 14.71 40.99
N ILE B 129 -48.37 14.14 40.86
CA ILE B 129 -49.49 14.49 41.74
C ILE B 129 -49.25 14.16 43.21
N LEU B 130 -49.62 15.08 44.09
CA LEU B 130 -49.51 14.90 45.53
C LEU B 130 -50.90 14.93 46.13
N PRO B 131 -51.12 14.18 47.24
CA PRO B 131 -50.14 13.34 47.94
C PRO B 131 -49.75 12.09 47.16
N LYS B 132 -48.59 11.54 47.46
CA LYS B 132 -48.09 10.35 46.77
C LYS B 132 -47.90 9.22 47.75
N THR B 133 -48.73 8.19 47.65
CA THR B 133 -48.62 7.04 48.53
C THR B 133 -47.57 6.05 48.01
N VAL B 134 -46.62 5.66 48.86
CA VAL B 134 -45.60 4.70 48.44
C VAL B 134 -45.71 3.46 49.31
N ALA B 135 -46.23 2.38 48.74
CA ALA B 135 -46.40 1.15 49.51
C ALA B 135 -45.05 0.55 49.93
N PRO B 136 -45.05 -0.18 51.05
CA PRO B 136 -43.81 -0.85 51.48
C PRO B 136 -43.36 -1.78 50.35
N GLY B 137 -42.06 -1.85 50.10
CA GLY B 137 -41.53 -2.74 49.07
C GLY B 137 -41.54 -2.15 47.67
N SER B 138 -41.64 -0.82 47.60
CA SER B 138 -41.64 -0.13 46.33
C SER B 138 -40.25 0.23 45.84
N THR B 139 -40.13 0.51 44.55
CA THR B 139 -38.88 1.02 44.01
C THR B 139 -39.32 2.22 43.17
N PRO B 140 -38.39 3.13 42.88
CA PRO B 140 -38.77 4.26 42.03
C PRO B 140 -39.32 3.75 40.71
N ALA B 141 -38.67 2.74 40.15
CA ALA B 141 -39.11 2.21 38.87
C ALA B 141 -40.52 1.61 38.90
N SER B 142 -40.91 1.02 40.01
CA SER B 142 -42.22 0.38 40.07
C SER B 142 -43.35 1.27 40.59
N THR B 143 -43.05 2.52 40.91
CA THR B 143 -44.08 3.43 41.41
C THR B 143 -44.16 4.72 40.62
N GLY B 144 -43.98 4.60 39.31
CA GLY B 144 -44.06 5.76 38.44
C GLY B 144 -42.87 6.01 37.53
N GLY B 145 -41.75 5.38 37.81
CA GLY B 145 -40.58 5.60 36.97
C GLY B 145 -39.84 6.87 37.37
N VAL B 146 -38.73 7.12 36.70
CA VAL B 146 -37.90 8.28 36.99
C VAL B 146 -37.96 9.29 35.83
N GLY B 147 -38.09 10.57 36.17
CA GLY B 147 -38.15 11.60 35.17
C GLY B 147 -39.19 12.66 35.50
N LEU B 148 -39.33 13.61 34.59
CA LEU B 148 -40.30 14.70 34.75
C LEU B 148 -41.69 14.18 35.08
N GLY B 149 -42.30 14.73 36.11
CA GLY B 149 -43.63 14.30 36.49
C GLY B 149 -43.67 13.00 37.29
N ALA B 150 -42.49 12.41 37.52
CA ALA B 150 -42.40 11.19 38.30
C ALA B 150 -41.25 11.37 39.32
N TRP B 151 -40.48 10.32 39.56
CA TRP B 151 -39.40 10.42 40.54
C TRP B 151 -38.19 11.15 39.96
N ILE B 152 -37.58 11.99 40.78
CA ILE B 152 -36.39 12.73 40.36
C ILE B 152 -35.28 12.53 41.42
N SER B 153 -34.12 12.04 40.97
CA SER B 153 -33.00 11.79 41.86
C SER B 153 -32.47 13.11 42.36
N VAL B 154 -32.15 13.15 43.64
CA VAL B 154 -31.67 14.37 44.27
C VAL B 154 -30.49 14.08 45.17
N GLY B 155 -29.51 14.97 45.19
CA GLY B 155 -28.40 14.80 46.11
C GLY B 155 -27.13 14.13 45.65
N ASP B 156 -26.11 14.31 46.47
CA ASP B 156 -24.78 13.80 46.21
C ASP B 156 -24.69 12.28 46.11
N ALA B 157 -25.33 11.56 47.03
CA ALA B 157 -25.29 10.10 46.99
C ALA B 157 -25.87 9.59 45.66
N SER B 158 -27.03 10.14 45.28
CA SER B 158 -27.70 9.78 44.03
C SER B 158 -26.81 10.06 42.82
N LEU B 159 -26.14 11.20 42.81
CA LEU B 159 -25.28 11.55 41.68
C LEU B 159 -24.15 10.54 41.53
N ARG B 160 -23.56 10.13 42.65
CA ARG B 160 -22.48 9.16 42.62
C ARG B 160 -22.93 7.84 42.00
N THR B 161 -24.08 7.32 42.42
CA THR B 161 -24.55 6.04 41.88
C THR B 161 -25.00 6.18 40.43
N GLN B 162 -25.59 7.33 40.09
CA GLN B 162 -26.01 7.59 38.72
C GLN B 162 -24.80 7.61 37.80
N LEU B 163 -23.73 8.27 38.23
CA LEU B 163 -22.51 8.35 37.42
C LEU B 163 -21.87 6.96 37.31
N ALA B 164 -21.80 6.25 38.42
CA ALA B 164 -21.20 4.93 38.46
C ALA B 164 -21.92 3.91 37.59
N ASN B 165 -23.25 3.95 37.61
CA ASN B 165 -24.05 2.97 36.89
C ASN B 165 -24.61 3.45 35.56
N GLY B 166 -24.21 4.64 35.11
CA GLY B 166 -24.72 5.20 33.87
C GLY B 166 -23.91 4.82 32.63
N ASP B 167 -24.09 5.59 31.57
CA ASP B 167 -23.35 5.33 30.33
C ASP B 167 -22.66 6.59 29.79
N GLY B 168 -22.61 7.62 30.64
CA GLY B 168 -21.98 8.87 30.26
C GLY B 168 -22.94 9.97 29.86
N SER B 169 -24.24 9.65 29.80
CA SER B 169 -25.27 10.64 29.41
C SER B 169 -25.38 11.89 30.29
N LEU B 170 -24.82 11.87 31.49
CA LEU B 170 -24.88 13.04 32.37
C LEU B 170 -23.73 14.00 32.12
N ILE B 171 -22.78 13.59 31.28
CA ILE B 171 -21.62 14.42 31.00
C ILE B 171 -21.69 15.06 29.62
N GLY B 172 -21.85 16.38 29.57
CA GLY B 172 -21.89 17.07 28.30
C GLY B 172 -20.51 17.13 27.64
N ILE B 173 -20.49 17.23 26.31
CA ILE B 173 -19.23 17.32 25.56
C ILE B 173 -19.32 18.34 24.42
N HIS B 174 -18.18 18.68 23.81
CA HIS B 174 -18.17 19.64 22.71
C HIS B 174 -18.12 18.99 21.32
N PRO B 175 -18.69 19.65 20.30
CA PRO B 175 -19.40 20.93 20.38
C PRO B 175 -20.78 20.78 21.03
N GLN B 176 -21.32 19.57 21.05
CA GLN B 176 -22.61 19.32 21.69
C GLN B 176 -22.80 17.83 21.91
N GLY B 177 -23.89 17.44 22.58
CA GLY B 177 -24.14 16.04 22.87
C GLY B 177 -23.52 15.65 24.20
N THR B 178 -23.56 14.36 24.50
CA THR B 178 -23.02 13.87 25.77
C THR B 178 -21.99 12.77 25.53
N LEU B 179 -21.20 12.50 26.56
CA LEU B 179 -20.13 11.50 26.48
C LEU B 179 -20.49 10.16 25.79
N ASN B 180 -21.68 9.63 26.09
CA ASN B 180 -22.12 8.36 25.51
C ASN B 180 -22.21 8.39 23.97
N ASN B 181 -22.33 9.59 23.40
CA ASN B 181 -22.43 9.76 21.96
C ASN B 181 -21.12 9.51 21.23
N VAL B 182 -20.00 9.55 21.95
CA VAL B 182 -18.71 9.37 21.30
C VAL B 182 -17.88 8.17 21.75
N LEU B 183 -18.37 7.40 22.71
CA LEU B 183 -17.64 6.21 23.13
C LEU B 183 -18.11 5.04 22.26
N THR B 184 -17.23 4.54 21.39
CA THR B 184 -17.59 3.44 20.48
C THR B 184 -16.61 2.28 20.48
N VAL B 185 -15.39 2.48 20.96
CA VAL B 185 -14.42 1.40 21.00
C VAL B 185 -14.63 0.51 22.22
N ARG B 186 -14.28 -0.78 22.12
CA ARG B 186 -14.39 -1.70 23.26
C ARG B 186 -13.02 -2.21 23.61
N THR B 187 -12.83 -2.50 24.89
CA THR B 187 -11.56 -3.03 25.36
C THR B 187 -11.80 -4.17 26.34
N PRO B 188 -10.83 -5.09 26.46
CA PRO B 188 -10.97 -6.21 27.41
C PRO B 188 -11.08 -5.70 28.85
N GLU B 189 -10.60 -4.49 29.09
CA GLU B 189 -10.66 -3.89 30.42
C GLU B 189 -12.10 -3.68 30.91
N GLN B 190 -13.02 -3.47 29.97
CA GLN B 190 -14.43 -3.29 30.30
C GLN B 190 -15.01 -4.60 30.84
N TYR B 191 -14.32 -5.71 30.59
CA TYR B 191 -14.76 -7.02 31.04
C TYR B 191 -13.83 -7.51 32.14
N ASN B 192 -13.04 -6.58 32.66
CA ASN B 192 -12.09 -6.85 33.74
C ASN B 192 -11.00 -7.86 33.44
N ALA B 193 -10.48 -7.82 32.22
CA ALA B 193 -9.41 -8.70 31.81
C ALA B 193 -8.18 -8.25 32.61
N VAL B 194 -7.37 -9.19 33.07
CA VAL B 194 -6.19 -8.85 33.86
C VAL B 194 -5.08 -8.19 33.02
N GLY B 195 -4.90 -8.67 31.79
CA GLY B 195 -3.93 -8.10 30.87
C GLY B 195 -2.46 -8.16 31.23
N ASP B 196 -2.05 -9.17 31.98
CA ASP B 196 -0.64 -9.30 32.38
C ASP B 196 0.08 -10.47 31.72
N GLY B 197 -0.60 -11.21 30.87
CA GLY B 197 0.01 -12.35 30.20
C GLY B 197 0.18 -13.56 31.10
N ILE B 198 -0.39 -13.49 32.30
CA ILE B 198 -0.32 -14.59 33.28
C ILE B 198 -1.69 -15.19 33.53
N ALA B 199 -2.61 -14.34 33.99
CA ALA B 199 -3.97 -14.77 34.26
C ALA B 199 -4.63 -15.26 32.99
N ASP B 200 -5.59 -16.15 33.12
CA ASP B 200 -6.30 -16.67 31.96
C ASP B 200 -7.47 -15.76 31.65
N ASP B 201 -7.31 -14.94 30.63
CA ASP B 201 -8.31 -13.97 30.20
C ASP B 201 -9.28 -14.50 29.12
N THR B 202 -9.20 -15.80 28.82
CA THR B 202 -10.04 -16.39 27.77
C THR B 202 -11.53 -16.02 27.80
N SER B 203 -12.20 -16.37 28.91
CA SER B 203 -13.63 -16.11 29.06
C SER B 203 -13.99 -14.63 28.88
N LYS B 204 -13.11 -13.75 29.34
CA LYS B 204 -13.39 -12.33 29.20
C LYS B 204 -13.28 -11.87 27.75
N LEU B 205 -12.28 -12.38 27.04
CA LEU B 205 -12.11 -12.06 25.62
C LEU B 205 -13.31 -12.59 24.83
N LYS B 206 -13.72 -13.83 25.13
CA LYS B 206 -14.85 -14.45 24.45
C LYS B 206 -16.12 -13.63 24.69
N GLU B 207 -16.30 -13.17 25.91
CA GLU B 207 -17.46 -12.36 26.25
C GLU B 207 -17.44 -11.05 25.46
N MET B 208 -16.25 -10.47 25.32
CA MET B 208 -16.14 -9.23 24.56
C MET B 208 -16.54 -9.48 23.09
N LEU B 209 -16.14 -10.62 22.55
CA LEU B 209 -16.48 -10.95 21.16
C LEU B 209 -17.97 -11.27 21.01
N SER B 210 -18.52 -12.07 21.92
CA SER B 210 -19.94 -12.44 21.85
C SER B 210 -20.85 -11.23 21.94
N ASP B 211 -20.47 -10.25 22.77
CA ASP B 211 -21.26 -9.04 22.93
C ASP B 211 -21.33 -8.25 21.62
N ILE B 212 -20.31 -8.43 20.77
CA ILE B 212 -20.30 -7.75 19.49
C ILE B 212 -21.14 -8.55 18.49
N ASN B 213 -20.90 -9.86 18.45
CA ASN B 213 -21.62 -10.73 17.53
C ASN B 213 -21.61 -12.15 18.07
N ASN B 214 -22.73 -12.56 18.64
CA ASN B 214 -22.86 -13.89 19.23
C ASN B 214 -23.33 -14.92 18.20
N VAL B 215 -22.40 -15.66 17.62
CA VAL B 215 -22.76 -16.65 16.61
C VAL B 215 -22.83 -18.06 17.20
N PRO B 216 -24.03 -18.65 17.25
CA PRO B 216 -24.20 -20.00 17.79
C PRO B 216 -23.37 -20.99 16.97
N GLU B 217 -22.66 -21.88 17.67
CA GLU B 217 -21.82 -22.87 17.02
C GLU B 217 -22.56 -23.86 16.12
N THR B 218 -23.85 -24.06 16.39
CA THR B 218 -24.65 -24.95 15.56
C THR B 218 -25.79 -24.13 14.97
N LEU B 219 -25.95 -24.22 13.65
CA LEU B 219 -26.99 -23.46 12.96
C LEU B 219 -27.79 -24.35 12.00
N PRO B 220 -29.07 -24.00 11.77
CA PRO B 220 -30.00 -24.77 10.92
C PRO B 220 -29.72 -24.80 9.43
N ASP B 221 -29.41 -23.66 8.82
CA ASP B 221 -29.21 -23.62 7.38
C ASP B 221 -28.38 -22.46 6.87
N ALA B 222 -28.26 -22.38 5.54
CA ALA B 222 -27.50 -21.34 4.87
C ALA B 222 -27.93 -19.95 5.29
N ALA B 223 -29.25 -19.72 5.30
CA ALA B 223 -29.78 -18.41 5.68
C ALA B 223 -29.35 -18.03 7.09
N ALA B 224 -29.37 -19.01 8.01
CA ALA B 224 -28.99 -18.75 9.39
C ALA B 224 -27.52 -18.32 9.49
N VAL B 225 -26.62 -19.09 8.88
CA VAL B 225 -25.19 -18.80 8.91
C VAL B 225 -24.90 -17.44 8.29
N ASN B 226 -25.52 -17.18 7.16
CA ASN B 226 -25.32 -15.92 6.44
C ASN B 226 -25.85 -14.68 7.17
N SER B 227 -26.83 -14.89 8.05
CA SER B 227 -27.43 -13.76 8.77
C SER B 227 -26.42 -13.02 9.67
N TYR B 228 -25.49 -13.77 10.25
CA TYR B 228 -24.51 -13.19 11.17
C TYR B 228 -23.45 -12.31 10.51
N MET B 229 -23.52 -12.20 9.19
CA MET B 229 -22.61 -11.35 8.44
C MET B 229 -23.30 -10.01 8.18
N GLU B 230 -24.51 -9.86 8.72
CA GLU B 230 -25.29 -8.64 8.53
C GLU B 230 -25.48 -7.86 9.82
N GLN B 231 -24.48 -7.90 10.70
CA GLN B 231 -24.57 -7.22 11.98
C GLN B 231 -23.62 -6.01 12.09
N VAL B 232 -23.93 -5.10 13.01
CA VAL B 232 -23.12 -3.90 13.19
C VAL B 232 -21.69 -4.27 13.60
N ALA B 233 -20.71 -3.59 13.02
CA ALA B 233 -19.31 -3.85 13.32
C ALA B 233 -18.83 -3.00 14.49
N VAL B 234 -17.91 -3.54 15.27
CA VAL B 234 -17.39 -2.84 16.44
C VAL B 234 -15.85 -2.89 16.49
N LYS B 235 -15.23 -1.77 16.85
CA LYS B 235 -13.78 -1.72 16.97
C LYS B 235 -13.31 -2.03 18.39
N ILE B 236 -12.31 -2.89 18.48
CA ILE B 236 -11.72 -3.34 19.73
C ILE B 236 -10.28 -2.85 19.79
N ASP B 237 -9.88 -2.32 20.93
CA ASP B 237 -8.53 -1.82 21.12
C ASP B 237 -7.85 -2.68 22.18
N LEU B 238 -6.75 -3.33 21.80
CA LEU B 238 -5.98 -4.17 22.73
C LEU B 238 -4.72 -3.44 23.15
N THR B 239 -4.70 -2.93 24.37
CA THR B 239 -3.55 -2.16 24.84
C THR B 239 -2.66 -2.88 25.87
N LYS B 240 -3.10 -4.05 26.33
CA LYS B 240 -2.29 -4.84 27.28
C LYS B 240 -1.97 -6.22 26.67
N LEU B 241 -1.56 -7.17 27.51
CA LEU B 241 -1.20 -8.51 27.05
C LEU B 241 -2.18 -9.54 27.61
N TYR B 242 -2.91 -10.22 26.74
CA TYR B 242 -3.93 -11.18 27.18
C TYR B 242 -3.65 -12.65 26.91
N ARG B 243 -3.36 -13.38 27.98
CA ARG B 243 -3.13 -14.80 27.88
C ARG B 243 -4.50 -15.50 27.71
N PHE B 244 -4.60 -16.39 26.73
CA PHE B 244 -5.83 -17.14 26.52
C PHE B 244 -5.45 -18.58 26.25
N THR B 245 -6.39 -19.50 26.48
CA THR B 245 -6.05 -20.90 26.40
C THR B 245 -6.94 -21.76 25.51
N GLU B 246 -7.82 -21.12 24.77
CA GLU B 246 -8.69 -21.83 23.84
C GLU B 246 -8.75 -21.00 22.56
N THR B 247 -8.84 -21.67 21.42
CA THR B 247 -8.92 -20.98 20.13
C THR B 247 -9.99 -19.90 20.15
N LEU B 248 -9.65 -18.68 19.73
CA LEU B 248 -10.63 -17.62 19.66
C LEU B 248 -11.17 -17.59 18.24
N TYR B 249 -12.50 -17.52 18.12
CA TYR B 249 -13.17 -17.48 16.84
C TYR B 249 -13.76 -16.08 16.61
N ILE B 250 -13.13 -15.34 15.71
CA ILE B 250 -13.56 -13.99 15.40
C ILE B 250 -14.82 -14.01 14.55
N PRO B 251 -15.91 -13.43 15.05
CA PRO B 251 -17.15 -13.36 14.29
C PRO B 251 -17.07 -12.22 13.27
N PRO B 252 -17.99 -12.19 12.29
CA PRO B 252 -18.02 -11.11 11.30
C PRO B 252 -18.27 -9.77 12.00
N GLY B 253 -17.85 -8.67 11.38
CA GLY B 253 -18.06 -7.35 11.93
C GLY B 253 -17.19 -6.98 13.12
N VAL B 254 -15.91 -7.33 13.06
CA VAL B 254 -15.00 -7.00 14.13
C VAL B 254 -13.74 -6.33 13.59
N SER B 255 -13.34 -5.24 14.23
CA SER B 255 -12.13 -4.54 13.84
C SER B 255 -11.22 -4.55 15.06
N ILE B 256 -9.97 -5.00 14.88
CA ILE B 256 -9.04 -5.07 15.99
C ILE B 256 -7.84 -4.17 15.78
N GLU B 257 -7.50 -3.39 16.82
CA GLU B 257 -6.34 -2.50 16.72
C GLU B 257 -5.47 -2.50 17.97
N ILE B 258 -4.19 -2.21 17.76
CA ILE B 258 -3.15 -2.09 18.78
C ILE B 258 -2.35 -0.87 18.28
N PRO B 259 -1.84 -0.03 19.20
CA PRO B 259 -1.11 1.17 18.74
C PRO B 259 0.03 0.91 17.74
N THR B 260 0.83 -0.13 17.95
CA THR B 260 1.92 -0.43 17.03
C THR B 260 2.10 -1.91 16.87
N SER B 261 2.60 -2.31 15.72
CA SER B 261 2.86 -3.71 15.41
C SER B 261 4.27 -4.06 15.88
N ASN B 262 4.45 -5.19 16.53
CA ASN B 262 5.82 -5.46 16.94
C ASN B 262 6.71 -6.04 15.81
N PHE B 263 8.01 -5.95 15.98
CA PHE B 263 8.96 -6.35 14.96
C PHE B 263 10.14 -7.03 15.62
N PHE B 264 10.23 -8.35 15.49
CA PHE B 264 11.30 -9.13 16.11
C PHE B 264 11.42 -8.76 17.59
N THR B 265 10.29 -8.52 18.26
CA THR B 265 10.37 -8.14 19.66
C THR B 265 10.57 -9.35 20.58
N ARG B 266 11.49 -9.18 21.52
CA ARG B 266 11.86 -10.23 22.46
C ARG B 266 10.81 -10.48 23.56
N GLU B 267 10.06 -9.45 23.89
CA GLU B 267 9.04 -9.56 24.92
C GLU B 267 7.75 -8.89 24.52
N CYS B 268 6.77 -9.70 24.11
CA CYS B 268 5.49 -9.15 23.71
C CYS B 268 4.85 -8.49 24.93
N LYS B 269 4.43 -7.25 24.78
CA LYS B 269 3.84 -6.51 25.89
C LYS B 269 2.38 -6.17 25.61
N GLN B 270 2.00 -6.23 24.34
CA GLN B 270 0.63 -5.91 23.95
C GLN B 270 0.14 -6.89 22.89
N GLY B 271 -1.06 -7.43 23.09
CA GLY B 271 -1.60 -8.39 22.15
C GLY B 271 -2.15 -9.62 22.84
N LEU B 272 -2.12 -10.73 22.12
CA LEU B 272 -2.65 -12.00 22.59
C LEU B 272 -1.58 -13.07 22.74
N PHE B 273 -1.70 -13.86 23.80
CA PHE B 273 -0.77 -14.93 24.09
C PHE B 273 -1.53 -16.26 24.21
N TYR B 274 -1.41 -17.09 23.17
CA TYR B 274 -2.10 -18.38 23.16
C TYR B 274 -1.27 -19.45 23.86
N ASP B 275 -1.82 -20.00 24.94
CA ASP B 275 -1.14 -20.98 25.78
C ASP B 275 -2.08 -22.11 26.19
N PRO B 276 -2.40 -23.02 25.25
CA PRO B 276 -3.33 -24.11 25.51
C PRO B 276 -2.68 -25.39 26.04
N VAL B 277 -3.48 -26.32 26.58
CA VAL B 277 -2.90 -27.57 27.03
C VAL B 277 -2.69 -28.46 25.79
N ASP B 278 -3.63 -28.37 24.85
CA ASP B 278 -3.55 -29.12 23.59
C ASP B 278 -2.85 -28.24 22.54
N LYS B 279 -1.58 -28.56 22.22
CA LYS B 279 -0.81 -27.78 21.25
C LYS B 279 -1.22 -28.01 19.80
N ASN B 280 -1.91 -29.13 19.53
CA ASN B 280 -2.36 -29.45 18.17
C ASN B 280 -3.60 -28.64 17.82
N THR B 281 -3.50 -27.32 17.97
CA THR B 281 -4.62 -26.42 17.71
C THR B 281 -4.14 -25.09 17.14
N ALA B 282 -5.09 -24.21 16.80
CA ALA B 282 -4.81 -22.89 16.27
C ALA B 282 -5.12 -21.82 17.33
N ALA B 283 -4.34 -20.74 17.33
CA ALA B 283 -4.58 -19.64 18.29
C ALA B 283 -5.83 -18.83 17.93
N ILE B 284 -5.92 -18.43 16.67
CA ILE B 284 -7.04 -17.61 16.22
C ILE B 284 -7.59 -18.17 14.93
N SER B 285 -8.91 -18.13 14.74
CA SER B 285 -9.48 -18.67 13.52
C SER B 285 -10.70 -17.89 13.09
N LEU B 286 -10.89 -17.83 11.78
CA LEU B 286 -12.08 -17.19 11.24
C LEU B 286 -13.15 -18.28 11.31
N MET B 287 -14.41 -17.90 11.14
CA MET B 287 -15.51 -18.85 11.22
C MET B 287 -15.96 -19.44 9.90
N VAL B 288 -15.85 -20.76 9.81
CA VAL B 288 -16.30 -21.48 8.64
C VAL B 288 -17.21 -22.61 9.11
N TYR B 289 -18.43 -22.64 8.57
CA TYR B 289 -19.41 -23.65 8.97
C TYR B 289 -19.47 -24.83 8.02
N ARG B 290 -19.47 -26.03 8.58
CA ARG B 290 -19.51 -27.26 7.78
C ARG B 290 -20.85 -28.00 7.89
N LYS B 291 -21.37 -28.42 6.74
CA LYS B 291 -22.63 -29.14 6.66
C LYS B 291 -22.57 -30.48 7.40
N GLN B 292 -23.61 -30.76 8.19
CA GLN B 292 -23.72 -32.01 8.92
C GLN B 292 -24.56 -32.97 8.08
N PRO B 293 -24.52 -34.28 8.38
CA PRO B 293 -25.30 -35.23 7.57
C PRO B 293 -26.79 -34.88 7.54
N ASP B 294 -27.29 -34.25 8.60
CA ASP B 294 -28.70 -33.90 8.68
C ASP B 294 -29.07 -32.55 8.04
N GLY B 295 -28.14 -31.95 7.31
CA GLY B 295 -28.40 -30.69 6.64
C GLY B 295 -28.13 -29.44 7.48
N SER B 296 -27.79 -29.65 8.74
CA SER B 296 -27.49 -28.54 9.64
C SER B 296 -26.01 -28.14 9.52
N TYR B 297 -25.63 -27.02 10.16
CA TYR B 297 -24.26 -26.53 10.09
C TYR B 297 -23.55 -26.35 11.44
N LYS B 298 -22.28 -26.73 11.49
CA LYS B 298 -21.47 -26.61 12.70
C LYS B 298 -20.15 -25.90 12.45
N LEU B 299 -19.82 -24.96 13.34
CA LEU B 299 -18.58 -24.20 13.25
C LEU B 299 -17.39 -25.15 13.24
N ASN B 300 -16.42 -24.90 12.36
CA ASN B 300 -15.25 -25.76 12.33
C ASN B 300 -14.34 -25.55 13.52
N LYS B 301 -13.94 -26.65 14.15
CA LYS B 301 -13.04 -26.60 15.29
C LYS B 301 -11.82 -27.48 15.02
N ASP B 302 -11.79 -28.09 13.83
CA ASP B 302 -10.67 -28.92 13.44
C ASP B 302 -9.52 -27.99 13.03
N VAL B 303 -8.35 -28.15 13.65
CA VAL B 303 -7.20 -27.30 13.34
C VAL B 303 -6.73 -27.46 11.89
N ASP B 304 -6.72 -28.69 11.36
CA ASP B 304 -6.23 -28.94 10.02
C ASP B 304 -7.20 -28.56 8.90
N TYR B 305 -8.46 -28.36 9.24
CA TYR B 305 -9.44 -28.08 8.21
C TYR B 305 -9.37 -26.69 7.56
N TYR B 306 -9.60 -26.66 6.25
CA TYR B 306 -9.69 -25.41 5.52
C TYR B 306 -10.67 -25.62 4.37
N PRO B 307 -11.56 -24.67 4.12
CA PRO B 307 -12.53 -24.84 3.04
C PRO B 307 -11.91 -24.66 1.66
N THR B 308 -12.43 -25.37 0.67
CA THR B 308 -11.97 -25.25 -0.71
C THR B 308 -13.09 -24.52 -1.42
N GLY B 309 -12.81 -24.01 -2.63
CA GLY B 309 -13.82 -23.32 -3.41
C GLY B 309 -14.97 -24.26 -3.73
N LEU B 310 -14.62 -25.53 -3.93
CA LEU B 310 -15.60 -26.56 -4.21
C LEU B 310 -16.59 -26.67 -3.05
N ASP B 311 -16.04 -26.88 -1.84
CA ASP B 311 -16.83 -26.98 -0.61
C ASP B 311 -17.87 -25.88 -0.51
N ILE B 312 -17.49 -24.69 -0.96
CA ILE B 312 -18.36 -23.54 -0.90
C ILE B 312 -19.45 -23.63 -1.96
N ASP B 313 -19.10 -24.12 -3.15
CA ASP B 313 -20.05 -24.25 -4.23
C ASP B 313 -20.98 -25.43 -3.93
N ASN B 314 -20.44 -26.39 -3.20
CA ASN B 314 -21.14 -27.59 -2.78
C ASN B 314 -22.12 -27.33 -1.66
N GLY B 315 -21.87 -26.26 -0.91
CA GLY B 315 -22.68 -25.94 0.24
C GLY B 315 -22.16 -26.76 1.41
N ASP B 316 -21.12 -27.55 1.17
CA ASP B 316 -20.50 -28.37 2.21
C ASP B 316 -19.86 -27.50 3.28
N ALA B 317 -19.54 -26.27 2.89
CA ALA B 317 -18.95 -25.29 3.79
C ALA B 317 -19.54 -23.94 3.48
N ILE B 318 -19.89 -23.20 4.52
CA ILE B 318 -20.41 -21.86 4.35
C ILE B 318 -19.56 -20.92 5.18
N THR B 319 -19.09 -19.87 4.53
CA THR B 319 -18.25 -18.87 5.15
C THR B 319 -19.04 -17.95 6.07
N CYS B 320 -18.47 -17.69 7.25
CA CYS B 320 -19.08 -16.75 8.18
C CYS B 320 -17.94 -15.84 8.64
N ALA B 321 -17.17 -15.37 7.66
CA ALA B 321 -16.01 -14.50 7.89
C ALA B 321 -16.07 -13.38 6.87
N ARG B 322 -16.58 -12.24 7.31
CA ARG B 322 -16.74 -11.09 6.46
C ARG B 322 -16.66 -9.87 7.37
N LYS B 323 -16.32 -8.72 6.82
CA LYS B 323 -16.21 -7.50 7.62
C LYS B 323 -15.27 -7.61 8.82
N ILE B 324 -14.11 -8.21 8.59
CA ILE B 324 -13.12 -8.34 9.64
C ILE B 324 -11.86 -7.57 9.23
N ASP B 325 -11.43 -6.65 10.10
CA ASP B 325 -10.28 -5.79 9.84
C ASP B 325 -9.30 -5.85 11.02
N ILE B 326 -8.03 -6.05 10.72
CA ILE B 326 -7.02 -6.14 11.77
C ILE B 326 -5.89 -5.15 11.56
N ASN B 327 -5.69 -4.27 12.54
CA ASN B 327 -4.64 -3.26 12.47
C ASN B 327 -3.67 -3.37 13.63
N ASN B 328 -2.54 -4.02 13.37
CA ASN B 328 -1.43 -4.19 14.33
C ASN B 328 -1.57 -5.24 15.42
N LEU B 329 -2.42 -6.23 15.24
CA LEU B 329 -2.53 -7.28 16.24
C LEU B 329 -1.24 -8.06 16.40
N ASN B 330 -0.80 -8.23 17.65
CA ASN B 330 0.38 -9.00 17.96
C ASN B 330 -0.08 -10.33 18.53
N LEU B 331 0.37 -11.43 17.98
CA LEU B 331 -0.03 -12.73 18.48
C LEU B 331 1.17 -13.62 18.70
N ILE B 332 1.35 -14.06 19.94
CA ILE B 332 2.43 -14.98 20.26
C ILE B 332 1.78 -16.24 20.82
N THR B 333 2.52 -17.34 20.78
CA THR B 333 1.99 -18.62 21.26
C THR B 333 3.02 -19.36 22.07
N ALA B 334 2.54 -20.32 22.85
CA ALA B 334 3.44 -21.17 23.62
C ALA B 334 4.23 -21.98 22.60
N PRO B 335 5.44 -22.43 22.98
CA PRO B 335 6.20 -23.25 22.03
C PRO B 335 5.42 -24.52 21.69
N GLY B 336 5.50 -25.00 20.46
CA GLY B 336 4.81 -26.22 20.08
C GLY B 336 3.42 -26.05 19.52
N VAL B 337 2.83 -24.86 19.66
CA VAL B 337 1.50 -24.61 19.11
C VAL B 337 1.56 -24.82 17.60
N LYS B 338 0.58 -25.55 17.07
CA LYS B 338 0.55 -25.89 15.67
C LYS B 338 0.35 -24.71 14.70
N VAL B 339 -0.72 -23.97 14.90
CA VAL B 339 -1.04 -22.87 14.00
C VAL B 339 -1.31 -21.54 14.70
N GLY B 340 -0.80 -20.46 14.12
CA GLY B 340 -1.03 -19.16 14.68
C GLY B 340 -2.40 -18.64 14.31
N VAL B 341 -2.60 -18.36 13.03
CA VAL B 341 -3.85 -17.80 12.56
C VAL B 341 -4.40 -18.58 11.41
N LYS B 342 -5.69 -18.90 11.48
CA LYS B 342 -6.35 -19.61 10.41
C LYS B 342 -7.24 -18.61 9.69
N TRP B 343 -6.74 -18.07 8.59
CA TRP B 343 -7.47 -17.08 7.82
C TRP B 343 -8.27 -17.85 6.78
N ILE B 344 -9.33 -18.52 7.23
CA ILE B 344 -10.16 -19.33 6.35
C ILE B 344 -11.52 -18.71 6.04
N GLY B 345 -11.82 -18.58 4.75
CA GLY B 345 -13.09 -18.00 4.31
C GLY B 345 -13.16 -16.48 4.39
N GLY B 346 -12.05 -15.83 4.73
CA GLY B 346 -12.02 -14.38 4.87
C GLY B 346 -11.96 -13.54 3.61
N ALA B 347 -12.89 -13.79 2.69
CA ALA B 347 -12.93 -13.03 1.45
C ALA B 347 -13.16 -11.56 1.74
N GLY B 348 -12.35 -10.70 1.14
CA GLY B 348 -12.48 -9.26 1.36
C GLY B 348 -12.05 -8.76 2.74
N CYS B 349 -11.58 -9.66 3.59
CA CYS B 349 -11.12 -9.28 4.93
C CYS B 349 -9.70 -8.74 4.81
N THR B 350 -9.35 -7.83 5.69
CA THR B 350 -8.07 -7.15 5.58
C THR B 350 -7.20 -7.12 6.83
N THR B 351 -5.92 -6.92 6.59
CA THR B 351 -4.94 -6.93 7.64
C THR B 351 -3.82 -5.91 7.39
N LYS B 352 -3.31 -5.32 8.46
CA LYS B 352 -2.21 -4.37 8.40
C LYS B 352 -1.45 -4.49 9.71
N GLY B 353 -0.18 -4.87 9.65
CA GLY B 353 0.61 -5.00 10.85
C GLY B 353 0.37 -6.27 11.68
N LEU B 354 -0.27 -7.28 11.11
CA LEU B 354 -0.47 -8.53 11.83
C LEU B 354 0.92 -9.08 12.09
N SER B 355 1.26 -9.22 13.37
CA SER B 355 2.58 -9.66 13.77
C SER B 355 2.46 -10.94 14.59
N ILE B 356 3.04 -12.01 14.06
CA ILE B 356 2.95 -13.30 14.71
C ILE B 356 4.28 -13.80 15.23
N GLY B 357 4.29 -14.26 16.48
CA GLY B 357 5.49 -14.81 17.08
C GLY B 357 6.36 -13.84 17.87
N GLU B 358 7.14 -14.41 18.78
CA GLU B 358 8.01 -13.64 19.62
C GLU B 358 9.46 -14.06 19.41
N ASN B 359 10.35 -13.08 19.39
CA ASN B 359 11.78 -13.33 19.27
C ASN B 359 12.30 -13.55 20.68
N THR B 360 11.75 -14.58 21.33
CA THR B 360 12.05 -14.95 22.71
C THR B 360 13.53 -15.07 23.05
N GLY B 361 14.28 -15.79 22.22
CA GLY B 361 15.70 -15.97 22.46
C GLY B 361 16.30 -16.77 21.32
N SER B 362 17.54 -17.21 21.48
CA SER B 362 18.21 -17.94 20.41
C SER B 362 17.81 -19.40 20.24
N ASP B 363 17.15 -19.99 21.23
CA ASP B 363 16.73 -21.39 21.11
C ASP B 363 15.28 -21.44 20.60
N ILE B 364 15.14 -21.66 19.29
CA ILE B 364 13.82 -21.68 18.67
C ILE B 364 12.86 -22.70 19.28
N THR B 365 13.37 -23.76 19.88
CA THR B 365 12.51 -24.79 20.45
C THR B 365 11.75 -24.28 21.67
N THR B 366 12.26 -23.22 22.29
CA THR B 366 11.58 -22.66 23.45
C THR B 366 11.03 -21.25 23.16
N ALA B 367 11.15 -20.78 21.92
CA ALA B 367 10.61 -19.46 21.57
C ALA B 367 9.10 -19.51 21.51
N ARG B 368 8.49 -18.39 21.89
CA ARG B 368 7.04 -18.28 21.92
C ARG B 368 6.45 -17.90 20.56
N LEU B 369 6.51 -18.86 19.64
CA LEU B 369 6.02 -18.72 18.27
C LEU B 369 5.39 -20.05 17.82
N PRO B 370 4.49 -20.00 16.83
CA PRO B 370 3.84 -21.23 16.36
C PRO B 370 4.69 -21.97 15.33
N ARG B 371 4.39 -23.24 15.11
CA ARG B 371 5.10 -24.03 14.13
C ARG B 371 4.74 -23.51 12.74
N VAL B 372 3.44 -23.27 12.54
CA VAL B 372 2.90 -22.73 11.29
C VAL B 372 2.28 -21.37 11.61
N GLY B 373 2.84 -20.31 11.05
CA GLY B 373 2.35 -18.97 11.35
C GLY B 373 0.93 -18.69 10.92
N LEU B 374 0.68 -18.84 9.63
CA LEU B 374 -0.63 -18.51 9.09
C LEU B 374 -1.03 -19.48 8.00
N LEU B 375 -2.29 -19.89 7.99
CA LEU B 375 -2.82 -20.82 7.02
C LEU B 375 -4.07 -20.18 6.43
N GLN B 376 -4.12 -20.05 5.11
CA GLN B 376 -5.24 -19.38 4.47
C GLN B 376 -5.86 -20.07 3.25
N SER B 377 -7.18 -19.99 3.13
CA SER B 377 -7.92 -20.56 1.98
C SER B 377 -9.25 -19.83 1.81
N ALA B 378 -9.81 -19.91 0.62
CA ALA B 378 -11.11 -19.29 0.35
C ALA B 378 -11.18 -17.83 0.78
N SER B 379 -10.11 -17.09 0.52
CA SER B 379 -10.05 -15.71 0.92
C SER B 379 -9.75 -14.80 -0.26
N TRP B 380 -10.53 -14.94 -1.31
CA TRP B 380 -10.34 -14.08 -2.46
C TRP B 380 -10.54 -12.61 -2.06
N GLY B 381 -9.75 -11.73 -2.67
CA GLY B 381 -9.85 -10.31 -2.42
C GLY B 381 -9.42 -9.86 -1.04
N SER B 382 -8.76 -10.73 -0.29
CA SER B 382 -8.27 -10.35 1.03
C SER B 382 -6.90 -9.72 0.84
N ILE B 383 -6.53 -8.81 1.72
CA ILE B 383 -5.25 -8.13 1.60
C ILE B 383 -4.50 -8.09 2.92
N HIS B 384 -3.27 -8.59 2.92
CA HIS B 384 -2.44 -8.51 4.12
C HIS B 384 -1.34 -7.48 3.91
N GLU B 385 -1.47 -6.32 4.53
CA GLU B 385 -0.45 -5.29 4.40
C GLU B 385 0.58 -5.42 5.50
N ASN B 386 1.85 -5.54 5.10
CA ASN B 386 2.96 -5.58 6.04
C ASN B 386 2.84 -6.64 7.15
N LEU B 387 2.49 -7.86 6.74
CA LEU B 387 2.37 -8.97 7.66
C LEU B 387 3.77 -9.38 8.17
N ARG B 388 3.91 -9.57 9.49
CA ARG B 388 5.19 -9.99 10.08
C ARG B 388 5.00 -11.38 10.71
N ILE B 389 5.91 -12.30 10.41
CA ILE B 389 5.80 -13.65 10.95
C ILE B 389 7.14 -14.22 11.36
N LEU B 390 7.16 -14.78 12.57
CA LEU B 390 8.30 -15.47 13.11
C LEU B 390 7.77 -16.88 13.31
N TYR B 391 8.38 -17.87 12.64
CA TYR B 391 7.88 -19.25 12.71
C TYR B 391 8.98 -20.26 12.94
N LYS B 392 8.58 -21.53 13.10
CA LYS B 392 9.54 -22.62 13.30
C LYS B 392 9.52 -23.60 12.13
N THR B 393 8.33 -23.97 11.66
CA THR B 393 8.20 -24.94 10.56
C THR B 393 7.81 -24.31 9.21
N GLN B 394 6.70 -23.57 9.21
CA GLN B 394 6.21 -22.88 8.01
C GLN B 394 5.72 -21.48 8.39
N GLY B 395 6.06 -20.47 7.57
CA GLY B 395 5.63 -19.11 7.84
C GLY B 395 4.16 -18.93 7.49
N ALA B 396 3.85 -18.90 6.19
CA ALA B 396 2.48 -18.76 5.73
C ALA B 396 2.16 -19.78 4.66
N VAL B 397 0.90 -20.23 4.66
CA VAL B 397 0.43 -21.23 3.69
C VAL B 397 -0.85 -20.72 3.06
N PHE B 398 -0.91 -20.76 1.73
CA PHE B 398 -2.06 -20.29 0.98
C PHE B 398 -2.51 -21.43 0.09
N ILE B 399 -3.77 -21.84 0.25
CA ILE B 399 -4.31 -22.97 -0.49
C ILE B 399 -5.65 -22.73 -1.17
N ASP B 400 -5.85 -23.35 -2.32
CA ASP B 400 -7.11 -23.29 -3.07
C ASP B 400 -7.53 -21.86 -3.45
N SER B 401 -8.83 -21.58 -3.44
CA SER B 401 -9.30 -20.25 -3.83
C SER B 401 -8.78 -19.05 -3.01
N ASN B 402 -8.04 -18.17 -3.66
CA ASN B 402 -7.54 -16.95 -3.04
C ASN B 402 -7.41 -15.91 -4.12
N GLY B 403 -8.34 -15.99 -5.08
CA GLY B 403 -8.36 -15.12 -6.23
C GLY B 403 -8.24 -13.64 -5.93
N GLY B 404 -7.24 -13.00 -6.51
CA GLY B 404 -7.04 -11.57 -6.32
C GLY B 404 -6.49 -11.14 -4.97
N ALA B 405 -6.19 -12.09 -4.09
CA ALA B 405 -5.64 -11.78 -2.78
C ALA B 405 -4.23 -11.21 -2.92
N ALA B 406 -3.81 -10.41 -1.96
CA ALA B 406 -2.49 -9.79 -2.00
C ALA B 406 -1.80 -9.81 -0.64
N VAL B 407 -0.49 -10.04 -0.66
CA VAL B 407 0.34 -10.05 0.54
C VAL B 407 1.47 -9.09 0.21
N ASN B 408 1.38 -7.87 0.75
CA ASN B 408 2.36 -6.82 0.47
C ASN B 408 3.34 -6.52 1.60
N ASN B 409 4.62 -6.42 1.25
CA ASN B 409 5.68 -6.10 2.20
C ASN B 409 5.69 -7.02 3.41
N ALA B 410 5.52 -8.31 3.17
CA ALA B 410 5.55 -9.28 4.24
C ALA B 410 6.99 -9.45 4.72
N TYR B 411 7.15 -9.69 6.01
CA TYR B 411 8.46 -9.93 6.58
C TYR B 411 8.31 -11.26 7.30
N ILE B 412 8.81 -12.31 6.68
CA ILE B 412 8.65 -13.65 7.22
C ILE B 412 10.01 -14.26 7.44
N SER B 413 10.21 -14.80 8.64
CA SER B 413 11.50 -15.32 9.00
C SER B 413 11.42 -16.46 9.99
N ARG B 414 12.28 -17.46 9.83
CA ARG B 414 12.34 -18.49 10.86
C ARG B 414 13.25 -17.81 11.89
N LEU B 415 13.09 -18.14 13.17
CA LEU B 415 13.95 -17.56 14.21
C LEU B 415 15.26 -18.33 14.18
N GLY B 416 16.14 -17.96 13.25
CA GLY B 416 17.41 -18.65 13.09
C GLY B 416 17.31 -19.84 12.13
N ASN B 417 18.48 -20.29 11.67
CA ASN B 417 18.68 -21.39 10.74
C ASN B 417 18.86 -22.74 11.41
N THR B 418 19.15 -22.70 12.72
CA THR B 418 19.46 -23.93 13.48
C THR B 418 18.47 -25.07 13.37
N ASN B 419 18.91 -26.15 12.73
CA ASN B 419 18.10 -27.32 12.50
C ASN B 419 16.88 -27.06 11.62
N GLY B 420 16.92 -25.96 10.87
CA GLY B 420 15.83 -25.60 9.98
C GLY B 420 15.66 -26.65 8.89
N GLU B 421 16.77 -27.26 8.48
CA GLU B 421 16.70 -28.27 7.43
C GLU B 421 16.01 -29.56 7.87
N LEU B 422 15.68 -29.65 9.16
CA LEU B 422 15.04 -30.85 9.69
C LEU B 422 13.55 -30.63 9.89
N GLU B 423 13.09 -29.41 9.63
CA GLU B 423 11.67 -29.11 9.79
C GLU B 423 10.88 -29.76 8.68
N GLN B 424 9.74 -30.35 9.01
CA GLN B 424 8.90 -30.99 8.01
C GLN B 424 7.61 -30.20 7.81
N ALA B 425 7.43 -29.63 6.62
CA ALA B 425 6.25 -28.86 6.30
C ALA B 425 5.00 -29.65 6.64
N VAL B 426 4.05 -28.97 7.28
CA VAL B 426 2.80 -29.60 7.70
C VAL B 426 1.69 -29.51 6.65
N TYR B 427 1.54 -28.34 6.04
CA TYR B 427 0.53 -28.13 5.01
C TYR B 427 1.26 -27.87 3.69
N LYS B 428 1.30 -28.87 2.84
CA LYS B 428 2.07 -28.81 1.62
C LYS B 428 1.44 -29.61 0.48
N PRO B 429 1.82 -29.29 -0.77
CA PRO B 429 1.28 -30.08 -1.88
C PRO B 429 1.91 -31.46 -1.88
N ALA B 430 1.21 -32.46 -2.41
CA ALA B 430 1.72 -33.83 -2.47
C ALA B 430 3.07 -33.91 -3.19
N GLY B 431 3.27 -33.05 -4.18
CA GLY B 431 4.50 -33.04 -4.94
C GLY B 431 5.73 -32.53 -4.18
N PHE B 432 5.51 -31.94 -3.01
CA PHE B 432 6.63 -31.45 -2.22
C PHE B 432 6.99 -32.47 -1.13
N THR B 433 8.08 -33.19 -1.34
CA THR B 433 8.49 -34.23 -0.42
C THR B 433 9.80 -33.94 0.30
N GLU B 434 10.42 -32.81 0.01
CA GLU B 434 11.68 -32.47 0.64
C GLU B 434 11.51 -32.08 2.09
N VAL B 435 12.56 -32.30 2.87
CA VAL B 435 12.56 -31.93 4.27
C VAL B 435 13.21 -30.55 4.39
N GLY B 436 12.65 -29.71 5.25
CA GLY B 436 13.19 -28.37 5.46
C GLY B 436 12.06 -27.38 5.68
N ASP B 437 12.33 -26.35 6.47
CA ASP B 437 11.32 -25.33 6.78
C ASP B 437 10.96 -24.53 5.55
N VAL B 438 9.70 -24.11 5.45
CA VAL B 438 9.21 -23.33 4.31
C VAL B 438 8.57 -22.00 4.71
N ALA B 439 9.15 -20.89 4.27
CA ALA B 439 8.58 -19.59 4.62
C ALA B 439 7.18 -19.38 4.06
N VAL B 440 7.03 -19.57 2.75
CA VAL B 440 5.74 -19.38 2.08
C VAL B 440 5.43 -20.65 1.27
N THR B 441 4.22 -21.18 1.44
CA THR B 441 3.80 -22.39 0.74
C THR B 441 2.49 -22.08 0.02
N GLN B 442 2.36 -22.49 -1.24
CA GLN B 442 1.13 -22.20 -1.99
C GLN B 442 0.76 -23.34 -2.93
N PHE B 443 -0.52 -23.71 -2.96
CA PHE B 443 -0.93 -24.80 -3.85
C PHE B 443 -2.44 -24.89 -4.08
N ALA B 444 -2.84 -25.88 -4.87
CA ALA B 444 -4.24 -26.14 -5.19
C ALA B 444 -4.92 -25.03 -5.98
N GLY B 445 -4.14 -24.20 -6.66
CA GLY B 445 -4.74 -23.14 -7.45
C GLY B 445 -4.77 -21.77 -6.83
N SER B 446 -4.12 -21.63 -5.68
CA SER B 446 -4.04 -20.31 -5.04
C SER B 446 -3.03 -19.51 -5.85
N GLU B 447 -3.33 -18.24 -6.09
CA GLU B 447 -2.43 -17.39 -6.86
C GLU B 447 -2.37 -16.01 -6.20
N VAL B 448 -1.87 -16.00 -4.98
CA VAL B 448 -1.72 -14.77 -4.22
C VAL B 448 -0.56 -13.96 -4.81
N LYS B 449 -0.68 -12.64 -4.83
CA LYS B 449 0.38 -11.78 -5.33
C LYS B 449 1.31 -11.37 -4.20
N PHE B 450 2.57 -11.75 -4.30
CA PHE B 450 3.51 -11.40 -3.27
C PHE B 450 4.35 -10.23 -3.73
N ASN B 451 4.14 -9.08 -3.12
CA ASN B 451 4.89 -7.88 -3.50
C ASN B 451 5.91 -7.51 -2.45
N SER B 452 7.16 -7.44 -2.88
CA SER B 452 8.27 -7.07 -2.01
C SER B 452 8.34 -7.80 -0.68
N PRO B 453 8.24 -9.15 -0.70
CA PRO B 453 8.34 -9.77 0.61
C PRO B 453 9.80 -9.85 1.04
N ILE B 454 10.01 -9.87 2.36
CA ILE B 454 11.34 -10.04 2.91
C ILE B 454 11.27 -11.42 3.55
N ILE B 455 12.14 -12.33 3.10
CA ILE B 455 12.16 -13.70 3.61
C ILE B 455 13.53 -14.03 4.16
N GLU B 456 13.59 -14.48 5.41
CA GLU B 456 14.87 -14.77 6.04
C GLU B 456 14.99 -16.09 6.79
N GLN B 457 16.20 -16.64 6.79
CA GLN B 457 16.57 -17.87 7.50
C GLN B 457 15.78 -19.11 7.10
N ALA B 458 15.24 -19.13 5.90
CA ALA B 458 14.44 -20.27 5.44
C ALA B 458 15.21 -21.29 4.60
N SER B 459 14.88 -22.57 4.78
CA SER B 459 15.47 -23.65 3.99
C SER B 459 14.92 -23.51 2.58
N PHE B 460 13.60 -23.26 2.51
CA PHE B 460 12.87 -23.05 1.27
C PHE B 460 12.14 -21.73 1.43
N ASP B 461 12.45 -20.74 0.61
CA ASP B 461 11.75 -19.46 0.69
C ASP B 461 10.32 -19.62 0.23
N PHE B 462 10.14 -20.22 -0.94
CA PHE B 462 8.79 -20.43 -1.48
C PHE B 462 8.64 -21.83 -2.09
N VAL B 463 7.53 -22.49 -1.77
CA VAL B 463 7.17 -23.77 -2.37
C VAL B 463 5.80 -23.46 -2.97
N HIS B 464 5.68 -23.64 -4.28
CA HIS B 464 4.42 -23.36 -4.98
C HIS B 464 4.12 -24.43 -6.01
N ALA B 465 2.90 -24.95 -5.98
CA ALA B 465 2.47 -25.96 -6.95
C ALA B 465 1.21 -25.45 -7.65
N GLY B 466 1.15 -25.62 -8.97
CA GLY B 466 -0.02 -25.19 -9.72
C GLY B 466 -1.11 -26.20 -9.45
N ARG B 467 -2.34 -25.89 -9.84
CA ARG B 467 -3.45 -26.82 -9.64
C ARG B 467 -3.16 -28.14 -10.38
N ASP B 468 -3.38 -29.27 -9.70
CA ASP B 468 -3.16 -30.62 -10.25
C ASP B 468 -3.70 -30.84 -11.66
N THR B 469 -4.96 -30.47 -11.84
CA THR B 469 -5.68 -30.65 -13.08
C THR B 469 -5.10 -29.98 -14.33
N ASP B 470 -4.83 -28.68 -14.23
CA ASP B 470 -4.42 -27.91 -15.39
C ASP B 470 -3.27 -26.94 -15.19
N SER B 471 -2.49 -27.13 -14.12
CA SER B 471 -1.37 -26.26 -13.82
C SER B 471 -1.75 -24.80 -13.54
N TYR B 472 -3.03 -24.56 -13.22
CA TYR B 472 -3.50 -23.22 -12.94
C TYR B 472 -2.94 -22.65 -11.63
N GLY B 473 -2.69 -21.35 -11.63
CA GLY B 473 -2.21 -20.66 -10.45
C GLY B 473 -0.82 -20.08 -10.66
N LEU B 474 -0.76 -18.86 -11.18
CA LEU B 474 0.52 -18.23 -11.42
C LEU B 474 1.28 -17.87 -10.13
N PHE B 475 2.54 -18.28 -10.05
CA PHE B 475 3.38 -17.93 -8.91
C PHE B 475 3.94 -16.53 -9.19
N MET B 476 3.52 -15.55 -8.41
CA MET B 476 3.93 -14.18 -8.66
C MET B 476 4.65 -13.52 -7.48
N VAL B 477 5.94 -13.27 -7.66
CA VAL B 477 6.73 -12.60 -6.64
C VAL B 477 7.49 -11.42 -7.27
N ASP B 478 7.25 -10.23 -6.73
CA ASP B 478 7.90 -9.03 -7.22
C ASP B 478 8.92 -8.53 -6.20
N LYS B 479 10.19 -8.62 -6.58
CA LYS B 479 11.30 -8.11 -5.76
C LYS B 479 11.43 -8.67 -4.34
N PRO B 480 11.62 -9.99 -4.20
CA PRO B 480 11.75 -10.55 -2.86
C PRO B 480 13.12 -10.20 -2.28
N HIS B 481 13.19 -9.92 -0.99
CA HIS B 481 14.45 -9.60 -0.35
C HIS B 481 14.81 -10.86 0.43
N ILE B 482 15.59 -11.74 -0.19
CA ILE B 482 15.93 -13.03 0.43
C ILE B 482 17.31 -13.10 1.09
N GLU B 483 17.32 -13.45 2.38
CA GLU B 483 18.58 -13.57 3.12
C GLU B 483 18.58 -14.75 4.06
N SER B 484 19.78 -15.25 4.36
CA SER B 484 19.94 -16.37 5.27
C SER B 484 21.36 -16.38 5.83
N SER B 485 21.46 -16.37 7.17
CA SER B 485 22.75 -16.38 7.86
C SER B 485 23.57 -17.59 7.48
N GLY B 486 24.86 -17.37 7.25
CA GLY B 486 25.76 -18.45 6.88
C GLY B 486 25.47 -19.00 5.50
N GLY B 487 24.60 -18.30 4.77
CA GLY B 487 24.21 -18.72 3.43
C GLY B 487 23.60 -20.10 3.42
N LYS B 488 22.91 -20.43 4.50
CA LYS B 488 22.28 -21.74 4.64
C LYS B 488 20.93 -21.74 3.92
N LYS B 489 20.75 -22.65 2.96
CA LYS B 489 19.52 -22.69 2.18
C LYS B 489 19.47 -23.87 1.22
N LYS B 490 18.25 -24.30 0.89
CA LYS B 490 18.06 -25.39 -0.06
C LYS B 490 17.68 -24.79 -1.42
N HIS B 491 16.56 -24.06 -1.45
CA HIS B 491 16.08 -23.43 -2.68
C HIS B 491 15.25 -22.19 -2.37
N SER B 492 15.19 -21.23 -3.30
CA SER B 492 14.37 -20.04 -3.08
C SER B 492 12.97 -20.21 -3.67
N PHE B 493 12.91 -20.76 -4.87
CA PHE B 493 11.65 -20.99 -5.55
C PHE B 493 11.55 -22.47 -5.96
N TYR B 494 10.80 -23.25 -5.19
CA TYR B 494 10.58 -24.66 -5.48
C TYR B 494 9.24 -24.70 -6.17
N LEU B 495 9.27 -24.80 -7.50
CA LEU B 495 8.06 -24.73 -8.32
C LEU B 495 7.64 -26.06 -8.95
N ILE B 496 6.46 -26.51 -8.58
CA ILE B 496 5.93 -27.77 -9.07
C ILE B 496 4.76 -27.54 -10.02
N ASN B 497 4.82 -28.13 -11.21
CA ASN B 497 3.74 -28.06 -12.20
C ASN B 497 3.11 -26.68 -12.31
N THR B 498 3.95 -25.68 -12.59
CA THR B 498 3.45 -24.30 -12.62
C THR B 498 4.26 -23.38 -13.50
N SER B 499 3.71 -22.18 -13.69
CA SER B 499 4.37 -21.10 -14.41
C SER B 499 4.65 -20.07 -13.33
N SER B 500 5.47 -19.07 -13.64
CA SER B 500 5.77 -18.01 -12.68
C SER B 500 6.30 -16.75 -13.37
N ASN B 501 6.15 -15.61 -12.68
CA ASN B 501 6.68 -14.34 -13.14
C ASN B 501 7.34 -13.77 -11.87
N VAL B 502 8.67 -13.78 -11.87
CA VAL B 502 9.45 -13.30 -10.73
C VAL B 502 10.42 -12.20 -11.15
N THR B 503 10.46 -11.11 -10.39
CA THR B 503 11.38 -10.03 -10.65
C THR B 503 12.37 -9.94 -9.49
N LEU B 504 13.64 -10.21 -9.76
CA LEU B 504 14.68 -10.16 -8.74
C LEU B 504 15.14 -8.72 -8.47
N SER B 505 15.53 -8.45 -7.23
CA SER B 505 15.94 -7.10 -6.88
C SER B 505 17.43 -7.00 -6.54
N GLY B 506 18.22 -7.96 -7.01
CA GLY B 506 19.65 -7.95 -6.78
C GLY B 506 20.03 -8.50 -5.41
N VAL B 507 19.08 -9.19 -4.79
CA VAL B 507 19.30 -9.76 -3.47
C VAL B 507 18.92 -11.23 -3.43
N GLY B 508 19.82 -12.07 -2.93
CA GLY B 508 19.54 -13.49 -2.87
C GLY B 508 20.80 -14.30 -2.70
N LEU B 509 20.66 -15.61 -2.77
CA LEU B 509 21.79 -16.52 -2.61
C LEU B 509 21.34 -17.93 -2.93
N SER B 510 22.30 -18.84 -3.00
CA SER B 510 22.00 -20.27 -3.15
C SER B 510 22.85 -20.97 -2.06
N GLY B 511 22.32 -22.05 -1.51
CA GLY B 511 22.96 -22.80 -0.45
C GLY B 511 24.41 -23.26 -0.55
N GLN B 512 24.86 -23.86 0.54
CA GLN B 512 26.24 -24.34 0.66
C GLN B 512 26.54 -25.66 -0.06
N ASP B 513 25.52 -26.47 -0.31
CA ASP B 513 25.70 -27.75 -1.00
C ASP B 513 25.95 -27.46 -2.49
N PRO B 514 27.18 -27.73 -2.95
CA PRO B 514 27.63 -27.49 -4.34
C PRO B 514 26.89 -28.28 -5.43
N ASP B 515 26.04 -29.23 -5.05
CA ASP B 515 25.32 -30.01 -6.06
C ASP B 515 23.82 -29.78 -6.05
N LEU B 516 23.23 -29.88 -4.86
CA LEU B 516 21.78 -29.79 -4.71
C LEU B 516 21.13 -28.40 -4.58
N ASP B 517 21.81 -27.46 -3.94
CA ASP B 517 21.25 -26.12 -3.74
C ASP B 517 21.21 -25.26 -5.01
N SER B 518 20.09 -24.60 -5.23
CA SER B 518 19.91 -23.72 -6.38
C SER B 518 18.76 -22.76 -6.12
N MET B 519 18.83 -21.58 -6.72
CA MET B 519 17.78 -20.59 -6.55
C MET B 519 16.43 -21.19 -6.91
N TYR B 520 16.38 -21.79 -8.09
CA TYR B 520 15.16 -22.42 -8.60
C TYR B 520 15.24 -23.93 -8.66
N PHE B 521 14.10 -24.57 -8.40
CA PHE B 521 13.97 -26.01 -8.63
C PHE B 521 12.63 -26.16 -9.35
N LEU B 522 12.70 -26.61 -10.59
CA LEU B 522 11.51 -26.77 -11.42
C LEU B 522 11.09 -28.24 -11.45
N LYS B 523 10.04 -28.56 -10.71
CA LYS B 523 9.59 -29.95 -10.66
C LYS B 523 8.39 -30.24 -11.53
N ASN B 524 8.62 -31.01 -12.57
CA ASN B 524 7.53 -31.42 -13.47
C ASN B 524 6.68 -30.29 -14.00
N CYS B 525 7.31 -29.18 -14.39
CA CYS B 525 6.57 -28.09 -14.99
C CYS B 525 6.26 -28.52 -16.42
N PRO B 526 5.00 -28.33 -16.85
CA PRO B 526 4.54 -28.78 -18.17
C PRO B 526 5.17 -28.03 -19.35
N GLU B 527 5.08 -28.64 -20.52
CA GLU B 527 5.64 -28.06 -21.73
C GLU B 527 5.14 -26.64 -22.00
N THR B 528 3.88 -26.37 -21.66
CA THR B 528 3.29 -25.06 -21.92
C THR B 528 3.54 -24.03 -20.83
N ALA B 529 4.22 -24.42 -19.76
CA ALA B 529 4.50 -23.49 -18.68
C ALA B 529 5.71 -22.62 -18.99
N ARG B 530 5.78 -21.47 -18.32
CA ARG B 530 6.90 -20.55 -18.45
C ARG B 530 7.19 -19.96 -17.09
N ASN B 531 8.44 -20.07 -16.67
CA ASN B 531 8.88 -19.52 -15.40
C ASN B 531 9.86 -18.40 -15.73
N VAL B 532 9.31 -17.20 -15.78
CA VAL B 532 10.02 -16.02 -16.24
C VAL B 532 10.77 -15.27 -15.15
N VAL B 533 12.05 -15.04 -15.42
CA VAL B 533 12.93 -14.35 -14.49
C VAL B 533 13.34 -13.00 -15.04
N ARG B 534 13.01 -11.94 -14.32
CA ARG B 534 13.39 -10.58 -14.71
C ARG B 534 14.19 -9.98 -13.56
N GLY B 535 14.74 -8.79 -13.76
CA GLY B 535 15.48 -8.13 -12.69
C GLY B 535 16.96 -8.44 -12.62
N GLN B 536 17.52 -8.18 -11.45
CA GLN B 536 18.94 -8.36 -11.22
C GLN B 536 19.29 -9.56 -10.35
N MET B 537 20.25 -10.35 -10.82
CA MET B 537 20.73 -11.50 -10.08
C MET B 537 21.50 -11.01 -8.85
N PRO B 538 21.63 -11.86 -7.83
CA PRO B 538 22.38 -11.47 -6.64
C PRO B 538 23.83 -11.09 -7.01
N ILE B 539 24.51 -10.31 -6.17
CA ILE B 539 25.88 -9.90 -6.46
C ILE B 539 26.82 -11.10 -6.40
N SER B 540 26.64 -11.94 -5.38
CA SER B 540 27.46 -13.13 -5.22
C SER B 540 26.97 -14.25 -6.11
N GLY B 541 27.89 -15.13 -6.51
CA GLY B 541 27.55 -16.24 -7.36
C GLY B 541 26.55 -17.18 -6.71
N VAL B 542 25.63 -17.66 -7.52
CA VAL B 542 24.61 -18.59 -7.07
C VAL B 542 24.45 -19.65 -8.15
N LYS B 543 23.84 -20.78 -7.81
CA LYS B 543 23.55 -21.77 -8.83
C LYS B 543 22.11 -21.44 -9.16
N LEU B 544 21.84 -21.14 -10.42
CA LEU B 544 20.51 -20.71 -10.84
C LEU B 544 19.37 -21.72 -10.82
N VAL B 545 19.54 -22.87 -11.48
CA VAL B 545 18.41 -23.79 -11.60
C VAL B 545 18.73 -25.29 -11.64
N ARG B 546 17.80 -26.08 -11.08
CA ARG B 546 17.85 -27.53 -11.10
C ARG B 546 16.41 -27.92 -11.32
N GLY B 547 16.15 -29.18 -11.69
CA GLY B 547 14.79 -29.60 -11.90
C GLY B 547 14.62 -31.07 -12.22
N THR B 548 13.36 -31.47 -12.41
CA THR B 548 13.00 -32.84 -12.77
C THR B 548 11.89 -32.64 -13.78
N GLY B 549 11.81 -33.55 -14.74
CA GLY B 549 10.79 -33.42 -15.76
C GLY B 549 11.46 -33.29 -17.11
N ASN B 550 10.67 -33.39 -18.17
CA ASN B 550 11.18 -33.36 -19.53
C ASN B 550 11.02 -32.08 -20.32
N TYR B 551 10.55 -31.01 -19.68
CA TYR B 551 10.34 -29.77 -20.42
C TYR B 551 11.01 -28.56 -19.77
N PRO B 552 11.81 -27.83 -20.55
CA PRO B 552 12.45 -26.61 -20.03
C PRO B 552 11.39 -25.52 -19.95
N THR B 553 11.37 -24.74 -18.87
CA THR B 553 10.39 -23.65 -18.75
C THR B 553 11.01 -22.33 -18.26
N LEU B 554 12.27 -22.35 -17.85
CA LEU B 554 12.86 -21.12 -17.37
C LEU B 554 13.15 -20.17 -18.52
N VAL B 555 12.79 -18.91 -18.33
CA VAL B 555 13.02 -17.88 -19.32
C VAL B 555 13.73 -16.70 -18.67
N LEU B 556 14.86 -16.32 -19.25
CA LEU B 556 15.61 -15.15 -18.79
C LEU B 556 15.13 -13.98 -19.65
N ASP B 557 14.34 -13.08 -19.06
CA ASP B 557 13.80 -11.95 -19.79
C ASP B 557 14.56 -10.67 -19.44
N CYS B 558 15.60 -10.38 -20.22
CA CYS B 558 16.46 -9.21 -19.99
C CYS B 558 17.08 -9.21 -18.60
N THR B 559 17.24 -10.39 -18.04
CA THR B 559 17.81 -10.57 -16.71
C THR B 559 19.21 -9.97 -16.62
N ASN B 560 19.41 -9.11 -15.63
CA ASN B 560 20.70 -8.49 -15.39
C ASN B 560 21.50 -9.56 -14.63
N MET B 561 22.42 -10.22 -15.34
CA MET B 561 23.20 -11.30 -14.76
C MET B 561 24.39 -10.87 -13.92
N GLY B 562 24.74 -9.58 -13.97
CA GLY B 562 25.88 -9.11 -13.20
C GLY B 562 27.14 -9.90 -13.51
N SER B 563 27.79 -10.45 -12.49
CA SER B 563 28.99 -11.23 -12.74
C SER B 563 28.78 -12.73 -12.52
N GLN B 564 27.54 -13.19 -12.71
CA GLN B 564 27.21 -14.61 -12.52
C GLN B 564 27.95 -15.56 -13.46
N PHE B 565 28.17 -15.15 -14.70
CA PHE B 565 28.89 -15.99 -15.64
C PHE B 565 30.28 -16.35 -15.09
N GLN B 566 30.87 -15.37 -14.40
CA GLN B 566 32.21 -15.53 -13.85
C GLN B 566 32.26 -16.14 -12.46
N PHE B 567 31.28 -15.84 -11.62
CA PHE B 567 31.31 -16.34 -10.24
C PHE B 567 30.20 -17.30 -9.84
N GLY B 568 29.15 -17.39 -10.67
CA GLY B 568 28.04 -18.28 -10.37
C GLY B 568 28.02 -19.53 -11.24
N GLU B 569 26.87 -20.21 -11.25
CA GLU B 569 26.68 -21.42 -12.03
C GLU B 569 25.25 -21.44 -12.55
N VAL B 570 25.05 -22.05 -13.73
CA VAL B 570 23.69 -22.17 -14.24
C VAL B 570 23.02 -23.31 -13.49
N GLY B 571 23.80 -24.34 -13.18
CA GLY B 571 23.27 -25.54 -12.55
C GLY B 571 22.97 -26.50 -13.69
N ASP B 572 21.70 -26.65 -14.03
CA ASP B 572 21.28 -27.55 -15.10
C ASP B 572 20.71 -26.78 -16.29
N ILE B 573 21.55 -26.58 -17.30
CA ILE B 573 21.17 -25.86 -18.52
C ILE B 573 19.90 -26.42 -19.20
N PHE B 574 19.60 -27.69 -18.99
CA PHE B 574 18.41 -28.31 -19.59
C PHE B 574 17.12 -27.52 -19.38
N TYR B 575 16.93 -27.04 -18.15
CA TYR B 575 15.69 -26.36 -17.78
C TYR B 575 15.46 -24.94 -18.33
N ILE B 576 16.47 -24.36 -18.98
CA ILE B 576 16.28 -23.05 -19.58
C ILE B 576 15.63 -23.22 -20.94
N LYS B 577 14.46 -22.62 -21.08
CA LYS B 577 13.68 -22.70 -22.31
C LYS B 577 14.02 -21.59 -23.31
N ASP B 578 14.22 -20.39 -22.81
CA ASP B 578 14.44 -19.28 -23.70
C ASP B 578 15.16 -18.13 -22.98
N VAL B 579 15.90 -17.34 -23.75
CA VAL B 579 16.65 -16.21 -23.21
C VAL B 579 16.48 -14.98 -24.10
N VAL B 580 16.16 -13.84 -23.49
CA VAL B 580 15.98 -12.61 -24.23
C VAL B 580 16.87 -11.52 -23.63
N GLY B 581 17.59 -10.80 -24.46
CA GLY B 581 18.41 -9.70 -23.96
C GLY B 581 19.58 -10.04 -23.06
N VAL B 582 20.12 -11.25 -23.20
CA VAL B 582 21.30 -11.66 -22.44
C VAL B 582 22.23 -12.29 -23.45
N LYS B 583 23.40 -11.69 -23.63
CA LYS B 583 24.36 -12.18 -24.61
C LYS B 583 25.77 -12.34 -24.07
N ALA B 584 26.55 -13.19 -24.74
CA ALA B 584 27.94 -13.45 -24.39
C ALA B 584 28.64 -13.80 -25.69
N ASP B 585 29.89 -13.37 -25.84
CA ASP B 585 30.61 -13.60 -27.08
C ASP B 585 31.20 -14.99 -27.27
N THR B 586 31.66 -15.57 -26.18
CA THR B 586 32.37 -16.85 -26.26
C THR B 586 31.96 -17.90 -25.23
N LEU B 587 31.96 -19.15 -25.66
CA LEU B 587 31.66 -20.29 -24.81
C LEU B 587 32.96 -21.05 -24.65
N TYR B 588 33.35 -21.28 -23.39
CA TYR B 588 34.60 -21.96 -23.05
C TYR B 588 34.40 -23.39 -22.58
N ILE B 589 35.14 -24.32 -23.19
CA ILE B 589 35.06 -25.74 -22.86
C ILE B 589 36.42 -26.23 -22.36
N ASP B 590 36.41 -27.04 -21.30
CA ASP B 590 37.67 -27.60 -20.77
C ASP B 590 37.40 -29.03 -20.36
N PRO B 591 37.86 -30.00 -21.17
CA PRO B 591 37.56 -31.40 -20.84
C PRO B 591 38.29 -31.89 -19.59
N VAL B 592 39.34 -31.20 -19.21
CA VAL B 592 40.11 -31.57 -18.04
C VAL B 592 39.66 -30.85 -16.76
N ASN B 593 39.52 -29.53 -16.84
CA ASN B 593 39.14 -28.74 -15.69
C ASN B 593 37.75 -28.09 -15.69
N GLY B 594 36.99 -28.30 -16.76
CA GLY B 594 35.66 -27.73 -16.82
C GLY B 594 34.67 -28.35 -15.85
N ASN B 595 33.58 -27.62 -15.58
CA ASN B 595 32.51 -28.06 -14.67
C ASN B 595 31.21 -27.76 -15.40
N ASN B 596 30.37 -28.76 -15.62
CA ASN B 596 29.13 -28.53 -16.37
C ASN B 596 28.08 -27.68 -15.63
N TYR B 597 28.29 -27.40 -14.36
CA TYR B 597 27.38 -26.57 -13.59
C TYR B 597 27.59 -25.12 -14.04
N ASN B 598 28.78 -24.85 -14.58
CA ASN B 598 29.13 -23.51 -15.02
C ASN B 598 28.29 -22.99 -16.20
N TRP B 599 28.26 -21.67 -16.36
CA TRP B 599 27.56 -21.08 -17.48
C TRP B 599 28.41 -21.41 -18.71
N GLY B 600 29.72 -21.27 -18.57
CA GLY B 600 30.68 -21.55 -19.64
C GLY B 600 31.02 -20.32 -20.50
N THR B 601 30.30 -19.24 -20.24
CA THR B 601 30.49 -18.02 -21.02
C THR B 601 31.60 -17.10 -20.50
N ASN B 602 32.21 -17.45 -19.37
CA ASN B 602 33.33 -16.68 -18.85
C ASN B 602 34.52 -17.62 -18.82
N GLY B 603 35.66 -17.16 -19.36
CA GLY B 603 36.87 -17.98 -19.44
C GLY B 603 37.36 -18.62 -18.15
N THR B 604 37.08 -18.01 -17.01
CA THR B 604 37.53 -18.59 -15.73
C THR B 604 36.66 -19.77 -15.29
N LYS B 605 35.47 -19.89 -15.87
CA LYS B 605 34.54 -20.98 -15.54
C LYS B 605 34.00 -21.71 -16.77
N PRO B 606 34.85 -22.53 -17.40
CA PRO B 606 34.41 -23.26 -18.59
C PRO B 606 33.57 -24.47 -18.22
N ILE B 607 32.71 -24.91 -19.13
CA ILE B 607 31.95 -26.13 -18.90
C ILE B 607 32.86 -27.28 -19.37
N ARG B 608 32.48 -28.53 -19.18
CA ARG B 608 33.37 -29.60 -19.59
C ARG B 608 32.97 -30.46 -20.78
N GLU B 609 31.68 -30.70 -20.96
CA GLU B 609 31.16 -31.54 -22.05
C GLU B 609 30.68 -30.70 -23.26
N LEU B 610 30.58 -31.35 -24.42
CA LEU B 610 30.12 -30.69 -25.65
C LEU B 610 28.60 -30.80 -25.83
N THR B 611 27.99 -31.68 -25.05
CA THR B 611 26.55 -31.98 -25.11
C THR B 611 25.60 -30.82 -25.39
N ASN B 612 25.71 -29.72 -24.63
CA ASN B 612 24.79 -28.62 -24.84
C ASN B 612 25.38 -27.37 -25.50
N ILE B 613 26.49 -27.50 -26.20
CA ILE B 613 27.09 -26.29 -26.75
C ILE B 613 26.26 -25.59 -27.82
N ALA B 614 25.52 -26.34 -28.62
CA ALA B 614 24.69 -25.69 -29.63
C ALA B 614 23.61 -24.89 -28.92
N LYS B 615 22.96 -25.51 -27.93
CA LYS B 615 21.90 -24.83 -27.19
C LYS B 615 22.41 -23.56 -26.49
N ILE B 616 23.53 -23.68 -25.78
CA ILE B 616 24.10 -22.55 -25.06
C ILE B 616 24.44 -21.41 -26.02
N CYS B 617 24.97 -21.75 -27.19
CA CYS B 617 25.31 -20.74 -28.18
C CYS B 617 24.07 -20.03 -28.74
N GLN B 618 22.99 -20.79 -28.94
CA GLN B 618 21.76 -20.23 -29.45
C GLN B 618 21.10 -19.31 -28.43
N LEU B 619 21.21 -19.67 -27.15
CA LEU B 619 20.61 -18.85 -26.11
C LEU B 619 21.31 -17.50 -25.96
N PHE B 620 22.63 -17.53 -25.90
CA PHE B 620 23.41 -16.33 -25.65
C PHE B 620 24.05 -15.67 -26.85
N ARG B 621 23.74 -16.17 -28.05
CA ARG B 621 24.24 -15.62 -29.31
C ARG B 621 25.77 -15.56 -29.36
N CYS B 622 26.41 -16.63 -28.92
CA CYS B 622 27.87 -16.71 -28.91
C CYS B 622 28.43 -16.73 -30.33
N LYS B 623 29.58 -16.08 -30.50
CA LYS B 623 30.23 -15.99 -31.80
C LYS B 623 31.33 -17.01 -31.95
N SER B 624 31.80 -17.53 -30.82
CA SER B 624 32.85 -18.54 -30.87
C SER B 624 32.88 -19.48 -29.67
N VAL B 625 33.58 -20.59 -29.86
CA VAL B 625 33.75 -21.58 -28.82
C VAL B 625 35.24 -21.81 -28.65
N TYR B 626 35.73 -21.65 -27.43
CA TYR B 626 37.14 -21.84 -27.17
C TYR B 626 37.35 -23.20 -26.50
N LEU B 627 38.13 -24.05 -27.16
CA LEU B 627 38.43 -25.37 -26.64
C LEU B 627 39.80 -25.37 -25.94
N ASN B 628 39.79 -25.49 -24.62
CA ASN B 628 41.03 -25.57 -23.89
C ASN B 628 41.71 -26.89 -24.22
N ALA B 629 42.99 -27.00 -23.88
CA ALA B 629 43.80 -28.19 -24.15
C ALA B 629 43.13 -29.50 -23.78
N GLY B 630 43.30 -30.51 -24.63
CA GLY B 630 42.73 -31.81 -24.39
C GLY B 630 41.71 -32.17 -25.44
N GLU B 631 41.25 -33.42 -25.40
CA GLU B 631 40.28 -33.91 -26.37
C GLU B 631 38.84 -33.72 -25.89
N SER B 632 38.05 -32.97 -26.64
CA SER B 632 36.64 -32.79 -26.33
C SER B 632 35.95 -33.86 -27.17
N VAL B 633 35.31 -34.83 -26.52
CA VAL B 633 34.69 -35.94 -27.23
C VAL B 633 33.19 -36.05 -27.12
N ILE B 634 32.60 -36.76 -28.08
CA ILE B 634 31.18 -37.06 -28.07
C ILE B 634 31.11 -38.57 -28.31
N THR B 635 30.07 -39.20 -27.79
CA THR B 635 29.89 -40.65 -28.00
C THR B 635 28.54 -40.94 -28.64
N SER B 636 27.75 -39.89 -28.85
CA SER B 636 26.46 -39.98 -29.54
C SER B 636 26.35 -38.70 -30.37
N ASN B 637 25.55 -38.73 -31.44
CA ASN B 637 25.43 -37.58 -32.33
C ASN B 637 25.14 -36.28 -31.60
N THR B 638 25.97 -35.27 -31.86
CA THR B 638 25.85 -33.98 -31.16
C THR B 638 25.93 -32.78 -32.10
N GLU B 639 25.02 -31.84 -31.95
CA GLU B 639 25.05 -30.67 -32.81
C GLU B 639 26.17 -29.69 -32.45
N LEU B 640 26.78 -29.13 -33.49
CA LEU B 640 27.79 -28.09 -33.30
C LEU B 640 27.14 -26.78 -33.78
N PRO B 641 27.28 -25.71 -33.01
CA PRO B 641 26.74 -24.43 -33.49
C PRO B 641 27.58 -23.90 -34.65
N MET B 642 26.99 -23.08 -35.50
CA MET B 642 27.73 -22.56 -36.65
C MET B 642 28.53 -21.33 -36.24
N VAL B 643 29.63 -21.55 -35.54
CA VAL B 643 30.47 -20.47 -35.08
C VAL B 643 31.93 -20.82 -35.29
N VAL B 644 32.81 -19.96 -34.78
CA VAL B 644 34.23 -20.20 -34.88
C VAL B 644 34.72 -21.00 -33.67
N PHE B 645 35.47 -22.07 -33.91
CA PHE B 645 36.07 -22.83 -32.83
C PHE B 645 37.56 -22.51 -32.89
N GLU B 646 38.16 -22.20 -31.75
CA GLU B 646 39.60 -21.90 -31.66
C GLU B 646 40.12 -22.53 -30.38
N GLY B 647 41.44 -22.47 -30.18
CA GLY B 647 42.02 -23.05 -28.98
C GLY B 647 42.88 -24.25 -29.29
N PRO B 648 43.66 -24.72 -28.31
CA PRO B 648 44.55 -25.86 -28.51
C PRO B 648 43.84 -27.22 -28.43
N GLY B 649 42.58 -27.23 -28.01
CA GLY B 649 41.84 -28.48 -27.87
C GLY B 649 41.59 -29.21 -29.18
N SER B 650 41.18 -30.46 -29.08
CA SER B 650 40.85 -31.25 -30.27
C SER B 650 39.42 -31.75 -30.14
N LEU B 651 38.83 -32.16 -31.25
CA LEU B 651 37.47 -32.67 -31.25
C LEU B 651 37.48 -34.12 -31.71
N LYS B 652 36.70 -34.97 -31.03
CA LYS B 652 36.68 -36.38 -31.38
C LYS B 652 35.28 -36.96 -31.32
N ALA B 653 34.84 -37.60 -32.41
CA ALA B 653 33.55 -38.27 -32.38
C ALA B 653 33.85 -39.77 -32.22
N ASN B 654 33.46 -40.32 -31.06
CA ASN B 654 33.69 -41.73 -30.75
C ASN B 654 32.42 -42.57 -30.85
N SER B 655 32.58 -43.89 -30.72
CA SER B 655 31.47 -44.84 -30.78
C SER B 655 30.65 -44.72 -32.06
N GLY B 656 31.31 -44.37 -33.16
CA GLY B 656 30.67 -44.24 -34.45
C GLY B 656 29.74 -43.05 -34.60
N SER B 657 29.80 -42.11 -33.65
CA SER B 657 28.94 -40.94 -33.71
C SER B 657 29.44 -39.91 -34.72
N SER B 658 28.61 -38.90 -34.97
CA SER B 658 28.89 -37.80 -35.89
C SER B 658 28.55 -36.47 -35.26
N PHE B 659 29.17 -35.41 -35.75
CA PHE B 659 28.83 -34.07 -35.30
C PHE B 659 27.68 -33.70 -36.22
N LEU B 660 26.74 -32.90 -35.72
CA LEU B 660 25.58 -32.53 -36.51
C LEU B 660 25.53 -31.06 -36.85
N ILE B 661 25.16 -30.78 -38.09
CA ILE B 661 24.99 -29.41 -38.56
C ILE B 661 23.52 -29.30 -38.94
N LYS B 662 22.78 -28.54 -38.12
CA LYS B 662 21.35 -28.39 -38.29
C LYS B 662 20.90 -26.97 -38.66
N ALA B 663 21.83 -26.06 -38.88
CA ALA B 663 21.46 -24.69 -39.22
C ALA B 663 22.44 -24.14 -40.23
N GLY B 664 21.99 -23.15 -41.00
CA GLY B 664 22.85 -22.51 -41.99
C GLY B 664 23.89 -21.61 -41.33
N GLY B 665 24.86 -21.16 -42.13
CA GLY B 665 25.92 -20.31 -41.63
C GLY B 665 27.26 -20.92 -41.93
N THR B 666 28.27 -20.54 -41.13
CA THR B 666 29.60 -21.06 -41.31
C THR B 666 30.17 -21.68 -40.04
N LEU B 667 30.63 -22.92 -40.16
CA LEU B 667 31.28 -23.61 -39.06
C LEU B 667 32.78 -23.53 -39.33
N SER B 668 33.52 -22.93 -38.39
CA SER B 668 34.97 -22.82 -38.57
C SER B 668 35.77 -23.50 -37.46
N LEU B 669 36.77 -24.27 -37.86
CA LEU B 669 37.66 -24.95 -36.93
C LEU B 669 39.02 -24.31 -37.23
N ILE B 670 39.45 -23.42 -36.36
CA ILE B 670 40.69 -22.66 -36.62
C ILE B 670 41.81 -22.91 -35.64
N GLY B 671 42.87 -23.56 -36.11
CA GLY B 671 44.04 -23.79 -35.30
C GLY B 671 43.89 -24.82 -34.20
N LEU B 672 42.82 -25.61 -34.23
CA LEU B 672 42.59 -26.64 -33.22
C LEU B 672 43.65 -27.71 -33.37
N SER B 673 43.81 -28.58 -32.37
CA SER B 673 44.78 -29.66 -32.49
C SER B 673 44.27 -30.76 -33.42
N GLY B 674 43.09 -30.55 -34.00
CA GLY B 674 42.51 -31.49 -34.93
C GLY B 674 41.10 -31.93 -34.61
N ILE B 675 40.48 -32.57 -35.60
CA ILE B 675 39.15 -33.14 -35.44
C ILE B 675 39.16 -34.48 -36.16
N SER B 676 38.64 -35.51 -35.50
CA SER B 676 38.60 -36.83 -36.10
C SER B 676 37.45 -37.66 -35.58
N THR B 677 37.25 -38.82 -36.19
CA THR B 677 36.17 -39.72 -35.81
C THR B 677 36.71 -41.14 -35.74
N ASP B 678 35.99 -42.01 -35.04
CA ASP B 678 36.42 -43.40 -34.94
C ASP B 678 35.64 -44.27 -35.90
N GLY B 679 35.07 -43.65 -36.94
CA GLY B 679 34.33 -44.39 -37.94
C GLY B 679 33.10 -43.78 -38.57
N GLY B 680 32.40 -42.89 -37.86
CA GLY B 680 31.20 -42.30 -38.42
C GLY B 680 31.53 -41.12 -39.33
N HIS B 681 30.60 -40.71 -40.19
CA HIS B 681 30.85 -39.52 -41.01
C HIS B 681 31.07 -38.34 -40.05
N MET B 682 31.98 -37.44 -40.39
CA MET B 682 32.32 -36.32 -39.50
C MET B 682 31.19 -35.30 -39.26
N PHE B 683 30.59 -34.78 -40.32
CA PHE B 683 29.53 -33.80 -40.19
C PHE B 683 28.28 -34.25 -40.91
N ARG B 684 27.18 -34.43 -40.18
CA ARG B 684 25.92 -34.81 -40.81
C ARG B 684 25.05 -33.56 -40.93
N VAL B 685 24.87 -33.13 -42.17
CA VAL B 685 24.07 -31.94 -42.45
C VAL B 685 22.61 -32.31 -42.66
N SER B 686 21.72 -31.72 -41.85
CA SER B 686 20.30 -32.00 -41.97
C SER B 686 19.53 -30.71 -42.27
N THR B 687 20.24 -29.68 -42.73
CA THR B 687 19.56 -28.44 -43.08
C THR B 687 19.69 -28.20 -44.58
N VAL B 688 18.64 -27.64 -45.18
CA VAL B 688 18.65 -27.32 -46.62
C VAL B 688 19.26 -25.93 -46.85
N GLU B 689 19.54 -25.20 -45.77
CA GLU B 689 20.13 -23.87 -45.89
C GLU B 689 21.61 -23.93 -46.32
N LYS B 690 22.11 -22.79 -46.79
CA LYS B 690 23.50 -22.71 -47.19
C LYS B 690 24.39 -22.97 -45.98
N VAL B 691 25.26 -23.96 -46.13
CA VAL B 691 26.18 -24.38 -45.09
C VAL B 691 27.61 -24.27 -45.56
N ASN B 692 28.44 -23.57 -44.77
CA ASN B 692 29.88 -23.44 -45.05
C ASN B 692 30.67 -24.13 -43.95
N ILE B 693 31.58 -25.01 -44.32
CA ILE B 693 32.42 -25.74 -43.38
C ILE B 693 33.86 -25.34 -43.68
N HIS B 694 34.49 -24.67 -42.72
CA HIS B 694 35.83 -24.13 -42.89
C HIS B 694 36.77 -24.81 -41.90
N THR B 695 37.61 -25.71 -42.40
CA THR B 695 38.52 -26.44 -41.53
C THR B 695 39.98 -26.05 -41.76
N ASN B 696 40.52 -25.37 -40.75
CA ASN B 696 41.90 -24.89 -40.77
C ASN B 696 42.60 -25.56 -39.60
N CYS B 697 42.63 -26.88 -39.65
CA CYS B 697 43.22 -27.78 -38.65
C CYS B 697 43.28 -29.16 -39.30
N SER B 698 43.88 -30.12 -38.61
CA SER B 698 43.96 -31.47 -39.14
C SER B 698 42.56 -32.10 -39.15
N VAL B 699 42.21 -32.79 -40.25
CA VAL B 699 40.89 -33.44 -40.37
C VAL B 699 41.05 -34.93 -40.74
N ASN B 700 40.47 -35.81 -39.93
CA ASN B 700 40.54 -37.26 -40.21
C ASN B 700 39.23 -38.03 -40.03
N ALA B 701 38.54 -38.32 -41.13
CA ALA B 701 37.32 -39.08 -41.11
C ALA B 701 37.57 -40.57 -41.45
N GLY B 702 38.84 -40.93 -41.65
CA GLY B 702 39.19 -42.31 -41.96
C GLY B 702 38.56 -42.81 -43.23
N ALA B 703 37.81 -43.92 -43.13
CA ALA B 703 37.13 -44.51 -44.28
C ALA B 703 35.78 -43.87 -44.53
N ALA B 704 35.39 -42.93 -43.65
CA ALA B 704 34.11 -42.22 -43.77
C ALA B 704 34.28 -40.89 -44.52
N TYR B 705 33.23 -40.08 -44.57
CA TYR B 705 33.28 -38.78 -45.26
C TYR B 705 33.43 -37.62 -44.29
N VAL B 706 33.94 -36.48 -44.78
CA VAL B 706 34.01 -35.30 -43.92
C VAL B 706 32.58 -34.78 -43.76
N VAL B 707 31.84 -34.77 -44.86
CA VAL B 707 30.47 -34.27 -44.85
C VAL B 707 29.48 -35.24 -45.49
N LEU B 708 28.36 -35.47 -44.80
CA LEU B 708 27.29 -36.33 -45.32
C LEU B 708 26.00 -35.52 -45.23
N SER B 709 25.36 -35.25 -46.36
CA SER B 709 24.11 -34.49 -46.36
C SER B 709 22.93 -35.43 -46.27
N GLU B 710 22.06 -35.22 -45.28
CA GLU B 710 20.89 -36.06 -45.06
C GLU B 710 19.64 -35.48 -45.72
N VAL B 711 19.82 -34.33 -46.37
CA VAL B 711 18.74 -33.65 -47.08
C VAL B 711 19.31 -33.22 -48.43
N GLN B 712 18.50 -32.53 -49.23
CA GLN B 712 18.96 -32.01 -50.51
C GLN B 712 19.68 -30.71 -50.13
N GLY B 713 20.97 -30.85 -49.83
CA GLY B 713 21.78 -29.75 -49.35
C GLY B 713 22.42 -28.78 -50.32
N ASN B 714 23.09 -27.80 -49.73
CA ASN B 714 23.78 -26.74 -50.44
C ASN B 714 24.92 -26.40 -49.51
N ILE B 715 26.09 -26.96 -49.80
CA ILE B 715 27.26 -26.88 -48.94
C ILE B 715 28.55 -26.40 -49.60
N GLU B 716 29.38 -25.65 -48.85
CA GLU B 716 30.69 -25.26 -49.36
C GLU B 716 31.70 -25.69 -48.33
N TYR B 717 32.64 -26.53 -48.76
CA TYR B 717 33.68 -27.06 -47.89
C TYR B 717 35.04 -26.48 -48.30
N ARG B 718 35.73 -25.92 -47.32
CA ARG B 718 37.01 -25.23 -47.45
C ARG B 718 38.02 -25.87 -46.49
N GLN B 719 38.99 -26.61 -47.01
CA GLN B 719 40.05 -27.18 -46.15
C GLN B 719 41.31 -26.34 -46.37
N LEU B 720 41.87 -25.80 -45.30
CA LEU B 720 43.05 -24.94 -45.39
C LEU B 720 44.27 -25.45 -44.65
N PHE B 721 45.26 -25.86 -45.43
CA PHE B 721 46.52 -26.38 -44.93
C PHE B 721 46.32 -27.58 -44.03
N TYR B 722 47.29 -27.83 -43.16
CA TYR B 722 47.25 -29.00 -42.28
C TYR B 722 47.10 -30.26 -43.16
N SER B 723 46.14 -31.10 -42.83
CA SER B 723 45.91 -32.31 -43.61
C SER B 723 44.47 -32.77 -43.52
N VAL B 724 44.05 -33.54 -44.51
CA VAL B 724 42.71 -34.09 -44.52
C VAL B 724 42.74 -35.55 -45.01
N ASN B 725 41.93 -36.39 -44.40
CA ASN B 725 41.82 -37.81 -44.77
C ASN B 725 40.36 -38.21 -44.71
N CYS B 726 39.92 -38.94 -45.73
CA CYS B 726 38.54 -39.41 -45.86
C CYS B 726 38.43 -40.21 -47.13
N SER B 727 37.30 -40.91 -47.31
CA SER B 727 37.07 -41.69 -48.52
C SER B 727 36.44 -40.80 -49.60
N LYS B 728 35.72 -39.77 -49.16
CA LYS B 728 35.11 -38.77 -50.03
C LYS B 728 34.93 -37.54 -49.14
N TYR B 729 35.09 -36.35 -49.71
CA TYR B 729 34.95 -35.12 -48.93
C TYR B 729 33.49 -34.92 -48.55
N ILE B 730 32.61 -35.13 -49.51
CA ILE B 730 31.18 -34.90 -49.32
C ILE B 730 30.37 -36.02 -49.95
N GLY B 731 29.35 -36.47 -49.24
CA GLY B 731 28.45 -37.50 -49.71
C GLY B 731 27.03 -37.07 -49.31
N ALA B 732 26.02 -37.79 -49.79
CA ALA B 732 24.64 -37.47 -49.46
C ALA B 732 23.83 -38.75 -49.46
N THR B 733 22.77 -38.79 -48.66
CA THR B 733 21.96 -40.00 -48.54
C THR B 733 21.00 -40.27 -49.69
N ALA B 734 20.72 -39.25 -50.49
CA ALA B 734 19.79 -39.41 -51.61
C ALA B 734 19.83 -38.30 -52.66
N GLY B 735 18.68 -38.08 -53.27
CA GLY B 735 18.46 -37.10 -54.32
C GLY B 735 19.20 -35.78 -54.33
N GLN B 736 20.34 -35.79 -55.01
CA GLN B 736 21.24 -34.65 -55.22
C GLN B 736 21.38 -33.48 -54.24
N THR B 737 22.62 -33.26 -53.84
CA THR B 737 23.02 -32.17 -52.95
C THR B 737 24.08 -31.41 -53.71
N ILE B 738 23.98 -30.08 -53.75
CA ILE B 738 25.00 -29.29 -54.45
C ILE B 738 26.11 -28.87 -53.49
N ALA B 739 27.34 -28.89 -53.96
CA ALA B 739 28.46 -28.50 -53.11
C ALA B 739 29.60 -27.88 -53.90
N GLY B 740 30.34 -27.01 -53.24
CA GLY B 740 31.50 -26.36 -53.82
C GLY B 740 32.63 -26.78 -52.89
N ILE B 741 33.79 -27.11 -53.44
CA ILE B 741 34.88 -27.56 -52.59
C ILE B 741 36.21 -26.92 -52.90
N MET B 742 36.97 -26.65 -51.84
CA MET B 742 38.33 -26.16 -51.99
C MET B 742 39.18 -26.93 -51.01
N VAL B 743 40.21 -27.60 -51.51
CA VAL B 743 41.09 -28.33 -50.63
C VAL B 743 42.50 -27.80 -50.84
N LYS B 744 42.94 -26.92 -49.94
CA LYS B 744 44.28 -26.38 -50.12
C LYS B 744 45.31 -26.99 -49.18
N THR B 745 45.79 -28.16 -49.57
CA THR B 745 46.82 -28.87 -48.83
C THR B 745 47.38 -30.02 -49.64
N ALA B 746 48.69 -30.25 -49.54
CA ALA B 746 49.33 -31.35 -50.25
C ALA B 746 49.03 -32.68 -49.54
N THR B 747 48.75 -32.61 -48.24
CA THR B 747 48.44 -33.82 -47.49
C THR B 747 46.94 -34.11 -47.51
N ARG B 748 46.50 -34.70 -48.62
CA ARG B 748 45.11 -35.04 -48.84
C ARG B 748 45.11 -36.36 -49.60
N PRO B 749 43.96 -37.07 -49.62
CA PRO B 749 43.96 -38.30 -50.41
C PRO B 749 43.84 -37.96 -51.90
N THR B 750 45.00 -37.76 -52.53
CA THR B 750 45.05 -37.40 -53.94
C THR B 750 44.30 -38.37 -54.86
N GLY B 751 44.07 -39.58 -54.38
CA GLY B 751 43.37 -40.59 -55.16
C GLY B 751 41.95 -40.18 -55.50
N ILE B 752 41.37 -39.24 -54.76
CA ILE B 752 40.01 -38.80 -55.06
C ILE B 752 39.95 -37.37 -55.63
N ASP B 753 41.09 -36.84 -56.08
CA ASP B 753 41.12 -35.50 -56.68
C ASP B 753 40.15 -35.49 -57.85
N ALA B 754 40.14 -36.59 -58.59
CA ALA B 754 39.28 -36.73 -59.76
C ALA B 754 37.82 -37.00 -59.42
N ALA B 755 37.57 -37.64 -58.28
CA ALA B 755 36.20 -37.92 -57.83
C ALA B 755 36.05 -37.66 -56.32
N PRO B 756 36.05 -36.36 -55.94
CA PRO B 756 36.00 -35.90 -54.54
C PRO B 756 34.72 -36.18 -53.77
N VAL B 757 33.60 -36.38 -54.46
CA VAL B 757 32.34 -36.61 -53.77
C VAL B 757 31.60 -37.85 -54.27
N ASP B 758 30.62 -38.32 -53.49
CA ASP B 758 29.84 -39.49 -53.92
C ASP B 758 28.89 -39.09 -55.06
N GLY B 759 28.17 -40.06 -55.62
CA GLY B 759 27.28 -39.79 -56.74
C GLY B 759 26.07 -38.92 -56.46
N ASN B 760 25.70 -38.78 -55.19
CA ASN B 760 24.54 -37.98 -54.82
C ASN B 760 24.85 -36.49 -54.66
N VAL B 761 26.07 -36.11 -54.97
CA VAL B 761 26.50 -34.73 -54.85
C VAL B 761 26.98 -34.20 -56.20
N SER B 762 26.56 -32.99 -56.54
CA SER B 762 27.01 -32.34 -57.78
C SER B 762 27.85 -31.13 -57.42
N LEU B 763 28.99 -30.97 -58.07
CA LEU B 763 29.89 -29.85 -57.77
C LEU B 763 29.59 -28.51 -58.46
N THR B 764 29.63 -27.43 -57.68
CA THR B 764 29.42 -26.10 -58.22
C THR B 764 30.79 -25.59 -58.66
N TYR B 765 31.78 -25.75 -57.79
CA TYR B 765 33.17 -25.38 -58.10
C TYR B 765 34.07 -26.41 -57.45
N LYS B 766 35.29 -26.52 -57.95
CA LYS B 766 36.26 -27.48 -57.41
C LYS B 766 37.66 -26.90 -57.51
N ILE B 767 38.22 -26.50 -56.37
CA ILE B 767 39.54 -25.92 -56.33
C ILE B 767 40.46 -26.85 -55.57
N ILE B 768 41.20 -27.67 -56.33
CA ILE B 768 42.16 -28.60 -55.76
C ILE B 768 43.33 -28.64 -56.75
N GLU B 769 44.56 -28.55 -56.24
CA GLU B 769 45.74 -28.58 -57.10
C GLU B 769 46.20 -30.00 -57.45
N LYS C 10 -37.16 25.60 83.62
CA LYS C 10 -36.76 24.37 84.30
C LYS C 10 -36.15 23.32 83.34
N GLY C 11 -35.78 22.17 83.89
CA GLY C 11 -35.19 21.10 83.11
C GLY C 11 -36.12 20.57 82.03
N SER C 12 -37.39 20.35 82.39
CA SER C 12 -38.39 19.85 81.45
C SER C 12 -38.58 20.81 80.28
N THR C 13 -38.46 22.11 80.56
CA THR C 13 -38.59 23.14 79.53
C THR C 13 -37.37 23.05 78.62
N GLY C 14 -36.20 22.80 79.22
CA GLY C 14 -34.97 22.67 78.47
C GLY C 14 -35.08 21.46 77.54
N ILE C 15 -35.67 20.37 78.05
CA ILE C 15 -35.86 19.15 77.27
C ILE C 15 -36.82 19.38 76.09
N LEU C 16 -37.94 20.05 76.35
CA LEU C 16 -38.90 20.32 75.29
C LEU C 16 -38.29 21.23 74.23
N THR C 17 -37.57 22.26 74.65
CA THR C 17 -36.99 23.18 73.67
C THR C 17 -35.88 22.49 72.88
N ASN C 18 -35.19 21.52 73.49
CA ASN C 18 -34.15 20.81 72.78
C ASN C 18 -34.78 19.88 71.75
N LYS C 19 -35.85 19.19 72.15
CA LYS C 19 -36.56 18.29 71.24
C LYS C 19 -37.03 19.09 70.03
N GLN C 20 -37.53 20.28 70.31
CA GLN C 20 -37.97 21.19 69.28
C GLN C 20 -36.82 21.51 68.32
N ALA C 21 -35.65 21.81 68.87
CA ALA C 21 -34.47 22.12 68.04
C ALA C 21 -34.05 20.90 67.21
N VAL C 22 -34.09 19.72 67.82
CA VAL C 22 -33.73 18.50 67.12
C VAL C 22 -34.73 18.27 65.99
N ALA C 23 -36.02 18.40 66.30
CA ALA C 23 -37.09 18.21 65.35
C ALA C 23 -36.97 19.11 64.12
N ARG C 24 -36.65 20.38 64.33
CA ARG C 24 -36.49 21.30 63.22
C ARG C 24 -35.30 20.91 62.34
N HIS C 25 -34.28 20.32 62.93
CA HIS C 25 -33.11 19.92 62.17
C HIS C 25 -33.43 18.76 61.22
N PHE C 26 -34.21 17.79 61.70
CA PHE C 26 -34.57 16.61 60.92
C PHE C 26 -35.87 16.72 60.12
N GLY C 27 -36.67 17.75 60.40
CA GLY C 27 -37.94 17.95 59.71
C GLY C 27 -39.06 17.09 60.22
N VAL C 28 -39.02 16.75 61.51
CA VAL C 28 -40.07 15.94 62.10
C VAL C 28 -40.85 16.78 63.13
N LYS C 29 -41.81 16.15 63.80
CA LYS C 29 -42.59 16.84 64.81
C LYS C 29 -41.88 16.75 66.15
N GLN C 30 -42.05 17.77 66.99
CA GLN C 30 -41.42 17.80 68.31
C GLN C 30 -41.73 16.57 69.14
N SER C 31 -42.95 16.04 68.98
CA SER C 31 -43.36 14.87 69.73
C SER C 31 -42.70 13.61 69.19
N GLU C 32 -42.08 13.71 68.02
CA GLU C 32 -41.46 12.54 67.39
C GLU C 32 -39.99 12.33 67.78
N VAL C 33 -39.53 13.08 68.78
CA VAL C 33 -38.17 12.99 69.29
C VAL C 33 -38.18 12.38 70.71
N VAL C 34 -37.36 11.37 70.94
CA VAL C 34 -37.26 10.73 72.26
C VAL C 34 -35.82 10.73 72.78
N TYR C 35 -35.65 10.96 74.08
CA TYR C 35 -34.32 10.91 74.68
C TYR C 35 -34.00 9.46 74.99
N PHE C 36 -32.75 9.05 74.82
CA PHE C 36 -32.39 7.70 75.18
C PHE C 36 -32.25 7.60 76.69
N SER C 37 -32.82 6.53 77.25
CA SER C 37 -32.71 6.21 78.66
C SER C 37 -33.02 4.72 78.71
N VAL C 38 -32.37 3.98 79.61
CA VAL C 38 -32.61 2.55 79.70
C VAL C 38 -34.08 2.28 79.99
N GLY C 39 -34.70 1.44 79.18
CA GLY C 39 -36.11 1.10 79.37
C GLY C 39 -37.14 2.03 78.74
N VAL C 40 -36.71 3.13 78.11
CA VAL C 40 -37.67 4.04 77.48
C VAL C 40 -38.43 3.34 76.35
N ASP C 41 -39.71 3.63 76.21
CA ASP C 41 -40.51 3.04 75.13
C ASP C 41 -40.13 3.72 73.83
N LEU C 42 -39.80 2.94 72.80
CA LEU C 42 -39.35 3.49 71.52
C LEU C 42 -40.38 3.60 70.41
N GLY C 43 -41.48 2.85 70.50
CA GLY C 43 -42.51 2.88 69.47
C GLY C 43 -43.01 4.26 69.08
N GLY C 44 -43.24 4.47 67.78
CA GLY C 44 -43.77 5.73 67.28
C GLY C 44 -42.79 6.87 67.06
N TYR C 45 -41.64 6.85 67.72
CA TYR C 45 -40.67 7.93 67.57
C TYR C 45 -39.90 7.89 66.24
N LYS C 46 -39.45 9.05 65.77
CA LYS C 46 -38.73 9.11 64.48
C LYS C 46 -37.26 9.45 64.67
N VAL C 47 -36.93 10.13 65.76
CA VAL C 47 -35.56 10.54 66.06
C VAL C 47 -35.24 10.29 67.53
N ILE C 48 -34.03 9.82 67.81
CA ILE C 48 -33.62 9.58 69.18
C ILE C 48 -32.43 10.48 69.52
N TYR C 49 -32.45 11.01 70.73
CA TYR C 49 -31.40 11.91 71.21
C TYR C 49 -30.58 11.26 72.33
N ASP C 50 -29.27 11.46 72.28
CA ASP C 50 -28.35 10.94 73.28
C ASP C 50 -27.85 12.12 74.12
N LYS C 51 -28.29 12.16 75.38
CA LYS C 51 -27.93 13.22 76.32
C LYS C 51 -26.43 13.36 76.50
N GLU C 52 -25.76 12.22 76.67
CA GLU C 52 -24.32 12.21 76.91
C GLU C 52 -23.54 12.84 75.76
N THR C 53 -23.62 12.21 74.59
CA THR C 53 -22.90 12.69 73.42
C THR C 53 -23.51 13.95 72.79
N GLN C 54 -24.78 14.22 73.11
CA GLN C 54 -25.51 15.34 72.51
C GLN C 54 -25.53 15.16 70.97
N ARG C 55 -25.95 13.97 70.55
CA ARG C 55 -26.07 13.63 69.13
C ARG C 55 -27.46 13.05 68.93
N ALA C 56 -28.05 13.33 67.77
CA ALA C 56 -29.37 12.80 67.46
C ALA C 56 -29.27 11.89 66.24
N TYR C 57 -30.19 10.92 66.15
CA TYR C 57 -30.23 9.95 65.06
C TYR C 57 -31.65 9.56 64.69
N SER C 58 -31.91 9.47 63.39
CA SER C 58 -33.22 9.00 62.93
C SER C 58 -33.29 7.53 63.34
N LEU C 59 -34.47 7.08 63.73
CA LEU C 59 -34.67 5.71 64.14
C LEU C 59 -35.21 4.90 62.98
N PRO C 60 -34.86 3.60 62.92
CA PRO C 60 -35.40 2.80 61.82
C PRO C 60 -36.90 2.70 61.95
N VAL C 61 -37.61 2.69 60.83
CA VAL C 61 -39.06 2.57 60.85
C VAL C 61 -39.39 1.11 61.14
N GLY C 62 -40.43 0.88 61.93
CA GLY C 62 -40.83 -0.48 62.23
C GLY C 62 -40.65 -0.95 63.66
N ILE C 63 -40.19 -0.07 64.54
CA ILE C 63 -40.03 -0.45 65.94
C ILE C 63 -41.41 -0.57 66.57
N ALA C 64 -41.78 -1.78 66.96
CA ALA C 64 -43.08 -2.04 67.57
C ALA C 64 -43.27 -1.34 68.91
N SER C 65 -44.51 -0.97 69.22
CA SER C 65 -44.79 -0.32 70.50
C SER C 65 -44.51 -1.33 71.60
N GLY C 66 -43.97 -0.85 72.71
CA GLY C 66 -43.63 -1.74 73.81
C GLY C 66 -42.19 -2.18 73.73
N THR C 67 -41.54 -1.90 72.60
CA THR C 67 -40.12 -2.23 72.46
C THR C 67 -39.39 -1.18 73.28
N THR C 68 -38.52 -1.61 74.18
CA THR C 68 -37.80 -0.67 75.06
C THR C 68 -36.31 -0.63 74.85
N ALA C 69 -35.73 0.53 75.17
CA ALA C 69 -34.30 0.73 75.00
C ALA C 69 -33.46 -0.04 76.01
N VAL C 70 -32.40 -0.68 75.54
CA VAL C 70 -31.52 -1.43 76.43
C VAL C 70 -30.20 -0.69 76.62
N SER C 71 -29.53 -0.37 75.53
CA SER C 71 -28.24 0.32 75.59
C SER C 71 -27.97 1.15 74.34
N LEU C 72 -27.08 2.13 74.45
CA LEU C 72 -26.70 2.98 73.32
C LEU C 72 -25.22 3.32 73.46
N SER C 73 -24.38 2.65 72.66
CA SER C 73 -22.94 2.85 72.71
C SER C 73 -22.52 4.20 72.14
N THR C 74 -21.23 4.51 72.27
CA THR C 74 -20.72 5.77 71.77
C THR C 74 -20.52 5.70 70.26
N ALA C 75 -20.72 4.51 69.69
CA ALA C 75 -20.63 4.30 68.25
C ALA C 75 -22.04 4.35 67.69
N ALA C 76 -22.98 4.75 68.55
CA ALA C 76 -24.41 4.84 68.22
C ALA C 76 -25.08 3.51 67.91
N VAL C 77 -24.61 2.42 68.54
CA VAL C 77 -25.26 1.14 68.33
C VAL C 77 -26.35 1.06 69.40
N LEU C 78 -27.59 0.97 68.94
CA LEU C 78 -28.73 0.92 69.84
C LEU C 78 -29.18 -0.52 69.98
N VAL C 79 -29.30 -0.97 71.22
CA VAL C 79 -29.79 -2.31 71.47
C VAL C 79 -31.10 -2.08 72.18
N HIS C 80 -32.14 -2.78 71.73
CA HIS C 80 -33.45 -2.67 72.35
C HIS C 80 -34.02 -4.07 72.61
N SER C 81 -35.20 -4.13 73.19
CA SER C 81 -35.83 -5.41 73.55
C SER C 81 -36.16 -6.35 72.38
N ALA C 82 -36.22 -5.81 71.17
CA ALA C 82 -36.58 -6.64 70.01
C ALA C 82 -35.41 -6.92 69.07
N GLY C 83 -34.30 -6.19 69.24
CA GLY C 83 -33.15 -6.39 68.37
C GLY C 83 -32.12 -5.31 68.58
N SER C 84 -31.37 -5.02 67.53
CA SER C 84 -30.31 -4.02 67.59
C SER C 84 -30.20 -3.25 66.26
N VAL C 85 -29.62 -2.06 66.30
CA VAL C 85 -29.43 -1.26 65.09
C VAL C 85 -28.25 -0.29 65.21
N ASP C 86 -27.39 -0.27 64.20
CA ASP C 86 -26.27 0.68 64.19
C ASP C 86 -26.85 1.98 63.62
N LEU C 87 -27.17 2.91 64.51
CA LEU C 87 -27.75 4.17 64.08
C LEU C 87 -26.81 4.99 63.21
N GLY C 88 -25.51 4.74 63.31
CA GLY C 88 -24.54 5.45 62.51
C GLY C 88 -24.63 5.00 61.06
N SER C 89 -24.78 3.68 60.85
CA SER C 89 -24.91 3.10 59.52
C SER C 89 -26.21 3.58 58.86
N LEU C 90 -27.29 3.61 59.65
CA LEU C 90 -28.57 4.08 59.13
C LEU C 90 -28.45 5.55 58.72
N ALA C 91 -27.76 6.35 59.53
CA ALA C 91 -27.57 7.76 59.22
C ALA C 91 -26.80 7.96 57.92
N VAL C 92 -25.76 7.14 57.71
CA VAL C 92 -25.00 7.23 56.47
C VAL C 92 -25.93 6.98 55.28
N SER C 93 -26.77 5.97 55.41
CA SER C 93 -27.68 5.62 54.32
C SER C 93 -28.68 6.75 54.03
N ARG C 94 -28.98 7.57 55.05
CA ARG C 94 -29.92 8.69 54.91
C ARG C 94 -29.18 10.00 54.69
N GLU C 95 -27.85 9.93 54.54
CA GLU C 95 -27.02 11.13 54.34
C GLU C 95 -27.25 12.16 55.46
N GLU C 96 -27.32 11.67 56.69
CA GLU C 96 -27.51 12.51 57.89
C GLU C 96 -26.20 12.43 58.66
N TYR C 97 -25.35 13.41 58.44
CA TYR C 97 -24.01 13.42 59.01
C TYR C 97 -23.74 14.56 59.97
N VAL C 98 -22.62 14.44 60.70
CA VAL C 98 -22.15 15.47 61.60
C VAL C 98 -20.71 15.76 61.21
N THR C 99 -20.42 17.01 60.85
CA THR C 99 -19.05 17.38 60.50
C THR C 99 -18.30 17.79 61.78
N LEU C 100 -17.38 16.93 62.20
CA LEU C 100 -16.61 17.17 63.42
C LEU C 100 -15.86 18.49 63.43
N PRO C 101 -15.67 19.05 64.63
CA PRO C 101 -14.86 20.26 64.69
C PRO C 101 -13.46 19.85 64.25
N GLY C 102 -12.69 20.79 63.71
CA GLY C 102 -11.34 20.44 63.35
C GLY C 102 -11.17 19.92 61.94
N SER C 103 -10.06 19.23 61.72
CA SER C 103 -9.71 18.76 60.40
C SER C 103 -8.62 17.72 60.47
N PHE C 104 -8.11 17.33 59.32
CA PHE C 104 -7.03 16.36 59.27
C PHE C 104 -5.76 17.06 59.76
N ASP C 105 -5.71 18.37 59.54
CA ASP C 105 -4.56 19.17 59.99
C ASP C 105 -4.51 19.13 61.52
N SER C 106 -5.64 19.40 62.18
CA SER C 106 -5.69 19.40 63.64
C SER C 106 -5.71 18.01 64.25
N GLY C 107 -6.15 17.04 63.47
CA GLY C 107 -6.28 15.69 63.97
C GLY C 107 -7.61 15.59 64.68
N SER C 108 -8.05 14.38 64.98
CA SER C 108 -9.33 14.21 65.65
C SER C 108 -9.50 12.75 66.02
N THR C 109 -10.66 12.44 66.60
CA THR C 109 -11.00 11.07 66.94
C THR C 109 -12.43 10.83 66.47
N LEU C 110 -12.62 9.79 65.65
CA LEU C 110 -13.94 9.48 65.15
C LEU C 110 -14.53 8.30 65.90
N ASN C 111 -15.78 8.44 66.33
CA ASN C 111 -16.46 7.39 67.08
C ASN C 111 -17.69 6.82 66.43
N VAL C 112 -18.28 7.54 65.47
CA VAL C 112 -19.51 7.08 64.82
C VAL C 112 -19.38 7.02 63.29
N LYS C 113 -20.16 6.14 62.68
CA LYS C 113 -20.09 5.98 61.22
C LYS C 113 -20.53 7.22 60.44
N ASN C 114 -21.35 8.06 61.06
CA ASN C 114 -21.83 9.26 60.38
C ASN C 114 -21.05 10.52 60.69
N GLU C 115 -19.85 10.37 61.22
CA GLU C 115 -19.02 11.53 61.50
C GLU C 115 -18.11 11.77 60.30
N LEU C 116 -17.97 13.04 59.92
CA LEU C 116 -17.14 13.42 58.81
C LEU C 116 -15.96 14.25 59.30
N LEU C 117 -14.78 14.06 58.70
CA LEU C 117 -13.63 14.86 59.06
C LEU C 117 -13.23 15.62 57.80
N THR C 118 -13.10 16.93 57.93
CA THR C 118 -12.74 17.79 56.83
C THR C 118 -11.25 17.79 56.47
N TYR C 119 -10.97 17.63 55.18
CA TYR C 119 -9.59 17.68 54.66
C TYR C 119 -9.60 18.85 53.69
N THR C 120 -8.46 19.19 53.09
CA THR C 120 -8.42 20.32 52.18
C THR C 120 -9.23 20.13 50.90
N ASP C 121 -9.57 18.89 50.56
CA ASP C 121 -10.31 18.66 49.31
C ASP C 121 -11.71 18.08 49.49
N GLY C 122 -12.26 18.19 50.70
CA GLY C 122 -13.60 17.69 50.96
C GLY C 122 -13.66 16.90 52.24
N LYS C 123 -14.81 16.28 52.50
CA LYS C 123 -15.02 15.51 53.73
C LYS C 123 -14.98 14.02 53.50
N TYR C 124 -14.69 13.29 54.58
CA TYR C 124 -14.61 11.83 54.53
C TYR C 124 -15.15 11.22 55.81
N ARG C 125 -15.76 10.06 55.71
CA ARG C 125 -16.21 9.29 56.86
C ARG C 125 -15.28 8.08 56.92
N TRP C 126 -15.16 7.47 58.09
CA TRP C 126 -14.29 6.32 58.30
C TRP C 126 -15.11 5.03 58.19
N ASP C 127 -14.72 4.18 57.26
CA ASP C 127 -15.45 2.93 57.02
C ASP C 127 -14.76 1.71 57.66
N GLY C 128 -13.75 1.96 58.49
CA GLY C 128 -13.04 0.87 59.13
C GLY C 128 -13.44 0.70 60.58
N ILE C 129 -12.52 0.17 61.37
CA ILE C 129 -12.75 -0.05 62.80
C ILE C 129 -12.85 1.28 63.53
N LEU C 130 -13.86 1.41 64.39
CA LEU C 130 -14.05 2.61 65.20
C LEU C 130 -13.81 2.19 66.63
N PRO C 131 -13.30 3.09 67.48
CA PRO C 131 -12.94 4.49 67.18
C PRO C 131 -11.68 4.61 66.32
N LYS C 132 -11.61 5.68 65.55
CA LYS C 132 -10.48 5.90 64.66
C LYS C 132 -9.77 7.19 65.06
N THR C 133 -8.50 7.06 65.45
CA THR C 133 -7.74 8.23 65.86
C THR C 133 -6.93 8.77 64.69
N VAL C 134 -7.02 10.07 64.49
CA VAL C 134 -6.32 10.73 63.40
C VAL C 134 -5.35 11.72 64.03
N ALA C 135 -4.06 11.46 63.89
CA ALA C 135 -3.05 12.36 64.44
C ALA C 135 -3.06 13.69 63.71
N PRO C 136 -2.66 14.75 64.41
CA PRO C 136 -2.55 16.05 63.77
C PRO C 136 -1.60 15.93 62.58
N GLY C 137 -1.86 16.65 61.50
CA GLY C 137 -0.99 16.58 60.34
C GLY C 137 -1.20 15.36 59.47
N SER C 138 -2.35 14.71 59.63
CA SER C 138 -2.65 13.54 58.83
C SER C 138 -3.28 13.91 57.51
N THR C 139 -3.31 12.94 56.59
CA THR C 139 -4.01 13.08 55.31
C THR C 139 -4.76 11.77 55.11
N PRO C 140 -5.85 11.80 54.32
CA PRO C 140 -6.54 10.51 54.13
C PRO C 140 -5.57 9.45 53.57
N ALA C 141 -4.73 9.82 52.60
CA ALA C 141 -3.79 8.86 51.99
C ALA C 141 -2.78 8.31 53.00
N SER C 142 -2.42 9.11 54.00
CA SER C 142 -1.43 8.64 54.97
C SER C 142 -2.02 7.97 56.20
N THR C 143 -3.35 7.85 56.25
CA THR C 143 -4.00 7.25 57.40
C THR C 143 -5.00 6.15 57.05
N GLY C 144 -4.70 5.39 56.00
CA GLY C 144 -5.54 4.28 55.59
C GLY C 144 -5.93 4.29 54.13
N GLY C 145 -5.78 5.45 53.49
CA GLY C 145 -6.14 5.57 52.10
C GLY C 145 -7.65 5.68 51.94
N VAL C 146 -8.11 5.96 50.72
CA VAL C 146 -9.53 6.07 50.47
C VAL C 146 -10.06 4.88 49.69
N GLY C 147 -11.07 4.22 50.27
CA GLY C 147 -11.69 3.06 49.68
C GLY C 147 -12.51 2.33 50.73
N LEU C 148 -13.21 1.28 50.30
CA LEU C 148 -14.02 0.47 51.21
C LEU C 148 -13.17 0.01 52.40
N GLY C 149 -13.71 0.15 53.60
CA GLY C 149 -13.00 -0.23 54.80
C GLY C 149 -12.03 0.82 55.31
N ALA C 150 -11.88 1.92 54.59
CA ALA C 150 -10.97 2.99 54.98
C ALA C 150 -11.71 4.32 54.88
N TRP C 151 -11.07 5.35 54.35
CA TRP C 151 -11.70 6.65 54.20
C TRP C 151 -12.66 6.66 53.01
N ILE C 152 -13.88 7.13 53.23
CA ILE C 152 -14.87 7.22 52.16
C ILE C 152 -15.25 8.68 51.94
N SER C 153 -15.10 9.12 50.71
CA SER C 153 -15.42 10.48 50.31
C SER C 153 -16.93 10.73 50.43
N VAL C 154 -17.29 11.83 51.06
CA VAL C 154 -18.70 12.18 51.28
C VAL C 154 -18.97 13.66 50.98
N GLY C 155 -20.08 13.94 50.29
CA GLY C 155 -20.44 15.31 50.02
C GLY C 155 -20.01 15.85 48.67
N ASP C 156 -20.57 17.01 48.33
CA ASP C 156 -20.31 17.63 47.05
C ASP C 156 -18.87 18.10 46.82
N ALA C 157 -18.26 18.70 47.84
CA ALA C 157 -16.88 19.19 47.70
C ALA C 157 -15.96 18.03 47.37
N SER C 158 -16.13 16.94 48.11
CA SER C 158 -15.35 15.73 47.91
C SER C 158 -15.57 15.13 46.52
N LEU C 159 -16.83 15.06 46.08
CA LEU C 159 -17.12 14.49 44.76
C LEU C 159 -16.41 15.28 43.66
N ARG C 160 -16.47 16.61 43.76
CA ARG C 160 -15.81 17.48 42.78
C ARG C 160 -14.32 17.20 42.69
N THR C 161 -13.66 17.09 43.83
CA THR C 161 -12.21 16.85 43.81
C THR C 161 -11.90 15.41 43.35
N GLN C 162 -12.75 14.46 43.74
CA GLN C 162 -12.55 13.07 43.34
C GLN C 162 -12.62 12.97 41.82
N LEU C 163 -13.65 13.60 41.25
CA LEU C 163 -13.82 13.58 39.81
C LEU C 163 -12.68 14.30 39.11
N ALA C 164 -12.36 15.49 39.58
CA ALA C 164 -11.30 16.30 38.97
C ALA C 164 -9.91 15.67 38.97
N ASN C 165 -9.62 14.82 39.95
CA ASN C 165 -8.29 14.22 40.09
C ASN C 165 -8.26 12.71 39.87
N GLY C 166 -9.36 12.18 39.34
CA GLY C 166 -9.44 10.75 39.11
C GLY C 166 -8.98 10.34 37.72
N ASP C 167 -9.37 9.15 37.31
CA ASP C 167 -8.97 8.64 36.01
C ASP C 167 -10.21 8.27 35.21
N GLY C 168 -11.39 8.59 35.75
CA GLY C 168 -12.64 8.28 35.09
C GLY C 168 -13.32 7.01 35.61
N SER C 169 -12.76 6.44 36.67
CA SER C 169 -13.30 5.22 37.23
C SER C 169 -14.66 5.40 37.89
N LEU C 170 -15.04 6.66 38.16
CA LEU C 170 -16.33 6.93 38.78
C LEU C 170 -17.44 7.06 37.74
N ILE C 171 -17.06 6.96 36.47
CA ILE C 171 -17.99 7.12 35.35
C ILE C 171 -18.27 5.81 34.63
N GLY C 172 -19.50 5.32 34.75
CA GLY C 172 -19.88 4.08 34.10
C GLY C 172 -20.08 4.31 32.62
N ILE C 173 -19.81 3.29 31.81
CA ILE C 173 -19.97 3.38 30.35
C ILE C 173 -20.62 2.13 29.78
N HIS C 174 -21.10 2.19 28.54
CA HIS C 174 -21.71 1.02 27.91
C HIS C 174 -20.70 0.24 27.07
N PRO C 175 -20.91 -1.08 26.89
CA PRO C 175 -22.00 -1.91 27.44
C PRO C 175 -21.77 -2.21 28.91
N GLN C 176 -20.54 -2.02 29.37
CA GLN C 176 -20.20 -2.21 30.77
C GLN C 176 -18.80 -1.63 31.00
N GLY C 177 -18.41 -1.54 32.27
CA GLY C 177 -17.11 -1.00 32.62
C GLY C 177 -17.21 0.49 32.94
N THR C 178 -16.06 1.12 33.10
CA THR C 178 -15.95 2.54 33.42
C THR C 178 -15.08 3.28 32.41
N LEU C 179 -15.22 4.60 32.37
CA LEU C 179 -14.51 5.45 31.43
C LEU C 179 -13.02 5.15 31.29
N ASN C 180 -12.32 4.99 32.41
CA ASN C 180 -10.90 4.70 32.37
C ASN C 180 -10.56 3.46 31.54
N ASN C 181 -11.50 2.53 31.41
CA ASN C 181 -11.26 1.30 30.64
C ASN C 181 -11.07 1.55 29.14
N VAL C 182 -11.57 2.68 28.66
CA VAL C 182 -11.50 2.97 27.22
C VAL C 182 -10.72 4.21 26.79
N LEU C 183 -10.08 4.90 27.72
CA LEU C 183 -9.28 6.07 27.34
C LEU C 183 -7.83 5.61 27.21
N THR C 184 -7.34 5.53 25.98
CA THR C 184 -6.01 5.00 25.74
C THR C 184 -5.09 5.95 24.98
N VAL C 185 -5.66 6.94 24.31
CA VAL C 185 -4.90 7.90 23.54
C VAL C 185 -4.30 9.02 24.43
N ARG C 186 -3.20 9.62 23.99
CA ARG C 186 -2.58 10.73 24.71
C ARG C 186 -2.64 11.97 23.85
N THR C 187 -2.64 13.13 24.48
CA THR C 187 -2.70 14.37 23.71
C THR C 187 -1.83 15.44 24.39
N PRO C 188 -1.34 16.41 23.61
CA PRO C 188 -0.54 17.48 24.21
C PRO C 188 -1.39 18.33 25.14
N GLU C 189 -2.71 18.36 24.91
CA GLU C 189 -3.61 19.14 25.77
C GLU C 189 -3.63 18.59 27.19
N GLN C 190 -3.29 17.32 27.36
CA GLN C 190 -3.25 16.73 28.70
C GLN C 190 -2.09 17.34 29.51
N TYR C 191 -1.16 17.97 28.80
CA TYR C 191 0.01 18.58 29.43
C TYR C 191 -0.06 20.09 29.28
N ASN C 192 -1.26 20.57 28.96
CA ASN C 192 -1.54 22.00 28.79
C ASN C 192 -0.74 22.70 27.71
N ALA C 193 -0.60 22.04 26.56
CA ALA C 193 0.10 22.64 25.45
C ALA C 193 -0.82 23.74 24.95
N VAL C 194 -0.25 24.84 24.51
CA VAL C 194 -1.06 25.95 24.01
C VAL C 194 -1.60 25.63 22.65
N GLY C 195 -0.77 24.99 21.82
CA GLY C 195 -1.19 24.59 20.49
C GLY C 195 -1.57 25.68 19.51
N ASP C 196 -0.90 26.83 19.58
CA ASP C 196 -1.21 27.92 18.65
C ASP C 196 -0.07 28.18 17.65
N GLY C 197 1.01 27.42 17.78
CA GLY C 197 2.16 27.59 16.92
C GLY C 197 2.96 28.84 17.28
N ILE C 198 2.64 29.44 18.42
CA ILE C 198 3.34 30.64 18.89
C ILE C 198 4.11 30.35 20.17
N ALA C 199 3.40 29.85 21.17
CA ALA C 199 4.04 29.50 22.44
C ALA C 199 4.97 28.32 22.24
N ASP C 200 6.02 28.25 23.05
CA ASP C 200 6.96 27.16 22.98
C ASP C 200 6.40 25.95 23.75
N ASP C 201 5.90 24.95 23.03
CA ASP C 201 5.31 23.78 23.66
C ASP C 201 6.31 22.64 23.86
N THR C 202 7.59 22.92 23.62
CA THR C 202 8.62 21.89 23.73
C THR C 202 8.58 21.04 25.00
N SER C 203 8.57 21.67 26.16
CA SER C 203 8.57 20.93 27.43
C SER C 203 7.36 20.01 27.59
N LYS C 204 6.20 20.46 27.11
CA LYS C 204 4.98 19.69 27.19
C LYS C 204 5.06 18.45 26.29
N LEU C 205 5.52 18.63 25.06
CA LEU C 205 5.65 17.52 24.12
C LEU C 205 6.63 16.49 24.66
N LYS C 206 7.74 16.98 25.18
CA LYS C 206 8.78 16.11 25.74
C LYS C 206 8.24 15.33 26.93
N GLU C 207 7.45 16.01 27.76
CA GLU C 207 6.88 15.37 28.94
C GLU C 207 5.91 14.27 28.49
N MET C 208 5.13 14.57 27.47
CA MET C 208 4.18 13.60 26.94
C MET C 208 4.91 12.35 26.43
N LEU C 209 5.98 12.56 25.68
CA LEU C 209 6.77 11.44 25.16
C LEU C 209 7.42 10.68 26.30
N SER C 210 7.92 11.42 27.28
CA SER C 210 8.58 10.84 28.44
C SER C 210 7.64 9.92 29.23
N ASP C 211 6.38 10.34 29.35
CA ASP C 211 5.37 9.56 30.07
C ASP C 211 5.02 8.26 29.36
N ILE C 212 5.46 8.11 28.11
CA ILE C 212 5.20 6.87 27.35
C ILE C 212 6.40 5.93 27.49
N ASN C 213 7.57 6.45 27.17
CA ASN C 213 8.81 5.69 27.24
C ASN C 213 9.92 6.71 27.49
N ASN C 214 10.41 6.76 28.73
CA ASN C 214 11.45 7.70 29.17
C ASN C 214 12.82 7.06 29.00
N VAL C 215 13.43 7.30 27.84
CA VAL C 215 14.75 6.71 27.57
C VAL C 215 15.89 7.66 27.92
N PRO C 216 16.73 7.24 28.89
CA PRO C 216 17.87 8.04 29.33
C PRO C 216 18.83 8.29 28.17
N GLU C 217 19.38 9.50 28.11
CA GLU C 217 20.28 9.85 27.03
C GLU C 217 21.62 9.14 27.12
N THR C 218 21.87 8.51 28.26
CA THR C 218 23.09 7.77 28.48
C THR C 218 22.74 6.41 29.08
N LEU C 219 23.30 5.36 28.50
CA LEU C 219 23.05 4.00 28.96
C LEU C 219 24.35 3.21 29.15
N PRO C 220 24.37 2.31 30.14
CA PRO C 220 25.53 1.49 30.51
C PRO C 220 25.99 0.50 29.44
N ASP C 221 25.06 -0.11 28.70
CA ASP C 221 25.45 -1.09 27.72
C ASP C 221 24.33 -1.47 26.76
N ALA C 222 24.65 -2.40 25.87
CA ALA C 222 23.72 -2.90 24.87
C ALA C 222 22.42 -3.45 25.44
N ALA C 223 22.51 -4.24 26.50
CA ALA C 223 21.33 -4.84 27.13
C ALA C 223 20.38 -3.77 27.65
N ALA C 224 20.94 -2.71 28.22
CA ALA C 224 20.14 -1.62 28.77
C ALA C 224 19.35 -0.92 27.66
N VAL C 225 20.01 -0.66 26.53
CA VAL C 225 19.39 0.01 25.40
C VAL C 225 18.24 -0.79 24.84
N ASN C 226 18.48 -2.08 24.60
CA ASN C 226 17.46 -2.97 24.04
C ASN C 226 16.18 -3.07 24.85
N SER C 227 16.29 -3.00 26.18
CA SER C 227 15.12 -3.09 27.06
C SER C 227 14.03 -2.05 26.73
N TYR C 228 14.46 -0.85 26.34
CA TYR C 228 13.51 0.23 26.02
C TYR C 228 12.66 -0.02 24.79
N MET C 229 12.96 -1.09 24.06
CA MET C 229 12.19 -1.46 22.87
C MET C 229 11.15 -2.51 23.24
N GLU C 230 11.15 -2.91 24.52
CA GLU C 230 10.22 -3.91 25.04
C GLU C 230 9.25 -3.32 26.06
N GLN C 231 8.71 -2.14 25.76
CA GLN C 231 7.77 -1.45 26.64
C GLN C 231 6.41 -1.27 25.95
N VAL C 232 5.38 -0.96 26.72
CA VAL C 232 4.05 -0.77 26.16
C VAL C 232 4.01 0.42 25.18
N ALA C 233 3.36 0.26 24.02
CA ALA C 233 3.23 1.34 23.04
C ALA C 233 1.96 2.13 23.30
N VAL C 234 2.01 3.43 23.01
CA VAL C 234 0.88 4.31 23.26
C VAL C 234 0.63 5.20 22.05
N LYS C 235 -0.64 5.48 21.76
CA LYS C 235 -0.97 6.34 20.63
C LYS C 235 -1.14 7.80 21.08
N ILE C 236 -0.68 8.72 20.25
CA ILE C 236 -0.76 10.15 20.48
C ILE C 236 -1.58 10.79 19.37
N ASP C 237 -2.47 11.70 19.75
CA ASP C 237 -3.32 12.40 18.80
C ASP C 237 -2.94 13.88 18.80
N LEU C 238 -2.52 14.41 17.65
CA LEU C 238 -2.14 15.82 17.56
C LEU C 238 -3.20 16.53 16.75
N THR C 239 -4.02 17.35 17.41
CA THR C 239 -5.10 18.03 16.72
C THR C 239 -4.95 19.55 16.60
N LYS C 240 -3.91 20.10 17.22
CA LYS C 240 -3.64 21.53 17.14
C LYS C 240 -2.23 21.74 16.55
N LEU C 241 -1.69 22.95 16.65
CA LEU C 241 -0.37 23.25 16.10
C LEU C 241 0.63 23.55 17.20
N TYR C 242 1.64 22.69 17.35
CA TYR C 242 2.61 22.86 18.42
C TYR C 242 3.99 23.32 17.95
N ARG C 243 4.37 24.52 18.38
CA ARG C 243 5.68 25.06 18.05
C ARG C 243 6.66 24.54 19.08
N PHE C 244 7.79 24.03 18.61
CA PHE C 244 8.80 23.53 19.53
C PHE C 244 10.16 24.03 19.06
N THR C 245 11.14 24.04 19.96
CA THR C 245 12.42 24.65 19.64
C THR C 245 13.68 23.82 19.84
N GLU C 246 13.51 22.54 20.13
CA GLU C 246 14.64 21.63 20.30
C GLU C 246 14.23 20.33 19.65
N THR C 247 15.21 19.59 19.13
CA THR C 247 14.92 18.34 18.47
C THR C 247 14.13 17.38 19.37
N LEU C 248 13.05 16.83 18.82
CA LEU C 248 12.25 15.85 19.55
C LEU C 248 12.76 14.46 19.20
N TYR C 249 13.07 13.65 20.20
CA TYR C 249 13.52 12.29 19.95
C TYR C 249 12.39 11.32 20.29
N ILE C 250 11.88 10.64 19.25
CA ILE C 250 10.78 9.70 19.42
C ILE C 250 11.29 8.37 19.95
N PRO C 251 10.82 7.97 21.13
CA PRO C 251 11.27 6.69 21.69
C PRO C 251 10.46 5.56 21.10
N PRO C 252 10.92 4.31 21.27
CA PRO C 252 10.13 3.22 20.72
C PRO C 252 8.76 3.10 21.40
N GLY C 253 7.82 2.45 20.72
CA GLY C 253 6.48 2.25 21.25
C GLY C 253 5.61 3.49 21.16
N VAL C 254 5.67 4.20 20.03
CA VAL C 254 4.87 5.40 19.85
C VAL C 254 4.16 5.40 18.51
N SER C 255 2.87 5.72 18.54
CA SER C 255 2.05 5.86 17.35
C SER C 255 1.53 7.29 17.33
N ILE C 256 1.73 8.00 16.22
CA ILE C 256 1.31 9.39 16.11
C ILE C 256 0.29 9.54 15.01
N GLU C 257 -0.82 10.22 15.30
CA GLU C 257 -1.85 10.43 14.31
C GLU C 257 -2.41 11.83 14.32
N ILE C 258 -2.89 12.26 13.17
CA ILE C 258 -3.53 13.55 12.98
C ILE C 258 -4.68 13.20 12.05
N PRO C 259 -5.85 13.85 12.20
CA PRO C 259 -7.00 13.52 11.35
C PRO C 259 -6.69 13.42 9.84
N THR C 260 -6.01 14.40 9.26
CA THR C 260 -5.68 14.35 7.83
C THR C 260 -4.25 14.86 7.57
N SER C 261 -3.71 14.49 6.41
CA SER C 261 -2.37 14.89 6.00
C SER C 261 -2.35 16.19 5.18
N ASN C 262 -1.34 17.03 5.41
CA ASN C 262 -1.17 18.27 4.65
C ASN C 262 -0.84 17.93 3.19
N PHE C 263 -1.22 18.81 2.28
CA PHE C 263 -0.94 18.62 0.86
C PHE C 263 -0.77 19.99 0.21
N PHE C 264 0.48 20.45 0.07
CA PHE C 264 0.76 21.77 -0.49
C PHE C 264 -0.04 22.78 0.31
N THR C 265 -0.05 22.59 1.62
CA THR C 265 -0.80 23.44 2.53
C THR C 265 -0.14 24.80 2.75
N ARG C 266 -0.91 25.86 2.51
CA ARG C 266 -0.43 27.23 2.66
C ARG C 266 -0.15 27.59 4.11
N GLU C 267 -1.05 27.17 5.00
CA GLU C 267 -0.91 27.46 6.43
C GLU C 267 -1.18 26.25 7.29
N CYS C 268 -0.13 25.67 7.84
CA CYS C 268 -0.26 24.49 8.68
C CYS C 268 -1.10 24.85 9.92
N LYS C 269 -2.11 24.02 10.19
CA LYS C 269 -3.02 24.25 11.30
C LYS C 269 -2.91 23.17 12.36
N GLN C 270 -2.38 22.00 11.98
CA GLN C 270 -2.23 20.87 12.90
C GLN C 270 -0.93 20.13 12.67
N GLY C 271 -0.19 19.89 13.74
CA GLY C 271 1.07 19.20 13.60
C GLY C 271 2.17 19.87 14.40
N LEU C 272 3.41 19.68 13.95
CA LEU C 272 4.56 20.22 14.64
C LEU C 272 5.29 21.26 13.81
N PHE C 273 5.68 22.35 14.47
CA PHE C 273 6.41 23.45 13.82
C PHE C 273 7.74 23.64 14.56
N TYR C 274 8.84 23.24 13.92
CA TYR C 274 10.17 23.33 14.50
C TYR C 274 10.76 24.71 14.26
N ASP C 275 11.03 25.45 15.33
CA ASP C 275 11.52 26.82 15.27
C ASP C 275 12.67 27.02 16.25
N PRO C 276 13.85 26.46 15.95
CA PRO C 276 14.98 26.54 16.88
C PRO C 276 15.86 27.76 16.63
N VAL C 277 16.74 28.04 17.58
CA VAL C 277 17.70 29.14 17.44
C VAL C 277 18.82 28.60 16.53
N ASP C 278 19.29 27.40 16.86
CA ASP C 278 20.31 26.72 16.07
C ASP C 278 19.62 25.97 14.93
N LYS C 279 19.67 26.52 13.72
CA LYS C 279 19.03 25.86 12.58
C LYS C 279 19.80 24.67 11.97
N ASN C 280 21.04 24.46 12.41
CA ASN C 280 21.85 23.35 11.91
C ASN C 280 21.49 22.12 12.72
N THR C 281 20.21 21.78 12.70
CA THR C 281 19.67 20.67 13.48
C THR C 281 18.52 19.97 12.78
N ALA C 282 18.02 18.89 13.39
CA ALA C 282 16.87 18.17 12.85
C ALA C 282 15.65 18.52 13.69
N ALA C 283 14.47 18.51 13.06
CA ALA C 283 13.23 18.78 13.78
C ALA C 283 12.87 17.57 14.63
N ILE C 284 12.84 16.41 13.99
CA ILE C 284 12.47 15.14 14.61
C ILE C 284 13.52 14.09 14.30
N SER C 285 13.83 13.25 15.27
CA SER C 285 14.80 12.20 15.03
C SER C 285 14.47 10.92 15.79
N LEU C 286 14.86 9.78 15.24
CA LEU C 286 14.66 8.54 15.93
C LEU C 286 15.87 8.40 16.84
N MET C 287 15.84 7.41 17.74
CA MET C 287 16.93 7.24 18.68
C MET C 287 17.96 6.21 18.28
N VAL C 288 19.22 6.66 18.18
CA VAL C 288 20.33 5.77 17.88
C VAL C 288 21.43 6.07 18.87
N TYR C 289 21.90 5.02 19.55
CA TYR C 289 22.94 5.17 20.56
C TYR C 289 24.34 4.86 20.01
N ARG C 290 25.30 5.73 20.36
CA ARG C 290 26.67 5.59 19.90
C ARG C 290 27.64 5.23 21.03
N LYS C 291 28.48 4.23 20.77
CA LYS C 291 29.46 3.74 21.74
C LYS C 291 30.49 4.80 22.09
N GLN C 292 30.76 4.94 23.38
CA GLN C 292 31.73 5.89 23.89
C GLN C 292 33.03 5.14 24.23
N PRO C 293 34.16 5.86 24.33
CA PRO C 293 35.42 5.19 24.66
C PRO C 293 35.33 4.33 25.93
N ASP C 294 34.55 4.76 26.92
CA ASP C 294 34.42 3.98 28.15
C ASP C 294 33.53 2.74 28.00
N GLY C 295 32.90 2.57 26.84
CA GLY C 295 32.05 1.42 26.60
C GLY C 295 30.57 1.70 26.82
N SER C 296 30.26 2.87 27.37
CA SER C 296 28.87 3.26 27.60
C SER C 296 28.28 3.77 26.28
N TYR C 297 26.98 4.07 26.29
CA TYR C 297 26.30 4.53 25.09
C TYR C 297 25.60 5.87 25.29
N LYS C 298 25.73 6.76 24.31
CA LYS C 298 25.10 8.07 24.36
C LYS C 298 24.15 8.26 23.18
N LEU C 299 23.01 8.89 23.45
CA LEU C 299 22.04 9.16 22.41
C LEU C 299 22.69 10.05 21.36
N ASN C 300 22.45 9.78 20.08
CA ASN C 300 23.00 10.65 19.07
C ASN C 300 22.22 11.93 19.00
N LYS C 301 22.92 13.07 19.01
CA LYS C 301 22.26 14.35 18.90
C LYS C 301 22.91 15.18 17.78
N ASP C 302 23.78 14.53 17.02
CA ASP C 302 24.48 15.15 15.89
C ASP C 302 23.56 15.08 14.66
N VAL C 303 23.23 16.25 14.11
CA VAL C 303 22.34 16.33 12.97
C VAL C 303 22.82 15.54 11.73
N ASP C 304 24.12 15.54 11.48
CA ASP C 304 24.68 14.84 10.31
C ASP C 304 24.92 13.35 10.50
N TYR C 305 24.88 12.88 11.74
CA TYR C 305 25.14 11.47 11.99
C TYR C 305 24.02 10.52 11.56
N TYR C 306 24.41 9.39 10.98
CA TYR C 306 23.46 8.34 10.59
C TYR C 306 24.23 7.04 10.73
N PRO C 307 23.59 6.01 11.28
CA PRO C 307 24.36 4.77 11.42
C PRO C 307 24.44 3.96 10.13
N THR C 308 25.51 3.19 10.00
CA THR C 308 25.72 2.33 8.85
C THR C 308 25.50 0.89 9.31
N GLY C 309 25.38 -0.04 8.37
CA GLY C 309 25.18 -1.43 8.70
C GLY C 309 26.35 -1.92 9.55
N LEU C 310 27.55 -1.49 9.17
CA LEU C 310 28.78 -1.86 9.87
C LEU C 310 28.77 -1.35 11.32
N ASP C 311 28.34 -0.10 11.49
CA ASP C 311 28.24 0.52 12.80
C ASP C 311 27.45 -0.37 13.76
N ILE C 312 26.32 -0.87 13.28
CA ILE C 312 25.47 -1.75 14.05
C ILE C 312 26.21 -3.06 14.33
N ASP C 313 26.85 -3.60 13.30
CA ASP C 313 27.58 -4.87 13.41
C ASP C 313 28.67 -4.87 14.47
N ASN C 314 29.51 -3.84 14.48
CA ASN C 314 30.59 -3.79 15.47
C ASN C 314 30.22 -3.08 16.79
N GLY C 315 28.92 -2.88 17.01
CA GLY C 315 28.47 -2.25 18.22
C GLY C 315 28.73 -0.77 18.38
N ASP C 316 29.33 -0.16 17.35
CA ASP C 316 29.61 1.29 17.39
C ASP C 316 28.31 2.08 17.49
N ALA C 317 27.22 1.45 17.05
CA ALA C 317 25.89 2.04 17.09
C ALA C 317 24.85 1.00 17.49
N ILE C 318 23.89 1.41 18.31
CA ILE C 318 22.82 0.50 18.71
C ILE C 318 21.51 1.26 18.54
N THR C 319 20.64 0.71 17.71
CA THR C 319 19.35 1.35 17.46
C THR C 319 18.40 1.20 18.64
N CYS C 320 17.60 2.24 18.86
CA CYS C 320 16.60 2.22 19.92
C CYS C 320 15.38 2.79 19.25
N ALA C 321 15.12 2.28 18.06
CA ALA C 321 14.02 2.76 17.25
C ALA C 321 13.18 1.64 16.66
N ARG C 322 12.11 1.27 17.34
CA ARG C 322 11.22 0.25 16.79
C ARG C 322 9.82 0.42 17.37
N LYS C 323 8.84 -0.24 16.77
CA LYS C 323 7.45 -0.10 17.20
C LYS C 323 7.01 1.36 17.17
N ILE C 324 7.38 2.06 16.09
CA ILE C 324 7.03 3.45 15.88
C ILE C 324 6.22 3.51 14.58
N ASP C 325 5.06 4.15 14.64
CA ASP C 325 4.16 4.26 13.51
C ASP C 325 3.63 5.68 13.43
N ILE C 326 3.58 6.24 12.24
CA ILE C 326 3.11 7.61 12.06
C ILE C 326 2.00 7.70 11.04
N ASN C 327 0.87 8.26 11.42
CA ASN C 327 -0.25 8.42 10.49
C ASN C 327 -0.66 9.88 10.38
N ASN C 328 -0.32 10.50 9.26
CA ASN C 328 -0.66 11.89 8.95
C ASN C 328 0.09 13.01 9.68
N LEU C 329 1.26 12.72 10.22
CA LEU C 329 2.00 13.79 10.91
C LEU C 329 2.39 14.88 9.91
N ASN C 330 2.09 16.12 10.28
CA ASN C 330 2.45 17.28 9.49
C ASN C 330 3.57 17.96 10.22
N LEU C 331 4.69 18.19 9.53
CA LEU C 331 5.83 18.82 10.15
C LEU C 331 6.34 19.96 9.28
N ILE C 332 6.33 21.17 9.84
CA ILE C 332 6.86 22.35 9.15
C ILE C 332 8.01 22.87 9.99
N THR C 333 8.89 23.65 9.36
CA THR C 333 10.05 24.14 10.08
C THR C 333 10.31 25.58 9.72
N ALA C 334 11.09 26.26 10.54
CA ALA C 334 11.45 27.62 10.22
C ALA C 334 12.34 27.53 8.97
N PRO C 335 12.33 28.56 8.11
CA PRO C 335 13.18 28.54 6.90
C PRO C 335 14.63 28.35 7.32
N GLY C 336 15.39 27.55 6.59
CA GLY C 336 16.79 27.36 6.93
C GLY C 336 17.08 26.17 7.83
N VAL C 337 16.05 25.50 8.34
CA VAL C 337 16.29 24.32 9.17
C VAL C 337 16.92 23.26 8.27
N LYS C 338 18.02 22.69 8.72
CA LYS C 338 18.78 21.72 7.93
C LYS C 338 18.01 20.45 7.53
N VAL C 339 17.44 19.76 8.50
CA VAL C 339 16.75 18.49 8.24
C VAL C 339 15.38 18.40 8.93
N GLY C 340 14.37 17.91 8.22
CA GLY C 340 13.05 17.74 8.82
C GLY C 340 13.00 16.51 9.73
N VAL C 341 13.16 15.34 9.11
CA VAL C 341 13.08 14.08 9.82
C VAL C 341 14.29 13.18 9.66
N LYS C 342 14.85 12.75 10.77
CA LYS C 342 15.97 11.81 10.73
C LYS C 342 15.44 10.41 11.07
N TRP C 343 15.13 9.66 10.02
CA TRP C 343 14.61 8.31 10.17
C TRP C 343 15.78 7.35 10.21
N ILE C 344 16.47 7.35 11.34
CA ILE C 344 17.64 6.50 11.50
C ILE C 344 17.46 5.31 12.44
N GLY C 345 17.80 4.12 11.96
CA GLY C 345 17.69 2.91 12.74
C GLY C 345 16.26 2.42 12.90
N GLY C 346 15.33 3.00 12.14
CA GLY C 346 13.94 2.63 12.24
C GLY C 346 13.50 1.39 11.47
N ALA C 347 14.16 0.27 11.71
CA ALA C 347 13.82 -0.98 11.05
C ALA C 347 12.38 -1.39 11.38
N GLY C 348 11.61 -1.75 10.36
CA GLY C 348 10.24 -2.16 10.55
C GLY C 348 9.31 -1.04 10.99
N CYS C 349 9.83 0.18 11.09
CA CYS C 349 9.00 1.33 11.47
C CYS C 349 8.20 1.76 10.27
N THR C 350 7.03 2.34 10.49
CA THR C 350 6.16 2.66 9.38
C THR C 350 5.56 4.04 9.40
N THR C 351 5.27 4.53 8.21
CA THR C 351 4.72 5.86 8.05
C THR C 351 3.60 5.86 7.02
N LYS C 352 2.62 6.74 7.21
CA LYS C 352 1.54 6.91 6.25
C LYS C 352 1.08 8.35 6.30
N GLY C 353 1.11 9.03 5.16
CA GLY C 353 0.69 10.41 5.12
C GLY C 353 1.61 11.39 5.83
N LEU C 354 2.84 10.98 6.14
CA LEU C 354 3.80 11.91 6.77
C LEU C 354 3.96 13.07 5.79
N SER C 355 3.69 14.29 6.24
CA SER C 355 3.75 15.45 5.36
C SER C 355 4.70 16.52 5.89
N ILE C 356 5.77 16.76 5.14
CA ILE C 356 6.80 17.70 5.55
C ILE C 356 6.81 18.98 4.72
N GLY C 357 6.90 20.13 5.39
CA GLY C 357 6.97 21.40 4.71
C GLY C 357 5.65 22.11 4.43
N GLU C 358 5.71 23.45 4.46
CA GLU C 358 4.55 24.30 4.20
C GLU C 358 4.69 25.08 2.91
N ASN C 359 3.62 25.16 2.14
CA ASN C 359 3.59 25.93 0.90
C ASN C 359 3.34 27.39 1.28
N THR C 360 4.26 27.96 2.07
CA THR C 360 4.14 29.32 2.60
C THR C 360 3.86 30.41 1.57
N GLY C 361 4.61 30.38 0.46
CA GLY C 361 4.47 31.36 -0.61
C GLY C 361 5.48 31.15 -1.73
N SER C 362 5.54 32.10 -2.67
CA SER C 362 6.43 32.02 -3.83
C SER C 362 7.92 32.05 -3.50
N ASP C 363 8.27 32.77 -2.45
CA ASP C 363 9.68 32.89 -2.08
C ASP C 363 10.11 31.73 -1.19
N ILE C 364 10.77 30.76 -1.80
CA ILE C 364 11.22 29.57 -1.08
C ILE C 364 12.16 29.91 0.08
N THR C 365 12.85 31.04 -0.05
CA THR C 365 13.78 31.53 0.94
C THR C 365 13.13 31.79 2.30
N THR C 366 11.84 32.10 2.29
CA THR C 366 11.10 32.36 3.52
C THR C 366 10.02 31.30 3.78
N ALA C 367 10.02 30.22 3.02
CA ALA C 367 9.03 29.16 3.21
C ALA C 367 9.32 28.34 4.45
N ARG C 368 8.27 27.94 5.15
CA ARG C 368 8.44 27.15 6.37
C ARG C 368 8.60 25.65 6.05
N LEU C 369 9.75 25.32 5.46
CA LEU C 369 10.12 23.97 5.07
C LEU C 369 11.62 23.82 5.29
N PRO C 370 12.10 22.57 5.43
CA PRO C 370 13.53 22.33 5.68
C PRO C 370 14.40 22.25 4.42
N ARG C 371 15.71 22.37 4.60
CA ARG C 371 16.63 22.26 3.48
C ARG C 371 16.57 20.83 2.96
N VAL C 372 16.67 19.88 3.88
CA VAL C 372 16.58 18.46 3.57
C VAL C 372 15.35 17.88 4.28
N GLY C 373 14.40 17.36 3.50
CA GLY C 373 13.19 16.81 4.08
C GLY C 373 13.37 15.64 5.03
N LEU C 374 14.00 14.59 4.54
CA LEU C 374 14.16 13.38 5.32
C LEU C 374 15.48 12.68 5.02
N LEU C 375 16.12 12.18 6.07
CA LEU C 375 17.39 11.48 5.95
C LEU C 375 17.18 10.13 6.62
N GLN C 376 17.40 9.06 5.88
CA GLN C 376 17.17 7.72 6.39
C GLN C 376 18.31 6.72 6.20
N SER C 377 18.58 5.94 7.24
CA SER C 377 19.59 4.87 7.16
C SER C 377 19.22 3.77 8.15
N ALA C 378 19.83 2.60 7.99
CA ALA C 378 19.60 1.46 8.89
C ALA C 378 18.11 1.22 9.17
N SER C 379 17.28 1.39 8.15
CA SER C 379 15.83 1.20 8.30
C SER C 379 15.28 0.11 7.40
N TRP C 380 15.90 -1.06 7.42
CA TRP C 380 15.42 -2.18 6.63
C TRP C 380 13.99 -2.54 7.04
N GLY C 381 13.18 -2.97 6.08
CA GLY C 381 11.80 -3.34 6.35
C GLY C 381 10.92 -2.16 6.71
N SER C 382 11.41 -0.94 6.51
CA SER C 382 10.62 0.24 6.82
C SER C 382 9.73 0.55 5.64
N ILE C 383 8.57 1.14 5.89
CA ILE C 383 7.61 1.46 4.84
C ILE C 383 7.06 2.87 5.00
N HIS C 384 7.16 3.69 3.95
CA HIS C 384 6.58 5.03 3.99
C HIS C 384 5.46 5.06 2.97
N GLU C 385 4.21 5.08 3.42
CA GLU C 385 3.08 5.13 2.50
C GLU C 385 2.65 6.57 2.29
N ASN C 386 2.60 6.97 1.03
CA ASN C 386 2.14 8.29 0.66
C ASN C 386 2.83 9.42 1.41
N LEU C 387 4.15 9.38 1.41
CA LEU C 387 4.98 10.41 2.03
C LEU C 387 4.90 11.67 1.18
N ARG C 388 4.71 12.83 1.82
CA ARG C 388 4.65 14.11 1.12
C ARG C 388 5.74 15.04 1.61
N ILE C 389 6.54 15.58 0.69
CA ILE C 389 7.64 16.46 1.09
C ILE C 389 7.77 17.68 0.21
N LEU C 390 7.86 18.83 0.86
CA LEU C 390 8.07 20.11 0.20
C LEU C 390 9.44 20.51 0.71
N TYR C 391 10.41 20.69 -0.18
CA TYR C 391 11.77 20.99 0.28
C TYR C 391 12.44 22.12 -0.50
N LYS C 392 13.60 22.54 0.01
CA LYS C 392 14.38 23.57 -0.64
C LYS C 392 15.61 22.98 -1.38
N THR C 393 16.37 22.13 -0.69
CA THR C 393 17.61 21.56 -1.22
C THR C 393 17.55 20.07 -1.63
N GLN C 394 17.11 19.20 -0.72
CA GLN C 394 16.96 17.77 -1.00
C GLN C 394 15.65 17.29 -0.38
N GLY C 395 14.89 16.49 -1.12
CA GLY C 395 13.64 15.98 -0.57
C GLY C 395 13.89 14.86 0.42
N ALA C 396 14.35 13.72 -0.08
CA ALA C 396 14.62 12.57 0.77
C ALA C 396 15.98 11.96 0.43
N VAL C 397 16.67 11.43 1.44
CA VAL C 397 17.98 10.84 1.26
C VAL C 397 18.02 9.49 1.96
N PHE C 398 18.44 8.44 1.23
CA PHE C 398 18.48 7.08 1.78
C PHE C 398 19.88 6.57 1.67
N ILE C 399 20.45 6.17 2.81
CA ILE C 399 21.85 5.76 2.81
C ILE C 399 22.10 4.45 3.52
N ASP C 400 23.08 3.70 3.01
CA ASP C 400 23.50 2.43 3.60
C ASP C 400 22.39 1.40 3.70
N SER C 401 22.34 0.65 4.79
CA SER C 401 21.34 -0.42 4.94
C SER C 401 19.84 -0.03 5.03
N ASN C 402 19.08 -0.35 3.99
CA ASN C 402 17.64 -0.09 3.98
C ASN C 402 16.93 -1.24 3.25
N GLY C 403 17.47 -2.45 3.45
CA GLY C 403 16.99 -3.66 2.79
C GLY C 403 15.49 -3.90 2.84
N GLY C 404 14.87 -4.04 1.68
CA GLY C 404 13.45 -4.30 1.62
C GLY C 404 12.54 -3.14 1.97
N ALA C 405 13.13 -1.99 2.29
CA ALA C 405 12.35 -0.78 2.62
C ALA C 405 11.60 -0.33 1.38
N ALA C 406 10.44 0.28 1.58
CA ALA C 406 9.63 0.75 0.47
C ALA C 406 9.11 2.18 0.65
N VAL C 407 9.02 2.92 -0.45
CA VAL C 407 8.49 4.28 -0.46
C VAL C 407 7.44 4.30 -1.56
N ASN C 408 6.18 4.23 -1.16
CA ASN C 408 5.05 4.13 -2.10
C ASN C 408 4.24 5.38 -2.23
N ASN C 409 3.95 5.73 -3.48
CA ASN C 409 3.17 6.91 -3.79
C ASN C 409 3.69 8.18 -3.14
N ALA C 410 5.01 8.35 -3.10
CA ALA C 410 5.57 9.56 -2.53
C ALA C 410 5.27 10.73 -3.44
N TYR C 411 5.01 11.91 -2.84
CA TYR C 411 4.77 13.12 -3.60
C TYR C 411 5.81 14.07 -3.06
N ILE C 412 6.91 14.23 -3.82
CA ILE C 412 8.04 15.05 -3.41
C ILE C 412 8.26 16.17 -4.40
N SER C 413 8.28 17.40 -3.90
CA SER C 413 8.42 18.56 -4.76
C SER C 413 9.23 19.68 -4.13
N ARG C 414 10.02 20.37 -4.95
CA ARG C 414 10.71 21.55 -4.43
C ARG C 414 9.58 22.58 -4.49
N LEU C 415 9.62 23.60 -3.64
CA LEU C 415 8.56 24.62 -3.69
C LEU C 415 8.91 25.54 -4.85
N GLY C 416 8.59 25.12 -6.07
CA GLY C 416 8.93 25.88 -7.26
C GLY C 416 10.39 25.59 -7.67
N ASN C 417 10.74 25.88 -8.92
CA ASN C 417 12.09 25.63 -9.40
C ASN C 417 12.92 26.90 -9.59
N THR C 418 12.48 28.01 -9.00
CA THR C 418 13.23 29.26 -9.10
C THR C 418 14.55 29.08 -8.36
N ASN C 419 15.65 29.28 -9.08
CA ASN C 419 16.99 29.10 -8.52
C ASN C 419 17.28 27.68 -8.04
N GLY C 420 16.43 26.74 -8.41
CA GLY C 420 16.61 25.36 -7.98
C GLY C 420 17.94 24.79 -8.48
N GLU C 421 18.34 25.20 -9.67
CA GLU C 421 19.58 24.73 -10.27
C GLU C 421 20.83 25.22 -9.51
N LEU C 422 20.64 26.07 -8.51
CA LEU C 422 21.77 26.59 -7.74
C LEU C 422 21.92 25.93 -6.37
N GLU C 423 20.99 25.05 -6.02
CA GLU C 423 21.06 24.37 -4.73
C GLU C 423 22.22 23.39 -4.72
N GLN C 424 22.84 23.21 -3.56
CA GLN C 424 23.93 22.27 -3.44
C GLN C 424 23.52 21.13 -2.51
N ALA C 425 23.44 19.91 -3.06
CA ALA C 425 23.06 18.75 -2.28
C ALA C 425 23.94 18.65 -1.03
N VAL C 426 23.32 18.37 0.11
CA VAL C 426 24.05 18.28 1.38
C VAL C 426 24.54 16.89 1.72
N TYR C 427 23.66 15.88 1.64
CA TYR C 427 24.02 14.49 1.93
C TYR C 427 23.99 13.77 0.60
N LYS C 428 25.18 13.45 0.07
CA LYS C 428 25.29 12.87 -1.26
C LYS C 428 26.50 11.96 -1.39
N PRO C 429 26.52 11.13 -2.44
CA PRO C 429 27.70 10.27 -2.63
C PRO C 429 28.82 11.16 -3.19
N ALA C 430 30.07 10.82 -2.90
CA ALA C 430 31.23 11.58 -3.37
C ALA C 430 31.26 11.72 -4.88
N GLY C 431 30.70 10.73 -5.59
CA GLY C 431 30.68 10.74 -7.04
C GLY C 431 29.73 11.76 -7.64
N PHE C 432 28.88 12.36 -6.81
CA PHE C 432 27.93 13.37 -7.29
C PHE C 432 28.46 14.77 -6.97
N THR C 433 28.96 15.44 -8.00
CA THR C 433 29.57 16.78 -7.85
C THR C 433 28.79 17.89 -8.55
N GLU C 434 27.69 17.56 -9.20
CA GLU C 434 26.89 18.55 -9.91
C GLU C 434 26.13 19.44 -8.93
N VAL C 435 25.79 20.64 -9.38
CA VAL C 435 25.04 21.60 -8.58
C VAL C 435 23.58 21.50 -9.02
N GLY C 436 22.67 21.58 -8.06
CA GLY C 436 21.25 21.50 -8.38
C GLY C 436 20.52 20.72 -7.30
N ASP C 437 19.27 21.09 -7.04
CA ASP C 437 18.46 20.43 -6.03
C ASP C 437 18.15 18.99 -6.42
N VAL C 438 18.06 18.11 -5.44
CA VAL C 438 17.81 16.70 -5.71
C VAL C 438 16.59 16.22 -4.94
N ALA C 439 15.56 15.74 -5.65
CA ALA C 439 14.38 15.28 -4.94
C ALA C 439 14.66 14.03 -4.10
N VAL C 440 15.26 13.00 -4.70
CA VAL C 440 15.58 11.76 -3.98
C VAL C 440 17.05 11.37 -4.20
N THR C 441 17.76 11.13 -3.12
CA THR C 441 19.19 10.76 -3.20
C THR C 441 19.38 9.43 -2.50
N GLN C 442 20.19 8.55 -3.09
CA GLN C 442 20.41 7.24 -2.48
C GLN C 442 21.82 6.75 -2.74
N PHE C 443 22.48 6.24 -1.72
CA PHE C 443 23.83 5.73 -1.91
C PHE C 443 24.27 4.78 -0.82
N ALA C 444 25.52 4.32 -0.97
CA ALA C 444 26.17 3.41 -0.02
C ALA C 444 25.50 2.05 0.12
N GLY C 445 24.84 1.57 -0.93
CA GLY C 445 24.20 0.26 -0.90
C GLY C 445 22.74 0.22 -0.49
N SER C 446 22.12 1.39 -0.39
CA SER C 446 20.71 1.47 -0.05
C SER C 446 19.94 1.07 -1.31
N GLU C 447 18.91 0.24 -1.16
CA GLU C 447 18.11 -0.22 -2.29
C GLU C 447 16.61 -0.18 -1.98
N VAL C 448 16.13 1.03 -1.73
CA VAL C 448 14.73 1.25 -1.40
C VAL C 448 13.89 1.12 -2.67
N LYS C 449 12.70 0.53 -2.55
CA LYS C 449 11.82 0.40 -3.70
C LYS C 449 10.91 1.62 -3.83
N PHE C 450 11.01 2.34 -4.94
CA PHE C 450 10.16 3.51 -5.14
C PHE C 450 9.04 3.17 -6.10
N ASN C 451 7.83 3.08 -5.58
CA ASN C 451 6.66 2.75 -6.39
C ASN C 451 5.79 3.98 -6.62
N SER C 452 5.56 4.27 -7.89
CA SER C 452 4.76 5.42 -8.33
C SER C 452 5.05 6.75 -7.62
N PRO C 453 6.32 7.15 -7.60
CA PRO C 453 6.56 8.45 -6.95
C PRO C 453 6.17 9.59 -7.87
N ILE C 454 5.71 10.69 -7.29
CA ILE C 454 5.35 11.87 -8.05
C ILE C 454 6.47 12.86 -7.69
N ILE C 455 7.27 13.27 -8.67
CA ILE C 455 8.39 14.16 -8.38
C ILE C 455 8.23 15.46 -9.15
N GLU C 456 8.22 16.58 -8.43
CA GLU C 456 8.00 17.85 -9.10
C GLU C 456 9.04 18.95 -8.84
N GLN C 457 9.21 19.80 -9.86
CA GLN C 457 10.10 20.97 -9.80
C GLN C 457 11.56 20.73 -9.42
N ALA C 458 12.08 19.54 -9.73
CA ALA C 458 13.45 19.20 -9.34
C ALA C 458 14.48 19.32 -10.47
N SER C 459 15.68 19.78 -10.11
CA SER C 459 16.78 19.84 -11.07
C SER C 459 17.17 18.40 -11.37
N PHE C 460 17.26 17.61 -10.29
CA PHE C 460 17.58 16.18 -10.38
C PHE C 460 16.47 15.42 -9.65
N ASP C 461 15.78 14.53 -10.34
CA ASP C 461 14.71 13.78 -9.68
C ASP C 461 15.30 12.75 -8.77
N PHE C 462 16.26 11.99 -9.29
CA PHE C 462 16.92 10.96 -8.53
C PHE C 462 18.43 10.97 -8.75
N VAL C 463 19.18 10.88 -7.66
CA VAL C 463 20.61 10.73 -7.77
C VAL C 463 20.83 9.41 -7.03
N HIS C 464 21.41 8.42 -7.70
CA HIS C 464 21.62 7.14 -7.04
C HIS C 464 23.01 6.59 -7.30
N ALA C 465 23.70 6.19 -6.24
CA ALA C 465 25.02 5.58 -6.40
C ALA C 465 25.02 4.16 -5.84
N GLY C 466 25.64 3.23 -6.57
CA GLY C 466 25.78 1.87 -6.10
C GLY C 466 26.88 1.89 -5.06
N ARG C 467 26.99 0.81 -4.30
CA ARG C 467 28.01 0.69 -3.26
C ARG C 467 29.41 0.75 -3.90
N ASP C 468 30.31 1.51 -3.28
CA ASP C 468 31.68 1.68 -3.79
C ASP C 468 32.42 0.38 -4.07
N THR C 469 32.25 -0.59 -3.18
CA THR C 469 32.95 -1.85 -3.32
C THR C 469 32.59 -2.72 -4.54
N ASP C 470 31.32 -3.03 -4.68
CA ASP C 470 30.88 -3.96 -5.70
C ASP C 470 29.68 -3.52 -6.52
N SER C 471 29.37 -2.22 -6.46
CA SER C 471 28.23 -1.67 -7.18
C SER C 471 26.88 -2.22 -6.69
N TYR C 472 26.85 -2.74 -5.46
CA TYR C 472 25.60 -3.27 -4.91
C TYR C 472 24.55 -2.19 -4.67
N GLY C 473 23.27 -2.53 -4.85
CA GLY C 473 22.20 -1.58 -4.60
C GLY C 473 21.48 -1.20 -5.86
N LEU C 474 20.43 -1.93 -6.19
CA LEU C 474 19.66 -1.70 -7.41
C LEU C 474 18.75 -0.49 -7.30
N PHE C 475 18.78 0.38 -8.31
CA PHE C 475 17.94 1.56 -8.35
C PHE C 475 16.60 1.12 -8.91
N MET C 476 15.57 1.14 -8.08
CA MET C 476 14.24 0.67 -8.49
C MET C 476 13.17 1.73 -8.46
N VAL C 477 12.72 2.14 -9.64
CA VAL C 477 11.65 3.15 -9.74
C VAL C 477 10.59 2.69 -10.74
N ASP C 478 9.39 2.49 -10.22
CA ASP C 478 8.27 2.02 -11.04
C ASP C 478 7.27 3.13 -11.31
N LYS C 479 7.18 3.51 -12.59
CA LYS C 479 6.25 4.52 -13.04
C LYS C 479 6.33 5.86 -12.33
N PRO C 480 7.46 6.59 -12.53
CA PRO C 480 7.57 7.90 -11.88
C PRO C 480 6.77 8.94 -12.64
N HIS C 481 6.12 9.84 -11.91
CA HIS C 481 5.34 10.89 -12.54
C HIS C 481 6.20 12.14 -12.37
N ILE C 482 7.01 12.42 -13.38
CA ILE C 482 7.96 13.54 -13.30
C ILE C 482 7.50 14.77 -14.08
N GLU C 483 7.44 15.90 -13.38
CA GLU C 483 7.04 17.18 -13.98
C GLU C 483 7.83 18.35 -13.42
N SER C 484 7.93 19.41 -14.21
CA SER C 484 8.66 20.61 -13.83
C SER C 484 8.19 21.79 -14.67
N SER C 485 7.81 22.88 -13.99
CA SER C 485 7.34 24.07 -14.70
C SER C 485 8.42 24.65 -15.60
N GLY C 486 8.01 25.06 -16.79
CA GLY C 486 8.94 25.65 -17.74
C GLY C 486 9.92 24.65 -18.34
N GLY C 487 9.71 23.38 -18.06
CA GLY C 487 10.58 22.34 -18.56
C GLY C 487 11.99 22.44 -17.99
N LYS C 488 12.12 23.08 -16.84
CA LYS C 488 13.43 23.25 -16.22
C LYS C 488 13.88 21.96 -15.52
N LYS C 489 15.05 21.44 -15.87
CA LYS C 489 15.56 20.20 -15.31
C LYS C 489 16.97 19.90 -15.79
N LYS C 490 17.74 19.15 -15.02
CA LYS C 490 19.08 18.76 -15.45
C LYS C 490 19.07 17.27 -15.85
N HIS C 491 18.65 16.41 -14.94
CA HIS C 491 18.57 14.97 -15.22
C HIS C 491 17.49 14.32 -14.34
N SER C 492 16.83 13.27 -14.84
CA SER C 492 15.83 12.57 -14.03
C SER C 492 16.50 11.46 -13.23
N PHE C 493 17.37 10.70 -13.88
CA PHE C 493 18.06 9.61 -13.22
C PHE C 493 19.56 9.76 -13.39
N TYR C 494 20.23 10.25 -12.34
CA TYR C 494 21.67 10.43 -12.36
C TYR C 494 22.24 9.23 -11.61
N LEU C 495 22.71 8.25 -12.37
CA LEU C 495 23.16 6.96 -11.86
C LEU C 495 24.67 6.70 -11.86
N ILE C 496 25.22 6.53 -10.66
CA ILE C 496 26.64 6.33 -10.47
C ILE C 496 27.02 4.92 -10.04
N ASN C 497 27.90 4.27 -10.81
CA ASN C 497 28.39 2.92 -10.48
C ASN C 497 27.24 2.01 -10.05
N THR C 498 26.23 1.89 -10.88
CA THR C 498 25.07 1.10 -10.49
C THR C 498 24.28 0.48 -11.65
N SER C 499 23.34 -0.39 -11.27
CA SER C 499 22.39 -1.00 -12.21
C SER C 499 21.04 -0.40 -11.85
N SER C 500 20.03 -0.61 -12.70
CA SER C 500 18.71 -0.07 -12.40
C SER C 500 17.61 -0.78 -13.20
N ASN C 501 16.40 -0.76 -12.66
CA ASN C 501 15.24 -1.28 -13.38
C ASN C 501 14.19 -0.19 -13.23
N VAL C 502 13.89 0.49 -14.35
CA VAL C 502 12.94 1.57 -14.33
C VAL C 502 11.82 1.35 -15.34
N THR C 503 10.59 1.57 -14.92
CA THR C 503 9.46 1.45 -15.85
C THR C 503 8.87 2.85 -16.01
N LEU C 504 8.86 3.36 -17.24
CA LEU C 504 8.32 4.71 -17.48
C LEU C 504 6.83 4.66 -17.71
N SER C 505 6.14 5.72 -17.29
CA SER C 505 4.69 5.79 -17.39
C SER C 505 4.17 6.83 -18.40
N GLY C 506 5.02 7.20 -19.37
CA GLY C 506 4.64 8.17 -20.39
C GLY C 506 4.65 9.62 -19.93
N VAL C 507 5.23 9.86 -18.77
CA VAL C 507 5.29 11.20 -18.19
C VAL C 507 6.75 11.54 -17.90
N GLY C 508 7.20 12.71 -18.36
CA GLY C 508 8.57 13.12 -18.10
C GLY C 508 9.05 14.17 -19.09
N LEU C 509 10.33 14.51 -19.03
CA LEU C 509 10.90 15.53 -19.91
C LEU C 509 12.40 15.60 -19.73
N SER C 510 13.07 16.38 -20.57
CA SER C 510 14.49 16.65 -20.38
C SER C 510 14.65 18.17 -20.45
N GLY C 511 15.65 18.70 -19.75
CA GLY C 511 15.88 20.14 -19.67
C GLY C 511 16.01 20.95 -20.94
N GLN C 512 16.15 22.26 -20.75
CA GLN C 512 16.25 23.23 -21.82
C GLN C 512 17.64 23.36 -22.44
N ASP C 513 18.68 22.96 -21.72
CA ASP C 513 20.03 23.01 -22.26
C ASP C 513 20.12 21.91 -23.32
N PRO C 514 20.28 22.30 -24.60
CA PRO C 514 20.33 21.36 -25.74
C PRO C 514 21.56 20.44 -25.79
N ASP C 515 22.53 20.67 -24.92
CA ASP C 515 23.74 19.85 -24.89
C ASP C 515 23.89 18.98 -23.66
N LEU C 516 23.61 19.54 -22.48
CA LEU C 516 23.83 18.83 -21.22
C LEU C 516 22.65 18.11 -20.55
N ASP C 517 21.43 18.56 -20.78
CA ASP C 517 20.29 17.94 -20.12
C ASP C 517 19.84 16.64 -20.78
N SER C 518 19.53 15.65 -19.97
CA SER C 518 19.10 14.34 -20.49
C SER C 518 18.38 13.56 -19.40
N MET C 519 17.43 12.72 -19.82
CA MET C 519 16.68 11.91 -18.88
C MET C 519 17.64 11.13 -17.98
N TYR C 520 18.59 10.44 -18.59
CA TYR C 520 19.57 9.67 -17.85
C TYR C 520 20.99 10.21 -17.94
N PHE C 521 21.73 10.07 -16.84
CA PHE C 521 23.15 10.33 -16.88
C PHE C 521 23.80 9.14 -16.21
N LEU C 522 24.50 8.32 -17.00
CA LEU C 522 25.17 7.13 -16.48
C LEU C 522 26.65 7.45 -16.19
N LYS C 523 26.99 7.59 -14.91
CA LYS C 523 28.35 7.91 -14.52
C LYS C 523 29.13 6.72 -14.00
N ASN C 524 30.12 6.28 -14.79
CA ASN C 524 30.98 5.17 -14.40
C ASN C 524 30.27 3.88 -13.97
N CYS C 525 29.23 3.51 -14.69
CA CYS C 525 28.56 2.25 -14.39
C CYS C 525 29.45 1.16 -14.99
N PRO C 526 29.73 0.12 -14.19
CA PRO C 526 30.63 -0.97 -14.58
C PRO C 526 30.14 -1.83 -15.75
N GLU C 527 31.05 -2.56 -16.37
CA GLU C 527 30.72 -3.42 -17.49
C GLU C 527 29.56 -4.41 -17.22
N THR C 528 29.51 -4.95 -16.01
CA THR C 528 28.47 -5.92 -15.65
C THR C 528 27.11 -5.32 -15.28
N ALA C 529 27.06 -4.01 -15.12
CA ALA C 529 25.82 -3.32 -14.77
C ALA C 529 24.86 -3.22 -15.96
N ARG C 530 23.58 -3.11 -15.66
CA ARG C 530 22.55 -2.95 -16.68
C ARG C 530 21.54 -1.95 -16.15
N ASN C 531 21.25 -0.91 -16.93
CA ASN C 531 20.27 0.10 -16.55
C ASN C 531 19.11 -0.05 -17.52
N VAL C 532 18.13 -0.86 -17.11
CA VAL C 532 16.99 -1.24 -17.94
C VAL C 532 15.81 -0.28 -17.92
N VAL C 533 15.37 0.08 -19.12
CA VAL C 533 14.25 1.00 -19.30
C VAL C 533 13.07 0.30 -19.99
N ARG C 534 11.95 0.21 -19.29
CA ARG C 534 10.72 -0.37 -19.83
C ARG C 534 9.68 0.76 -19.79
N GLY C 535 8.50 0.51 -20.35
CA GLY C 535 7.42 1.48 -20.31
C GLY C 535 7.32 2.41 -21.49
N GLN C 536 6.61 3.53 -21.29
CA GLN C 536 6.40 4.50 -22.35
C GLN C 536 7.19 5.79 -22.14
N MET C 537 7.87 6.23 -23.18
CA MET C 537 8.63 7.48 -23.15
C MET C 537 7.65 8.65 -23.11
N PRO C 538 8.11 9.85 -22.67
CA PRO C 538 7.20 11.00 -22.66
C PRO C 538 6.66 11.31 -24.06
N ILE C 539 5.55 12.04 -24.15
CA ILE C 539 4.99 12.37 -25.46
C ILE C 539 5.90 13.35 -26.20
N SER C 540 6.35 14.40 -25.52
CA SER C 540 7.23 15.37 -26.14
C SER C 540 8.65 14.84 -26.23
N GLY C 541 9.41 15.35 -27.19
CA GLY C 541 10.78 14.91 -27.38
C GLY C 541 11.68 15.22 -26.21
N VAL C 542 12.58 14.29 -25.90
CA VAL C 542 13.54 14.45 -24.81
C VAL C 542 14.88 13.90 -25.28
N LYS C 543 15.95 14.25 -24.57
CA LYS C 543 17.25 13.67 -24.88
C LYS C 543 17.33 12.53 -23.89
N LEU C 544 17.50 11.32 -24.39
CA LEU C 544 17.50 10.15 -23.52
C LEU C 544 18.69 9.94 -22.59
N VAL C 545 19.90 9.96 -23.11
CA VAL C 545 21.04 9.60 -22.27
C VAL C 545 22.40 10.24 -22.58
N ARG C 546 23.14 10.53 -21.52
CA ARG C 546 24.50 11.06 -21.56
C ARG C 546 25.24 10.28 -20.47
N GLY C 547 26.57 10.32 -20.48
CA GLY C 547 27.33 9.61 -19.46
C GLY C 547 28.84 9.77 -19.49
N THR C 548 29.52 9.15 -18.53
CA THR C 548 30.97 9.15 -18.43
C THR C 548 31.32 7.72 -18.12
N GLY C 549 32.51 7.28 -18.54
CA GLY C 549 32.92 5.91 -18.31
C GLY C 549 33.02 5.15 -19.62
N ASN C 550 33.67 4.00 -19.58
CA ASN C 550 33.93 3.20 -20.78
C ASN C 550 32.97 2.07 -21.14
N TYR C 551 31.92 1.85 -20.35
CA TYR C 551 31.00 0.76 -20.67
C TYR C 551 29.55 1.19 -20.83
N PRO C 552 28.93 0.75 -21.93
CA PRO C 552 27.51 1.01 -22.20
C PRO C 552 26.70 0.11 -21.28
N THR C 553 25.66 0.64 -20.65
CA THR C 553 24.86 -0.19 -19.76
C THR C 553 23.36 0.00 -19.92
N LEU C 554 22.94 0.94 -20.77
CA LEU C 554 21.52 1.20 -20.96
C LEU C 554 20.88 0.12 -21.83
N VAL C 555 19.68 -0.29 -21.44
CA VAL C 555 18.96 -1.32 -22.17
C VAL C 555 17.54 -0.88 -22.43
N LEU C 556 17.13 -0.89 -23.69
CA LEU C 556 15.74 -0.57 -23.99
C LEU C 556 15.01 -1.90 -24.07
N ASP C 557 14.22 -2.20 -23.05
CA ASP C 557 13.46 -3.46 -23.00
C ASP C 557 12.02 -3.24 -23.45
N CYS C 558 11.80 -3.39 -24.76
CA CYS C 558 10.48 -3.19 -25.37
C CYS C 558 9.92 -1.81 -25.09
N THR C 559 10.82 -0.86 -24.85
CA THR C 559 10.42 0.50 -24.55
C THR C 559 9.54 1.08 -25.65
N ASN C 560 8.41 1.66 -25.25
CA ASN C 560 7.48 2.31 -26.16
C ASN C 560 8.10 3.68 -26.42
N MET C 561 8.68 3.86 -27.60
CA MET C 561 9.39 5.09 -27.94
C MET C 561 8.52 6.23 -28.44
N GLY C 562 7.25 5.97 -28.68
CA GLY C 562 6.36 6.99 -29.19
C GLY C 562 6.93 7.62 -30.46
N SER C 563 7.00 8.95 -30.47
CA SER C 563 7.52 9.68 -31.61
C SER C 563 8.91 10.25 -31.31
N GLN C 564 9.61 9.64 -30.35
CA GLN C 564 10.93 10.11 -29.93
C GLN C 564 11.97 10.11 -31.07
N PHE C 565 11.86 9.16 -32.00
CA PHE C 565 12.82 9.12 -33.12
C PHE C 565 12.73 10.42 -33.94
N GLN C 566 11.50 10.90 -34.10
CA GLN C 566 11.23 12.11 -34.86
C GLN C 566 11.39 13.42 -34.09
N PHE C 567 11.00 13.46 -32.82
CA PHE C 567 11.08 14.71 -32.07
C PHE C 567 12.12 14.77 -30.94
N GLY C 568 12.62 13.62 -30.52
CA GLY C 568 13.60 13.59 -29.45
C GLY C 568 15.02 13.34 -29.92
N GLU C 569 15.87 12.93 -28.99
CA GLU C 569 17.29 12.65 -29.24
C GLU C 569 17.79 11.52 -28.37
N VAL C 570 18.74 10.71 -28.87
CA VAL C 570 19.28 9.67 -28.00
C VAL C 570 20.25 10.34 -27.04
N GLY C 571 20.95 11.36 -27.53
CA GLY C 571 21.98 12.02 -26.75
C GLY C 571 23.29 11.34 -27.16
N ASP C 572 23.79 10.46 -26.28
CA ASP C 572 25.04 9.76 -26.53
C ASP C 572 24.82 8.25 -26.73
N ILE C 573 24.73 7.84 -28.00
CA ILE C 573 24.49 6.45 -28.39
C ILE C 573 25.47 5.46 -27.78
N PHE C 574 26.66 5.92 -27.44
CA PHE C 574 27.67 5.05 -26.85
C PHE C 574 27.19 4.28 -25.63
N TYR C 575 26.38 4.93 -24.80
CA TYR C 575 25.89 4.34 -23.55
C TYR C 575 24.79 3.27 -23.61
N ILE C 576 24.22 3.06 -24.79
CA ILE C 576 23.20 2.03 -24.95
C ILE C 576 23.90 0.68 -25.15
N LYS C 577 23.61 -0.27 -24.27
CA LYS C 577 24.20 -1.60 -24.34
C LYS C 577 23.46 -2.51 -25.31
N ASP C 578 22.15 -2.56 -25.18
CA ASP C 578 21.38 -3.40 -26.09
C ASP C 578 19.93 -2.95 -26.18
N VAL C 579 19.24 -3.43 -27.20
CA VAL C 579 17.86 -3.06 -27.44
C VAL C 579 17.05 -4.31 -27.74
N VAL C 580 15.87 -4.39 -27.15
CA VAL C 580 14.95 -5.49 -27.34
C VAL C 580 13.56 -4.94 -27.72
N GLY C 581 12.95 -5.51 -28.75
CA GLY C 581 11.62 -5.08 -29.15
C GLY C 581 11.44 -3.66 -29.64
N VAL C 582 12.50 -3.06 -30.19
CA VAL C 582 12.41 -1.70 -30.74
C VAL C 582 13.16 -1.76 -32.05
N LYS C 583 12.47 -1.46 -33.15
CA LYS C 583 13.07 -1.53 -34.48
C LYS C 583 12.81 -0.29 -35.33
N ALA C 584 13.58 -0.16 -36.40
CA ALA C 584 13.46 0.93 -37.36
C ALA C 584 14.04 0.42 -38.67
N ASP C 585 13.42 0.78 -39.78
CA ASP C 585 13.89 0.31 -41.08
C ASP C 585 15.13 1.02 -41.64
N THR C 586 15.25 2.32 -41.40
CA THR C 586 16.32 3.08 -41.99
C THR C 586 17.03 4.05 -41.07
N LEU C 587 18.34 4.14 -41.24
CA LEU C 587 19.18 5.05 -40.51
C LEU C 587 19.54 6.16 -41.49
N TYR C 588 19.28 7.42 -41.10
CA TYR C 588 19.56 8.57 -41.97
C TYR C 588 20.84 9.35 -41.58
N ILE C 589 21.69 9.60 -42.57
CA ILE C 589 22.94 10.31 -42.36
C ILE C 589 22.99 11.63 -43.15
N ASP C 590 23.52 12.67 -42.54
CA ASP C 590 23.65 13.97 -43.20
C ASP C 590 24.89 14.65 -42.63
N PRO C 591 25.99 14.60 -43.38
CA PRO C 591 27.27 15.15 -42.96
C PRO C 591 27.25 16.67 -42.90
N VAL C 592 26.25 17.31 -43.50
CA VAL C 592 26.17 18.77 -43.48
C VAL C 592 25.22 19.29 -42.39
N ASN C 593 23.96 18.85 -42.40
CA ASN C 593 22.96 19.32 -41.43
C ASN C 593 22.61 18.35 -40.30
N GLY C 594 23.13 17.12 -40.35
CA GLY C 594 22.84 16.14 -39.32
C GLY C 594 23.33 16.53 -37.94
N ASN C 595 22.77 15.88 -36.92
CA ASN C 595 23.12 16.13 -35.54
C ASN C 595 23.29 14.79 -34.86
N ASN C 596 24.48 14.57 -34.30
CA ASN C 596 24.77 13.30 -33.63
C ASN C 596 23.94 13.03 -32.38
N TYR C 597 23.23 14.02 -31.86
CA TYR C 597 22.38 13.80 -30.69
C TYR C 597 21.13 13.03 -31.12
N ASN C 598 20.82 13.09 -32.41
CA ASN C 598 19.62 12.43 -32.95
C ASN C 598 19.69 10.90 -32.94
N TRP C 599 18.53 10.25 -32.99
CA TRP C 599 18.48 8.80 -33.07
C TRP C 599 19.00 8.41 -34.46
N GLY C 600 18.59 9.17 -35.47
CA GLY C 600 18.98 8.94 -36.85
C GLY C 600 17.97 8.07 -37.60
N THR C 601 17.06 7.44 -36.87
CA THR C 601 16.09 6.55 -37.48
C THR C 601 14.85 7.21 -38.10
N ASN C 602 14.79 8.54 -38.05
CA ASN C 602 13.69 9.26 -38.68
C ASN C 602 14.32 10.27 -39.63
N GLY C 603 13.85 10.32 -40.86
CA GLY C 603 14.39 11.19 -41.89
C GLY C 603 14.54 12.67 -41.58
N THR C 604 13.66 13.21 -40.73
CA THR C 604 13.72 14.62 -40.38
C THR C 604 14.79 14.89 -39.35
N LYS C 605 15.30 13.83 -38.73
CA LYS C 605 16.34 14.00 -37.73
C LYS C 605 17.50 13.03 -37.94
N PRO C 606 18.27 13.26 -39.01
CA PRO C 606 19.40 12.37 -39.29
C PRO C 606 20.58 12.69 -38.39
N ILE C 607 21.49 11.73 -38.25
CA ILE C 607 22.70 11.95 -37.48
C ILE C 607 23.76 12.48 -38.45
N ARG C 608 24.95 12.76 -37.95
CA ARG C 608 25.97 13.39 -38.78
C ARG C 608 27.20 12.56 -39.18
N GLU C 609 27.75 11.79 -38.24
CA GLU C 609 28.95 10.99 -38.48
C GLU C 609 28.69 9.51 -38.78
N LEU C 610 29.72 8.82 -39.27
CA LEU C 610 29.59 7.38 -39.59
C LEU C 610 30.08 6.49 -38.46
N THR C 611 30.72 7.09 -37.47
CA THR C 611 31.28 6.39 -36.33
C THR C 611 30.47 5.20 -35.77
N ASN C 612 29.20 5.44 -35.47
CA ASN C 612 28.35 4.42 -34.86
C ASN C 612 27.25 3.85 -35.72
N ILE C 613 27.37 3.96 -37.04
CA ILE C 613 26.28 3.45 -37.85
C ILE C 613 26.07 1.94 -37.80
N ALA C 614 27.15 1.19 -37.61
CA ALA C 614 27.00 -0.26 -37.52
C ALA C 614 26.26 -0.59 -36.23
N LYS C 615 26.72 -0.02 -35.13
CA LYS C 615 26.07 -0.25 -33.83
C LYS C 615 24.58 0.13 -33.86
N ILE C 616 24.24 1.27 -34.46
CA ILE C 616 22.84 1.70 -34.54
C ILE C 616 21.97 0.74 -35.35
N CYS C 617 22.49 0.27 -36.49
CA CYS C 617 21.74 -0.68 -37.32
C CYS C 617 21.59 -2.04 -36.60
N GLN C 618 22.59 -2.44 -35.83
CA GLN C 618 22.53 -3.70 -35.09
C GLN C 618 21.46 -3.58 -34.02
N LEU C 619 21.49 -2.46 -33.30
CA LEU C 619 20.51 -2.22 -32.25
C LEU C 619 19.07 -2.21 -32.73
N PHE C 620 18.80 -1.47 -33.80
CA PHE C 620 17.42 -1.31 -34.28
C PHE C 620 17.01 -2.14 -35.51
N ARG C 621 17.90 -3.02 -35.95
CA ARG C 621 17.66 -3.91 -37.08
C ARG C 621 17.33 -3.17 -38.39
N CYS C 622 18.02 -2.06 -38.63
CA CYS C 622 17.79 -1.27 -39.84
C CYS C 622 18.19 -2.10 -41.08
N LYS C 623 17.40 -1.96 -42.15
CA LYS C 623 17.65 -2.67 -43.41
C LYS C 623 18.43 -1.81 -44.41
N SER C 624 18.45 -0.49 -44.18
CA SER C 624 19.17 0.40 -45.08
C SER C 624 19.71 1.66 -44.41
N VAL C 625 20.64 2.30 -45.11
CA VAL C 625 21.23 3.53 -44.64
C VAL C 625 21.07 4.53 -45.77
N TYR C 626 20.53 5.71 -45.46
CA TYR C 626 20.32 6.75 -46.44
C TYR C 626 21.33 7.87 -46.27
N LEU C 627 22.12 8.10 -47.32
CA LEU C 627 23.12 9.15 -47.23
C LEU C 627 22.65 10.41 -47.92
N ASN C 628 22.36 11.44 -47.13
CA ASN C 628 21.97 12.71 -47.72
C ASN C 628 23.19 13.28 -48.45
N ALA C 629 22.95 14.28 -49.29
CA ALA C 629 23.99 14.90 -50.10
C ALA C 629 25.22 15.30 -49.28
N GLY C 630 26.39 15.19 -49.91
CA GLY C 630 27.62 15.54 -49.24
C GLY C 630 28.50 14.33 -49.03
N GLU C 631 29.72 14.58 -48.60
CA GLU C 631 30.67 13.49 -48.39
C GLU C 631 30.68 12.98 -46.94
N SER C 632 30.28 11.73 -46.76
CA SER C 632 30.34 11.12 -45.44
C SER C 632 31.74 10.50 -45.34
N VAL C 633 32.54 10.98 -44.41
CA VAL C 633 33.91 10.49 -44.30
C VAL C 633 34.34 9.90 -42.96
N ILE C 634 35.33 9.01 -43.02
CA ILE C 634 35.94 8.43 -41.83
C ILE C 634 37.45 8.73 -41.91
N THR C 635 38.09 8.82 -40.75
CA THR C 635 39.54 9.05 -40.68
C THR C 635 40.21 7.95 -39.86
N SER C 636 39.41 6.97 -39.44
CA SER C 636 39.88 5.85 -38.65
C SER C 636 39.09 4.67 -39.15
N ASN C 637 39.65 3.45 -39.08
CA ASN C 637 38.91 2.29 -39.56
C ASN C 637 37.55 2.21 -38.90
N THR C 638 36.50 2.12 -39.72
CA THR C 638 35.13 2.13 -39.23
C THR C 638 34.29 1.02 -39.86
N GLU C 639 33.55 0.29 -39.03
CA GLU C 639 32.69 -0.78 -39.54
C GLU C 639 31.45 -0.26 -40.25
N LEU C 640 31.08 -0.94 -41.32
CA LEU C 640 29.87 -0.64 -42.06
C LEU C 640 28.94 -1.83 -41.87
N PRO C 641 27.66 -1.56 -41.54
CA PRO C 641 26.65 -2.62 -41.39
C PRO C 641 26.36 -3.27 -42.75
N MET C 642 26.00 -4.54 -42.75
CA MET C 642 25.71 -5.21 -44.01
C MET C 642 24.28 -4.90 -44.44
N VAL C 643 24.09 -3.71 -44.99
CA VAL C 643 22.77 -3.28 -45.42
C VAL C 643 22.83 -2.56 -46.77
N VAL C 644 21.68 -2.07 -47.24
CA VAL C 644 21.64 -1.34 -48.48
C VAL C 644 21.89 0.14 -48.22
N PHE C 645 22.91 0.72 -48.85
CA PHE C 645 23.18 2.15 -48.71
C PHE C 645 22.60 2.81 -49.96
N GLU C 646 21.81 3.87 -49.75
CA GLU C 646 21.18 4.62 -50.84
C GLU C 646 21.25 6.12 -50.58
N GLY C 647 20.92 6.91 -51.60
CA GLY C 647 20.96 8.35 -51.48
C GLY C 647 22.06 9.03 -52.30
N PRO C 648 22.01 10.36 -52.40
CA PRO C 648 22.99 11.12 -53.18
C PRO C 648 24.35 11.32 -52.50
N GLY C 649 24.50 10.97 -51.24
CA GLY C 649 25.77 11.15 -50.58
C GLY C 649 26.87 10.24 -51.11
N SER C 650 28.11 10.52 -50.72
CA SER C 650 29.25 9.69 -51.13
C SER C 650 29.97 9.24 -49.87
N LEU C 651 30.76 8.16 -49.98
CA LEU C 651 31.52 7.65 -48.86
C LEU C 651 33.01 7.82 -49.11
N LYS C 652 33.73 8.30 -48.10
CA LYS C 652 35.16 8.49 -48.27
C LYS C 652 36.00 8.07 -47.06
N ALA C 653 37.04 7.27 -47.30
CA ALA C 653 37.97 6.87 -46.25
C ALA C 653 39.24 7.71 -46.39
N ASN C 654 39.52 8.53 -45.39
CA ASN C 654 40.70 9.40 -45.39
C ASN C 654 41.75 8.93 -44.37
N SER C 655 42.91 9.58 -44.37
CA SER C 655 44.01 9.25 -43.45
C SER C 655 44.53 7.82 -43.55
N GLY C 656 44.36 7.22 -44.72
CA GLY C 656 44.81 5.85 -44.92
C GLY C 656 43.90 4.81 -44.29
N SER C 657 42.72 5.23 -43.85
CA SER C 657 41.77 4.30 -43.20
C SER C 657 41.00 3.41 -44.17
N SER C 658 40.33 2.39 -43.60
CA SER C 658 39.53 1.45 -44.38
C SER C 658 38.14 1.26 -43.76
N PHE C 659 37.16 0.90 -44.58
CA PHE C 659 35.83 0.57 -44.07
C PHE C 659 35.95 -0.88 -43.63
N LEU C 660 35.37 -1.24 -42.49
CA LEU C 660 35.47 -2.62 -41.99
C LEU C 660 34.20 -3.45 -42.19
N ILE C 661 34.39 -4.72 -42.52
CA ILE C 661 33.29 -5.64 -42.69
C ILE C 661 33.54 -6.75 -41.67
N LYS C 662 32.66 -6.84 -40.68
CA LYS C 662 32.85 -7.77 -39.59
C LYS C 662 31.72 -8.76 -39.45
N ALA C 663 30.79 -8.75 -40.39
CA ALA C 663 29.65 -9.63 -40.31
C ALA C 663 29.25 -10.13 -41.68
N GLY C 664 28.68 -11.33 -41.72
CA GLY C 664 28.23 -11.90 -42.97
C GLY C 664 27.00 -11.18 -43.48
N GLY C 665 26.65 -11.43 -44.74
CA GLY C 665 25.50 -10.78 -45.32
C GLY C 665 25.86 -10.08 -46.61
N THR C 666 25.06 -9.07 -46.98
CA THR C 666 25.30 -8.34 -48.20
C THR C 666 25.41 -6.85 -47.96
N LEU C 667 26.55 -6.28 -48.35
CA LEU C 667 26.75 -4.84 -48.27
C LEU C 667 26.44 -4.32 -49.67
N SER C 668 25.46 -3.42 -49.80
CA SER C 668 25.12 -2.86 -51.09
C SER C 668 25.21 -1.34 -51.14
N LEU C 669 25.98 -0.82 -52.10
CA LEU C 669 26.06 0.62 -52.31
C LEU C 669 25.28 0.88 -53.60
N ILE C 670 24.09 1.46 -53.48
CA ILE C 670 23.24 1.66 -54.64
C ILE C 670 22.90 3.11 -55.00
N GLY C 671 23.42 3.57 -56.14
CA GLY C 671 23.16 4.90 -56.62
C GLY C 671 23.82 6.04 -55.87
N LEU C 672 24.78 5.73 -55.01
CA LEU C 672 25.51 6.76 -54.29
C LEU C 672 26.35 7.56 -55.27
N SER C 673 26.85 8.72 -54.82
CA SER C 673 27.71 9.54 -55.66
C SER C 673 29.11 8.96 -55.69
N GLY C 674 29.30 7.82 -55.04
CA GLY C 674 30.58 7.16 -55.06
C GLY C 674 31.24 6.84 -53.74
N ILE C 675 32.19 5.92 -53.80
CA ILE C 675 32.96 5.53 -52.64
C ILE C 675 34.41 5.50 -53.07
N SER C 676 35.29 6.05 -52.24
CA SER C 676 36.71 6.06 -52.55
C SER C 676 37.54 6.16 -51.29
N THR C 677 38.83 5.91 -51.41
CA THR C 677 39.73 6.04 -50.27
C THR C 677 40.92 6.88 -50.70
N ASP C 678 41.64 7.44 -49.74
CA ASP C 678 42.83 8.23 -50.08
C ASP C 678 44.07 7.37 -49.91
N GLY C 679 43.93 6.05 -50.01
CA GLY C 679 45.08 5.18 -49.90
C GLY C 679 44.95 3.84 -49.21
N GLY C 680 43.99 3.67 -48.32
CA GLY C 680 43.86 2.38 -47.64
C GLY C 680 43.00 1.47 -48.50
N HIS C 681 43.08 0.15 -48.27
CA HIS C 681 42.21 -0.77 -49.00
C HIS C 681 40.78 -0.35 -48.64
N MET C 682 39.85 -0.47 -49.58
CA MET C 682 38.49 0.00 -49.32
C MET C 682 37.72 -0.74 -48.23
N PHE C 683 37.60 -2.06 -48.37
CA PHE C 683 36.90 -2.87 -47.39
C PHE C 683 37.82 -3.92 -46.76
N ARG C 684 37.98 -3.89 -45.44
CA ARG C 684 38.77 -4.92 -44.76
C ARG C 684 37.81 -5.92 -44.13
N VAL C 685 37.84 -7.15 -44.64
CA VAL C 685 36.96 -8.20 -44.15
C VAL C 685 37.60 -9.02 -43.04
N SER C 686 36.99 -9.01 -41.85
CA SER C 686 37.51 -9.76 -40.71
C SER C 686 36.60 -10.92 -40.27
N THR C 687 35.58 -11.24 -41.06
CA THR C 687 34.69 -12.35 -40.75
C THR C 687 34.90 -13.49 -41.75
N VAL C 688 34.80 -14.73 -41.28
CA VAL C 688 34.97 -15.89 -42.14
C VAL C 688 33.64 -16.31 -42.76
N GLU C 689 32.58 -15.58 -42.41
CA GLU C 689 31.26 -15.87 -42.94
C GLU C 689 31.15 -15.37 -44.35
N LYS C 690 30.19 -15.88 -45.10
CA LYS C 690 29.96 -15.44 -46.46
C LYS C 690 29.66 -13.95 -46.49
N VAL C 691 30.42 -13.22 -47.29
CA VAL C 691 30.27 -11.79 -47.45
C VAL C 691 30.05 -11.45 -48.92
N ASN C 692 28.98 -10.74 -49.21
CA ASN C 692 28.65 -10.29 -50.56
C ASN C 692 28.78 -8.77 -50.58
N ILE C 693 29.56 -8.25 -51.52
CA ILE C 693 29.75 -6.81 -51.66
C ILE C 693 29.20 -6.42 -53.02
N HIS C 694 28.14 -5.62 -52.99
CA HIS C 694 27.40 -5.22 -54.17
C HIS C 694 27.52 -3.73 -54.39
N THR C 695 28.41 -3.32 -55.30
CA THR C 695 28.61 -1.90 -55.59
C THR C 695 28.05 -1.48 -56.95
N ASN C 696 27.02 -0.64 -56.88
CA ASN C 696 26.32 -0.08 -58.02
C ASN C 696 26.47 1.44 -57.96
N CYS C 697 27.72 1.88 -57.95
CA CYS C 697 28.10 3.27 -57.90
C CYS C 697 29.57 3.34 -58.28
N SER C 698 30.10 4.55 -58.36
CA SER C 698 31.51 4.72 -58.69
C SER C 698 32.36 4.21 -57.53
N VAL C 699 33.40 3.43 -57.85
CA VAL C 699 34.29 2.87 -56.84
C VAL C 699 35.74 3.18 -57.19
N ASN C 700 36.47 3.78 -56.27
CA ASN C 700 37.88 4.10 -56.51
C ASN C 700 38.80 3.84 -55.32
N ALA C 701 39.55 2.74 -55.36
CA ALA C 701 40.49 2.40 -54.31
C ALA C 701 41.91 2.78 -54.73
N GLY C 702 42.05 3.49 -55.84
CA GLY C 702 43.37 3.90 -56.31
C GLY C 702 44.34 2.73 -56.47
N ALA C 703 45.50 2.83 -55.82
CA ALA C 703 46.52 1.79 -55.91
C ALA C 703 46.25 0.61 -54.98
N ALA C 704 45.22 0.73 -54.15
CA ALA C 704 44.87 -0.31 -53.20
C ALA C 704 43.78 -1.25 -53.74
N TYR C 705 43.30 -2.16 -52.90
CA TYR C 705 42.27 -3.12 -53.33
C TYR C 705 40.90 -2.67 -52.92
N VAL C 706 39.87 -3.20 -53.58
CA VAL C 706 38.51 -2.88 -53.19
C VAL C 706 38.25 -3.67 -51.92
N VAL C 707 38.71 -4.92 -51.92
CA VAL C 707 38.51 -5.81 -50.78
C VAL C 707 39.78 -6.51 -50.35
N LEU C 708 40.05 -6.47 -49.04
CA LEU C 708 41.20 -7.15 -48.47
C LEU C 708 40.68 -8.02 -47.34
N SER C 709 40.90 -9.33 -47.45
CA SER C 709 40.43 -10.25 -46.43
C SER C 709 41.53 -10.50 -45.41
N GLU C 710 41.24 -10.20 -44.15
CA GLU C 710 42.20 -10.38 -43.06
C GLU C 710 42.13 -11.77 -42.46
N VAL C 711 41.20 -12.57 -42.95
CA VAL C 711 41.02 -13.94 -42.47
C VAL C 711 40.90 -14.84 -43.70
N GLN C 712 40.66 -16.13 -43.47
CA GLN C 712 40.45 -17.08 -44.57
C GLN C 712 38.99 -16.89 -44.91
N GLY C 713 38.72 -15.95 -45.81
CA GLY C 713 37.37 -15.58 -46.18
C GLY C 713 36.63 -16.31 -47.27
N ASN C 714 35.40 -15.88 -47.48
CA ASN C 714 34.48 -16.43 -48.45
C ASN C 714 33.71 -15.22 -48.95
N ILE C 715 34.15 -14.68 -50.08
CA ILE C 715 33.60 -13.42 -50.58
C ILE C 715 33.06 -13.42 -52.01
N GLU C 716 31.92 -12.76 -52.23
CA GLU C 716 31.37 -12.59 -53.58
C GLU C 716 31.26 -11.10 -53.86
N TYR C 717 32.04 -10.63 -54.83
CA TYR C 717 32.03 -9.21 -55.17
C TYR C 717 31.40 -8.95 -56.53
N ARG C 718 30.48 -8.01 -56.58
CA ARG C 718 29.86 -7.66 -57.85
C ARG C 718 29.78 -6.14 -58.09
N GLN C 719 30.48 -5.69 -59.13
CA GLN C 719 30.46 -4.28 -59.51
C GLN C 719 29.47 -4.12 -60.66
N LEU C 720 28.49 -3.25 -60.48
CA LEU C 720 27.50 -3.03 -61.52
C LEU C 720 27.48 -1.65 -62.13
N PHE C 721 27.90 -1.60 -63.40
CA PHE C 721 27.95 -0.37 -64.17
C PHE C 721 28.83 0.67 -63.49
N TYR C 722 28.56 1.95 -63.77
CA TYR C 722 29.37 3.01 -63.22
C TYR C 722 30.84 2.76 -63.56
N SER C 723 31.71 2.87 -62.57
CA SER C 723 33.13 2.64 -62.81
C SER C 723 33.80 2.07 -61.56
N VAL C 724 34.92 1.40 -61.77
CA VAL C 724 35.70 0.84 -60.68
C VAL C 724 37.18 0.98 -60.99
N ASN C 725 37.95 1.37 -59.98
CA ASN C 725 39.39 1.51 -60.11
C ASN C 725 40.10 0.94 -58.88
N CYS C 726 41.17 0.19 -59.11
CA CYS C 726 41.94 -0.47 -58.06
C CYS C 726 43.09 -1.23 -58.68
N SER C 727 44.02 -1.70 -57.87
CA SER C 727 45.15 -2.51 -58.37
C SER C 727 44.77 -3.99 -58.50
N LYS C 728 43.90 -4.46 -57.60
CA LYS C 728 43.36 -5.82 -57.59
C LYS C 728 41.98 -5.63 -56.98
N TYR C 729 41.00 -6.42 -57.41
CA TYR C 729 39.66 -6.29 -56.83
C TYR C 729 39.65 -6.85 -55.41
N ILE C 730 40.32 -8.00 -55.25
CA ILE C 730 40.36 -8.66 -53.95
C ILE C 730 41.73 -9.20 -53.61
N GLY C 731 42.11 -9.04 -52.35
CA GLY C 731 43.37 -9.57 -51.87
C GLY C 731 43.16 -10.15 -50.47
N ALA C 732 44.19 -10.82 -49.96
CA ALA C 732 44.14 -11.45 -48.63
C ALA C 732 45.50 -11.36 -47.95
N THR C 733 45.48 -11.23 -46.63
CA THR C 733 46.71 -11.11 -45.86
C THR C 733 47.50 -12.42 -45.77
N ALA C 734 46.82 -13.55 -45.88
CA ALA C 734 47.50 -14.83 -45.79
C ALA C 734 46.81 -16.01 -46.47
N GLY C 735 47.00 -17.19 -45.89
CA GLY C 735 46.48 -18.45 -46.35
C GLY C 735 45.12 -18.53 -47.00
N GLN C 736 45.10 -18.41 -48.32
CA GLN C 736 43.91 -18.49 -49.19
C GLN C 736 42.50 -18.09 -48.73
N THR C 737 41.87 -17.26 -49.56
CA THR C 737 40.51 -16.78 -49.34
C THR C 737 39.74 -17.06 -50.63
N ILE C 738 38.63 -17.78 -50.54
CA ILE C 738 37.83 -18.07 -51.73
C ILE C 738 36.98 -16.86 -52.12
N ALA C 739 36.86 -16.62 -53.42
CA ALA C 739 36.09 -15.47 -53.88
C ALA C 739 35.45 -15.61 -55.26
N GLY C 740 34.29 -14.98 -55.44
CA GLY C 740 33.58 -14.97 -56.70
C GLY C 740 33.52 -13.52 -57.14
N ILE C 741 33.80 -13.24 -58.41
CA ILE C 741 33.81 -11.85 -58.85
C ILE C 741 33.01 -11.60 -60.13
N MET C 742 32.27 -10.50 -60.14
CA MET C 742 31.57 -10.07 -61.34
C MET C 742 31.75 -8.57 -61.51
N VAL C 743 32.28 -8.18 -62.66
CA VAL C 743 32.50 -6.77 -62.95
C VAL C 743 31.82 -6.44 -64.25
N LYS C 744 30.72 -5.70 -64.19
CA LYS C 744 30.00 -5.35 -65.41
C LYS C 744 30.05 -3.86 -65.64
N THR C 745 31.12 -3.43 -66.29
CA THR C 745 31.32 -2.03 -66.65
C THR C 745 32.55 -1.99 -67.53
N ALA C 746 32.51 -1.10 -68.53
CA ALA C 746 33.65 -0.95 -69.42
C ALA C 746 34.71 -0.10 -68.71
N THR C 747 34.28 0.73 -67.77
CA THR C 747 35.23 1.58 -67.05
C THR C 747 35.81 0.83 -65.85
N ARG C 748 36.88 0.07 -66.11
CA ARG C 748 37.54 -0.76 -65.12
C ARG C 748 38.99 -0.94 -65.53
N PRO C 749 39.84 -1.45 -64.62
CA PRO C 749 41.24 -1.65 -65.04
C PRO C 749 41.40 -2.93 -65.85
N THR C 750 41.13 -2.81 -67.15
CA THR C 750 41.25 -3.90 -68.13
C THR C 750 42.50 -4.75 -67.96
N GLY C 751 43.58 -4.11 -67.56
CA GLY C 751 44.86 -4.77 -67.36
C GLY C 751 44.84 -5.90 -66.36
N ILE C 752 43.83 -5.94 -65.48
CA ILE C 752 43.80 -7.02 -64.50
C ILE C 752 42.70 -8.02 -64.76
N ASP C 753 42.03 -7.91 -65.92
CA ASP C 753 40.98 -8.85 -66.29
C ASP C 753 41.50 -10.28 -66.13
N ALA C 754 42.77 -10.50 -66.51
CA ALA C 754 43.39 -11.82 -66.45
C ALA C 754 43.98 -12.22 -65.10
N ALA C 755 44.16 -11.25 -64.22
CA ALA C 755 44.68 -11.51 -62.89
C ALA C 755 44.01 -10.50 -61.96
N PRO C 756 42.72 -10.70 -61.68
CA PRO C 756 41.97 -9.75 -60.86
C PRO C 756 42.21 -9.77 -59.35
N VAL C 757 42.87 -10.80 -58.85
CA VAL C 757 43.10 -10.89 -57.40
C VAL C 757 44.56 -11.17 -57.09
N ASP C 758 44.97 -10.95 -55.84
CA ASP C 758 46.36 -11.24 -55.46
C ASP C 758 46.52 -12.75 -55.34
N GLY C 759 47.73 -13.19 -55.01
CA GLY C 759 48.00 -14.61 -54.91
C GLY C 759 47.28 -15.38 -53.83
N ASN C 760 46.79 -14.69 -52.80
CA ASN C 760 46.11 -15.36 -51.69
C ASN C 760 44.61 -15.60 -51.86
N VAL C 761 44.10 -15.31 -53.06
CA VAL C 761 42.68 -15.50 -53.34
C VAL C 761 42.52 -16.49 -54.50
N SER C 762 41.61 -17.44 -54.33
CA SER C 762 41.29 -18.44 -55.34
C SER C 762 39.85 -18.15 -55.78
N LEU C 763 39.63 -18.06 -57.09
CA LEU C 763 38.33 -17.72 -57.64
C LEU C 763 37.38 -18.89 -57.82
N THR C 764 36.12 -18.68 -57.45
CA THR C 764 35.07 -19.68 -57.61
C THR C 764 34.41 -19.42 -58.96
N TYR C 765 34.33 -18.16 -59.35
CA TYR C 765 33.79 -17.77 -60.66
C TYR C 765 34.32 -16.38 -61.01
N LYS C 766 34.35 -16.06 -62.30
CA LYS C 766 34.83 -14.77 -62.73
C LYS C 766 34.05 -14.31 -63.93
N ILE C 767 33.18 -13.33 -63.73
CA ILE C 767 32.36 -12.81 -64.81
C ILE C 767 32.74 -11.36 -65.07
N ILE C 768 33.46 -11.11 -66.15
CA ILE C 768 33.89 -9.75 -66.48
C ILE C 768 33.50 -9.29 -67.89
C1 GLC D . 9.42 -9.30 -36.75
C2 GLC D . 10.27 -8.12 -37.22
C3 GLC D . 9.47 -6.82 -37.15
C4 GLC D . 8.16 -6.98 -37.89
C5 GLC D . 7.41 -8.22 -37.41
C6 GLC D . 6.14 -8.48 -38.21
O1 GLC D . 9.08 -9.13 -35.38
O2 GLC D . 11.44 -8.03 -36.43
O3 GLC D . 10.22 -5.78 -37.72
O4 GLC D . 7.36 -5.83 -37.65
O5 GLC D . 8.25 -9.36 -37.53
O6 GLC D . 6.24 -9.70 -38.90
C1 GAL D . 6.89 -5.07 -38.75
C2 GAL D . 5.70 -4.23 -38.28
C3 GAL D . 5.23 -3.28 -39.38
C4 GAL D . 6.38 -2.54 -40.03
C5 GAL D . 7.49 -3.52 -40.41
C6 GAL D . 8.68 -2.77 -41.00
O2 GAL D . 4.65 -5.07 -37.90
O3 GAL D . 4.33 -2.35 -38.83
O4 GAL D . 6.89 -1.57 -39.15
O5 GAL D . 7.90 -4.24 -39.26
O6 GAL D . 9.59 -3.68 -41.58
C1 GLC E . 17.08 -19.68 -29.15
C2 GLC E . 15.86 -19.91 -30.03
C3 GLC E . 14.81 -20.72 -29.29
C4 GLC E . 15.42 -22.01 -28.76
C5 GLC E . 16.74 -21.76 -28.03
C6 GLC E . 17.46 -23.08 -27.77
O1 GLC E . 16.71 -18.95 -28.01
O2 GLC E . 15.31 -18.66 -30.40
O3 GLC E . 13.75 -21.02 -30.16
O4 GLC E . 14.49 -22.62 -27.87
O5 GLC E . 17.62 -20.94 -28.77
O6 GLC E . 18.49 -22.90 -26.82
C1 GAL E . 14.12 -23.97 -28.09
C2 GAL E . 13.50 -24.51 -26.79
C3 GAL E . 13.00 -25.94 -26.99
C4 GAL E . 12.12 -26.02 -28.23
C5 GAL E . 12.85 -25.43 -29.43
C6 GAL E . 11.98 -25.50 -30.67
O2 GAL E . 14.46 -24.48 -25.76
O3 GAL E . 12.25 -26.33 -25.85
O4 GAL E . 10.91 -25.33 -28.03
O5 GAL E . 13.20 -24.09 -29.14
O6 GAL E . 12.79 -25.53 -31.83
C1 GLC F . 22.72 -6.12 -30.98
C2 GLC F . 23.57 -7.34 -30.60
C3 GLC F . 24.45 -7.01 -29.40
C4 GLC F . 25.23 -5.70 -29.62
C5 GLC F . 24.36 -4.60 -30.24
C6 GLC F . 25.20 -3.43 -30.73
O1 GLC F . 21.91 -5.75 -29.89
O2 GLC F . 22.72 -8.43 -30.29
O3 GLC F . 25.35 -8.07 -29.20
O4 GLC F . 25.72 -5.28 -28.37
O5 GLC F . 23.59 -5.08 -31.34
O6 GLC F . 25.64 -2.65 -29.64
C1 GAL F . 27.11 -5.12 -28.19
C2 GAL F . 27.37 -4.34 -26.92
C3 GAL F . 28.85 -4.23 -26.62
C4 GAL F . 29.50 -5.59 -26.67
C5 GAL F . 29.16 -6.29 -27.97
C6 GAL F . 29.78 -7.68 -28.01
O2 GAL F . 26.80 -3.05 -27.03
O3 GAL F . 29.04 -3.65 -25.34
O4 GAL F . 29.07 -6.38 -25.58
O5 GAL F . 27.75 -6.39 -28.09
O6 GAL F . 29.70 -8.21 -29.33
ZN ZN G . -30.65 22.71 61.80
#